data_8Y9E
#
_entry.id   8Y9E
#
_cell.length_a   1.00
_cell.length_b   1.00
_cell.length_c   1.00
_cell.angle_alpha   90.00
_cell.angle_beta   90.00
_cell.angle_gamma   90.00
#
_symmetry.space_group_name_H-M   'P 1'
#
_entity_poly.entity_id   1
_entity_poly.type   'polypeptide(L)'
_entity_poly.pdbx_seq_one_letter_code
;MTVEHAQLTSNDLLVKSISSSPSPSPWDFLGRVLQFQHGDHKRWWDVLAPVFGISMASIGYKLDVQYRHLLVLYDAVIPN
MGPFPNSNASNITWTSPFPPGPLEASVNYQAGESSMFRFTIEPVGPHAGTPADPVNELAAKQLMQRLGQLQPGGVDSTMF
DHFYPLLCVDGPEARRQWDSIAHIYHKCHTVTALDMQRSAACTLKTYFPPLLRSTIMNTSMVDIMFDAVESFRKQSGLYF
DYTKIKEFMSEEKTHETMMVDRSYLSFDCLDPAKSRIKIYTEAKVKTLEEAYSFWSLGGRLSGPEIDYGFKIVSQMWDAI
YSKELPGGKQRENNHIQINWEMSAKDSSVAPKLYLTVIEDYDAYVSSAIVDLFTGLGWAAHVQTHKKIEKEAYPMCDANP
QSTHAYVWISLAYKKTGPYITVYTNPGASILEKA
;
_entity_poly.pdbx_strand_id   A,B,C,D
#
# COMPACT_ATOMS: atom_id res chain seq x y z
N SER A 23 27.22 4.54 7.20
CA SER A 23 25.97 5.17 7.69
C SER A 23 25.11 5.70 6.56
N PRO A 24 23.94 5.10 6.33
CA PRO A 24 22.93 5.77 5.52
C PRO A 24 22.27 6.87 6.32
N SER A 25 21.94 7.92 5.64
CA SER A 25 21.26 9.01 6.32
C SER A 25 19.75 8.79 6.26
N PRO A 26 19.02 9.33 7.22
CA PRO A 26 17.62 8.92 7.38
C PRO A 26 16.79 8.96 6.12
N TRP A 27 17.01 9.93 5.24
CA TRP A 27 16.18 10.03 4.04
C TRP A 27 16.44 8.87 3.10
N ASP A 28 17.70 8.49 2.91
CA ASP A 28 18.02 7.35 2.05
C ASP A 28 17.41 6.07 2.61
N PHE A 29 17.72 5.76 3.87
CA PHE A 29 17.23 4.54 4.49
C PHE A 29 15.71 4.48 4.48
N LEU A 30 15.05 5.62 4.72
CA LEU A 30 13.60 5.64 4.76
C LEU A 30 13.01 5.46 3.38
N GLY A 31 13.61 6.07 2.36
CA GLY A 31 13.16 5.82 1.01
C GLY A 31 13.37 4.39 0.58
N ARG A 32 14.31 3.71 1.22
CA ARG A 32 14.55 2.31 0.91
C ARG A 32 13.52 1.41 1.56
N VAL A 33 13.20 1.65 2.83
CA VAL A 33 12.31 0.75 3.55
C VAL A 33 10.84 1.13 3.47
N LEU A 34 10.54 2.42 3.30
CA LEU A 34 9.16 2.87 3.45
C LEU A 34 8.31 2.46 2.27
N GLN A 35 7.06 2.13 2.55
CA GLN A 35 6.08 1.83 1.54
C GLN A 35 5.20 3.05 1.34
N PHE A 36 5.06 3.49 0.10
CA PHE A 36 4.33 4.69 -0.23
C PHE A 36 2.99 4.34 -0.87
N GLN A 37 1.93 5.00 -0.40
CA GLN A 37 0.61 4.76 -0.95
C GLN A 37 0.59 5.02 -2.45
N HIS A 38 1.24 6.08 -2.88
CA HIS A 38 1.16 6.57 -4.25
C HIS A 38 2.56 6.85 -4.77
N GLY A 39 2.68 6.89 -6.09
CA GLY A 39 3.97 7.19 -6.68
C GLY A 39 4.38 8.64 -6.49
N ASP A 40 3.43 9.55 -6.63
CA ASP A 40 3.75 10.96 -6.43
C ASP A 40 4.32 11.22 -5.05
N HIS A 41 3.91 10.43 -4.05
CA HIS A 41 4.51 10.56 -2.74
C HIS A 41 5.96 10.14 -2.78
N LYS A 42 6.27 9.09 -3.53
CA LYS A 42 7.65 8.64 -3.66
C LYS A 42 8.50 9.70 -4.34
N ARG A 43 7.96 10.34 -5.37
CA ARG A 43 8.71 11.38 -6.08
C ARG A 43 8.91 12.61 -5.22
N TRP A 44 7.85 13.06 -4.55
CA TRP A 44 7.98 14.17 -3.62
C TRP A 44 8.99 13.86 -2.54
N TRP A 45 9.05 12.60 -2.10
CA TRP A 45 10.06 12.22 -1.12
C TRP A 45 11.44 12.38 -1.70
N ASP A 46 11.69 11.73 -2.85
CA ASP A 46 12.98 11.82 -3.51
C ASP A 46 13.42 13.26 -3.68
N VAL A 47 12.48 14.18 -3.84
CA VAL A 47 12.82 15.58 -4.11
C VAL A 47 13.08 16.33 -2.81
N LEU A 48 12.17 16.23 -1.85
CA LEU A 48 12.21 17.05 -0.65
C LEU A 48 13.00 16.42 0.49
N ALA A 49 12.71 15.16 0.82
CA ALA A 49 13.35 14.53 1.96
C ALA A 49 14.85 14.76 1.99
N PRO A 50 15.57 14.68 0.88
CA PRO A 50 16.96 15.16 0.91
C PRO A 50 17.07 16.57 1.43
N VAL A 51 16.28 17.49 0.91
CA VAL A 51 16.37 18.89 1.31
C VAL A 51 16.04 19.05 2.78
N PHE A 52 14.88 18.56 3.20
CA PHE A 52 14.45 18.72 4.58
C PHE A 52 15.43 18.05 5.54
N GLY A 53 15.87 16.84 5.21
CA GLY A 53 16.77 16.13 6.08
C GLY A 53 18.12 16.79 6.18
N ILE A 54 18.63 17.32 5.07
CA ILE A 54 19.91 17.98 5.10
C ILE A 54 19.83 19.28 5.87
N SER A 55 18.72 20.01 5.72
CA SER A 55 18.52 21.21 6.51
C SER A 55 18.46 20.89 7.99
N MET A 56 17.67 19.88 8.36
CA MET A 56 17.54 19.50 9.76
C MET A 56 18.85 19.00 10.33
N ALA A 57 19.67 18.33 9.51
CA ALA A 57 20.93 17.78 10.00
C ALA A 57 22.01 18.84 10.10
N SER A 58 22.00 19.81 9.20
CA SER A 58 22.95 20.90 9.28
C SER A 58 22.61 21.86 10.40
N ILE A 59 21.32 22.01 10.70
CA ILE A 59 20.90 22.77 11.86
C ILE A 59 21.48 22.18 13.12
N GLY A 60 21.47 20.85 13.22
CA GLY A 60 21.98 20.17 14.40
C GLY A 60 20.96 19.27 15.05
N TYR A 61 19.97 18.84 14.28
CA TYR A 61 18.94 17.98 14.83
C TYR A 61 19.53 16.63 15.20
N LYS A 62 18.88 15.97 16.15
CA LYS A 62 19.24 14.60 16.47
C LYS A 62 18.70 13.66 15.41
N LEU A 63 19.30 12.47 15.33
CA LEU A 63 18.96 11.53 14.28
C LEU A 63 17.50 11.08 14.40
N ASP A 64 17.05 10.79 15.62
CA ASP A 64 15.68 10.34 15.79
C ASP A 64 14.69 11.44 15.46
N VAL A 65 15.07 12.70 15.67
CA VAL A 65 14.18 13.79 15.30
C VAL A 65 14.08 13.90 13.79
N GLN A 66 15.20 13.72 13.09
CA GLN A 66 15.15 13.61 11.63
C GLN A 66 14.19 12.51 11.21
N TYR A 67 14.30 11.35 11.84
CA TYR A 67 13.41 10.25 11.50
C TYR A 67 11.96 10.61 11.75
N ARG A 68 11.67 11.19 12.91
CA ARG A 68 10.30 11.54 13.25
C ARG A 68 9.72 12.54 12.28
N HIS A 69 10.47 13.58 11.96
CA HIS A 69 9.93 14.63 11.08
C HIS A 69 9.82 14.15 9.65
N LEU A 70 10.75 13.32 9.20
CA LEU A 70 10.64 12.76 7.86
C LEU A 70 9.47 11.81 7.76
N LEU A 71 9.15 11.09 8.84
CA LEU A 71 7.98 10.23 8.82
C LEU A 71 6.70 11.04 8.89
N VAL A 72 6.70 12.14 9.63
CA VAL A 72 5.58 13.08 9.60
C VAL A 72 5.35 13.58 8.19
N LEU A 73 6.42 14.05 7.55
CA LEU A 73 6.34 14.46 6.15
C LEU A 73 5.81 13.34 5.27
N TYR A 74 6.20 12.10 5.55
CA TYR A 74 5.80 10.99 4.70
C TYR A 74 4.33 10.64 4.87
N ASP A 75 3.80 10.80 6.07
CA ASP A 75 2.42 10.43 6.37
C ASP A 75 1.45 11.60 6.26
N ALA A 76 1.75 12.70 6.95
CA ALA A 76 0.85 13.83 7.03
C ALA A 76 0.93 14.74 5.81
N VAL A 77 2.14 15.14 5.45
CA VAL A 77 2.35 16.20 4.48
C VAL A 77 2.31 15.68 3.05
N ILE A 78 3.24 14.78 2.71
CA ILE A 78 3.39 14.38 1.31
C ILE A 78 2.07 13.99 0.67
N PRO A 79 1.19 13.23 1.32
CA PRO A 79 -0.11 12.92 0.71
C PRO A 79 -0.98 14.13 0.51
N ASN A 80 -0.59 15.28 1.07
CA ASN A 80 -1.36 16.51 0.94
C ASN A 80 -0.48 17.59 0.35
N MET A 81 0.28 17.21 -0.68
CA MET A 81 1.00 18.14 -1.53
C MET A 81 0.41 18.23 -2.92
N GLY A 82 -0.19 17.17 -3.41
CA GLY A 82 -0.75 17.15 -4.72
C GLY A 82 0.08 16.32 -5.67
N PRO A 83 -0.34 16.26 -6.92
CA PRO A 83 0.40 15.51 -7.92
C PRO A 83 1.82 16.02 -8.05
N PHE A 84 2.66 15.19 -8.59
CA PHE A 84 4.03 15.60 -8.85
C PHE A 84 4.13 16.17 -10.26
N PRO A 85 4.79 17.29 -10.44
CA PRO A 85 4.87 17.88 -11.77
C PRO A 85 5.71 17.07 -12.73
N ASN A 86 5.07 16.48 -13.74
CA ASN A 86 5.82 16.00 -14.90
C ASN A 86 6.39 17.23 -15.61
N SER A 87 7.17 17.02 -16.66
CA SER A 87 7.91 18.12 -17.25
C SER A 87 6.97 19.20 -17.78
N ASN A 88 5.92 18.80 -18.49
CA ASN A 88 4.95 19.77 -18.99
C ASN A 88 3.95 20.21 -17.93
N ALA A 89 4.06 19.70 -16.70
CA ALA A 89 3.12 20.01 -15.63
C ALA A 89 1.68 19.86 -16.10
N SER A 90 1.43 18.77 -16.84
CA SER A 90 0.11 18.51 -17.39
C SER A 90 -0.87 18.04 -16.32
N ASN A 91 -0.39 17.29 -15.34
CA ASN A 91 -1.26 16.66 -14.35
C ASN A 91 -1.70 17.62 -13.25
N ILE A 92 -1.09 18.79 -13.16
CA ILE A 92 -1.36 19.74 -12.08
C ILE A 92 -2.62 20.52 -12.45
N THR A 93 -3.74 20.15 -11.84
CA THR A 93 -5.02 20.78 -12.10
C THR A 93 -5.31 21.93 -11.13
N TRP A 94 -4.66 21.94 -9.97
CA TRP A 94 -4.82 23.01 -9.00
C TRP A 94 -3.92 24.16 -9.39
N THR A 95 -4.48 25.13 -10.09
CA THR A 95 -3.69 26.22 -10.63
C THR A 95 -3.14 27.10 -9.51
N SER A 96 -1.94 27.63 -9.74
CA SER A 96 -1.28 28.47 -8.77
C SER A 96 -0.20 29.28 -9.47
N PRO A 97 0.04 30.52 -9.05
CA PRO A 97 1.18 31.25 -9.62
C PRO A 97 2.51 30.70 -9.18
N PHE A 98 2.58 30.16 -7.96
CA PHE A 98 3.79 29.52 -7.49
C PHE A 98 3.93 28.13 -8.08
N PRO A 99 5.15 27.62 -8.18
CA PRO A 99 5.32 26.25 -8.66
C PRO A 99 4.81 25.27 -7.61
N PRO A 100 4.42 24.06 -8.03
CA PRO A 100 3.91 23.09 -7.08
C PRO A 100 4.93 22.73 -6.03
N GLY A 101 4.45 22.13 -4.95
CA GLY A 101 5.30 21.77 -3.85
C GLY A 101 5.17 22.76 -2.70
N PRO A 102 5.98 22.56 -1.67
CA PRO A 102 5.99 23.51 -0.56
C PRO A 102 6.32 24.91 -1.04
N LEU A 103 5.46 25.86 -0.67
CA LEU A 103 5.69 27.25 -1.01
C LEU A 103 7.07 27.70 -0.59
N GLU A 104 7.59 27.13 0.50
CA GLU A 104 8.94 27.41 0.93
C GLU A 104 9.35 26.44 2.01
N ALA A 105 10.66 26.32 2.21
CA ALA A 105 11.25 25.66 3.35
C ALA A 105 12.23 26.61 3.99
N SER A 106 12.01 26.90 5.26
CA SER A 106 12.69 27.99 5.94
C SER A 106 13.69 27.45 6.94
N VAL A 107 14.78 28.19 7.11
CA VAL A 107 15.76 27.92 8.15
C VAL A 107 16.00 29.22 8.88
N ASN A 108 15.61 29.26 10.15
CA ASN A 108 15.73 30.44 10.97
C ASN A 108 17.15 30.62 11.47
N TYR A 109 17.53 31.87 11.67
CA TYR A 109 18.88 32.22 12.13
C TYR A 109 18.77 33.36 13.13
N GLN A 110 19.01 33.07 14.40
CA GLN A 110 19.04 34.07 15.46
C GLN A 110 20.44 34.13 16.04
N ALA A 111 20.58 34.91 17.11
CA ALA A 111 21.82 35.02 17.87
C ALA A 111 21.56 34.55 19.28
N GLY A 112 21.97 33.32 19.59
CA GLY A 112 21.81 32.77 20.91
C GLY A 112 20.83 31.62 20.96
N GLU A 113 19.70 31.77 20.28
CA GLU A 113 18.73 30.70 20.18
C GLU A 113 19.03 29.84 18.96
N SER A 114 18.70 28.56 19.07
CA SER A 114 19.11 27.60 18.05
C SER A 114 18.22 27.69 16.83
N SER A 115 18.82 27.44 15.67
CA SER A 115 18.08 27.49 14.42
C SER A 115 16.95 26.47 14.43
N MET A 116 15.93 26.74 13.62
CA MET A 116 14.78 25.88 13.53
C MET A 116 14.38 25.75 12.07
N PHE A 117 13.85 24.58 11.72
CA PHE A 117 13.40 24.30 10.37
C PHE A 117 11.90 24.46 10.30
N ARG A 118 11.43 25.01 9.18
CA ARG A 118 10.03 25.18 8.93
C ARG A 118 9.79 24.95 7.45
N PHE A 119 8.53 24.75 7.10
CA PHE A 119 8.14 24.67 5.72
C PHE A 119 6.64 24.80 5.63
N THR A 120 6.19 25.76 4.83
CA THR A 120 4.77 25.99 4.65
C THR A 120 4.33 25.39 3.34
N ILE A 121 3.14 24.82 3.36
CA ILE A 121 2.60 24.07 2.24
C ILE A 121 1.13 24.40 2.12
N GLU A 122 0.69 24.70 0.91
CA GLU A 122 -0.73 24.82 0.64
C GLU A 122 -1.27 23.41 0.44
N PRO A 123 -1.99 22.85 1.40
CA PRO A 123 -2.39 21.44 1.25
C PRO A 123 -3.31 21.26 0.06
N VAL A 124 -2.80 20.54 -0.94
CA VAL A 124 -3.52 20.25 -2.16
C VAL A 124 -3.94 18.80 -2.12
N GLY A 125 -5.17 18.53 -2.48
CA GLY A 125 -5.65 17.19 -2.58
C GLY A 125 -5.20 16.55 -3.88
N PRO A 126 -5.32 15.23 -3.96
CA PRO A 126 -4.91 14.54 -5.18
C PRO A 126 -5.76 14.87 -6.39
N HIS A 127 -6.93 15.48 -6.19
CA HIS A 127 -7.84 15.80 -7.28
C HIS A 127 -8.31 17.25 -7.23
N ALA A 128 -7.57 18.10 -6.54
CA ALA A 128 -7.97 19.49 -6.41
C ALA A 128 -7.87 20.20 -7.75
N GLY A 129 -8.80 21.11 -7.99
CA GLY A 129 -8.92 21.79 -9.24
C GLY A 129 -9.82 21.12 -10.24
N THR A 130 -10.10 19.84 -10.04
CA THR A 130 -11.02 19.09 -10.87
C THR A 130 -12.42 19.12 -10.27
N PRO A 131 -13.45 18.82 -11.07
CA PRO A 131 -14.82 18.89 -10.55
C PRO A 131 -15.04 18.10 -9.28
N ALA A 132 -14.19 17.12 -8.97
CA ALA A 132 -14.39 16.32 -7.78
C ALA A 132 -14.00 17.06 -6.52
N ASP A 133 -13.04 17.98 -6.61
CA ASP A 133 -12.58 18.77 -5.47
C ASP A 133 -12.17 20.14 -5.98
N PRO A 134 -13.13 20.92 -6.49
CA PRO A 134 -12.78 22.15 -7.21
C PRO A 134 -12.27 23.28 -6.35
N VAL A 135 -12.32 23.17 -5.03
CA VAL A 135 -11.81 24.22 -4.16
C VAL A 135 -10.94 23.64 -3.06
N ASN A 136 -10.59 22.36 -3.18
CA ASN A 136 -9.59 21.74 -2.31
C ASN A 136 -9.91 21.98 -0.84
N GLU A 137 -11.05 21.44 -0.41
CA GLU A 137 -11.51 21.71 0.95
C GLU A 137 -10.94 20.73 1.97
N LEU A 138 -10.65 19.50 1.55
CA LEU A 138 -10.30 18.44 2.48
C LEU A 138 -8.84 18.37 2.83
N ALA A 139 -7.95 18.74 1.92
CA ALA A 139 -6.52 18.51 2.11
C ALA A 139 -6.02 19.11 3.41
N ALA A 140 -6.34 20.38 3.66
CA ALA A 140 -5.88 21.01 4.88
C ALA A 140 -6.48 20.36 6.12
N LYS A 141 -7.73 19.94 6.04
CA LYS A 141 -8.36 19.27 7.16
C LYS A 141 -7.79 17.88 7.38
N GLN A 142 -7.56 17.14 6.29
CA GLN A 142 -6.87 15.85 6.41
C GLN A 142 -5.51 16.01 7.05
N LEU A 143 -4.78 17.05 6.67
CA LEU A 143 -3.46 17.28 7.22
C LEU A 143 -3.54 17.63 8.70
N MET A 144 -4.45 18.51 9.08
CA MET A 144 -4.65 18.82 10.49
C MET A 144 -4.98 17.56 11.27
N GLN A 145 -5.83 16.71 10.68
CA GLN A 145 -6.22 15.47 11.35
C GLN A 145 -5.03 14.54 11.55
N ARG A 146 -4.24 14.32 10.51
CA ARG A 146 -3.04 13.50 10.67
C ARG A 146 -2.11 14.08 11.72
N LEU A 147 -1.88 15.40 11.69
CA LEU A 147 -1.00 15.99 12.69
C LEU A 147 -1.52 15.80 14.10
N GLY A 148 -2.84 15.87 14.27
CA GLY A 148 -3.41 15.68 15.58
C GLY A 148 -3.34 14.24 16.03
N GLN A 149 -3.45 13.31 15.10
CA GLN A 149 -3.38 11.88 15.42
C GLN A 149 -1.97 11.41 15.71
N LEU A 150 -0.97 11.95 15.01
CA LEU A 150 0.42 11.60 15.29
C LEU A 150 0.91 12.18 16.60
N GLN A 151 0.22 13.20 17.10
CA GLN A 151 0.53 13.77 18.41
C GLN A 151 -0.77 14.30 19.00
N PRO A 152 -1.51 13.48 19.73
CA PRO A 152 -2.80 13.93 20.27
C PRO A 152 -2.61 15.09 21.23
N GLY A 153 -3.44 16.11 21.07
CA GLY A 153 -3.35 17.29 21.91
C GLY A 153 -2.27 18.26 21.52
N GLY A 154 -1.71 18.12 20.33
CA GLY A 154 -0.68 19.01 19.86
C GLY A 154 -1.20 20.04 18.88
N VAL A 155 -2.40 19.78 18.36
CA VAL A 155 -3.04 20.63 17.36
C VAL A 155 -4.35 21.12 17.97
N ASP A 156 -4.32 22.31 18.57
CA ASP A 156 -5.51 22.91 19.14
C ASP A 156 -6.23 23.69 18.07
N SER A 157 -7.50 23.37 17.83
CA SER A 157 -8.31 24.01 16.82
C SER A 157 -9.30 25.00 17.43
N THR A 158 -8.89 25.71 18.48
CA THR A 158 -9.75 26.72 19.08
C THR A 158 -9.83 27.96 18.21
N MET A 159 -8.69 28.41 17.66
CA MET A 159 -8.71 29.56 16.77
C MET A 159 -9.08 29.17 15.35
N PHE A 160 -8.67 27.98 14.92
CA PHE A 160 -9.04 27.52 13.59
C PHE A 160 -10.54 27.46 13.45
N ASP A 161 -11.23 26.95 14.47
CA ASP A 161 -12.68 26.77 14.38
C ASP A 161 -13.42 28.09 14.46
N HIS A 162 -12.80 29.13 15.01
CA HIS A 162 -13.42 30.44 15.05
C HIS A 162 -13.19 31.23 13.77
N PHE A 163 -11.98 31.16 13.23
CA PHE A 163 -11.65 31.89 12.02
C PHE A 163 -12.05 31.16 10.73
N TYR A 164 -12.45 29.89 10.82
CA TYR A 164 -12.80 29.17 9.60
C TYR A 164 -14.05 29.74 8.94
N PRO A 165 -15.17 29.93 9.64
CA PRO A 165 -16.36 30.47 8.96
C PRO A 165 -16.20 31.91 8.55
N LEU A 166 -15.36 32.67 9.25
CA LEU A 166 -15.22 34.08 8.98
C LEU A 166 -14.33 34.33 7.77
N LEU A 167 -13.17 33.69 7.73
CA LEU A 167 -12.17 33.94 6.70
C LEU A 167 -12.17 32.92 5.58
N CYS A 168 -12.45 31.67 5.87
CA CYS A 168 -12.34 30.60 4.89
C CYS A 168 -13.71 30.20 4.38
N VAL A 169 -13.72 29.66 3.17
CA VAL A 169 -14.93 29.26 2.49
C VAL A 169 -14.99 27.74 2.50
N ASP A 170 -16.07 27.19 3.02
CA ASP A 170 -16.27 25.75 2.95
C ASP A 170 -16.43 25.35 1.48
N GLY A 171 -16.50 24.05 1.25
CA GLY A 171 -16.65 23.55 -0.10
C GLY A 171 -17.98 23.93 -0.69
N PRO A 172 -19.06 23.71 0.06
CA PRO A 172 -20.39 24.06 -0.45
C PRO A 172 -20.54 25.52 -0.84
N GLU A 173 -20.20 26.46 0.04
CA GLU A 173 -20.31 27.87 -0.30
C GLU A 173 -19.56 28.18 -1.58
N ALA A 174 -18.28 27.81 -1.63
CA ALA A 174 -17.47 28.06 -2.81
C ALA A 174 -18.04 27.38 -4.05
N ARG A 175 -18.82 26.32 -3.90
CA ARG A 175 -19.37 25.62 -5.03
C ARG A 175 -20.67 26.24 -5.53
N ARG A 176 -21.48 26.80 -4.63
CA ARG A 176 -22.67 27.52 -5.06
C ARG A 176 -22.38 29.00 -5.31
N GLN A 177 -21.38 29.55 -4.64
CA GLN A 177 -20.83 30.86 -4.97
C GLN A 177 -19.64 30.72 -5.92
N TRP A 178 -19.84 29.98 -7.01
CA TRP A 178 -18.77 29.74 -7.97
C TRP A 178 -18.67 30.83 -9.02
N ASP A 179 -19.81 31.28 -9.53
CA ASP A 179 -19.83 32.39 -10.47
C ASP A 179 -19.11 33.62 -9.92
N SER A 180 -18.88 33.67 -8.61
CA SER A 180 -18.24 34.81 -7.96
C SER A 180 -16.73 34.68 -7.82
N ILE A 181 -16.19 33.48 -8.02
CA ILE A 181 -14.78 33.21 -7.73
C ILE A 181 -14.10 32.50 -8.89
N ALA A 182 -14.89 31.97 -9.82
CA ALA A 182 -14.32 31.21 -10.93
C ALA A 182 -13.33 32.03 -11.75
N HIS A 183 -13.30 33.35 -11.58
CA HIS A 183 -12.32 34.18 -12.24
C HIS A 183 -10.99 34.22 -11.52
N ILE A 184 -10.93 33.81 -10.25
CA ILE A 184 -9.69 33.84 -9.51
C ILE A 184 -8.77 32.74 -10.01
N TYR A 185 -7.48 33.07 -10.12
CA TYR A 185 -6.50 32.09 -10.58
C TYR A 185 -6.10 31.17 -9.43
N HIS A 186 -5.64 31.74 -8.34
CA HIS A 186 -5.25 30.98 -7.16
C HIS A 186 -6.41 31.01 -6.18
N LYS A 187 -7.12 29.90 -6.06
CA LYS A 187 -8.25 29.77 -5.15
C LYS A 187 -7.83 29.22 -3.79
N CYS A 188 -6.62 29.55 -3.35
CA CYS A 188 -6.17 29.14 -2.03
C CYS A 188 -7.05 29.74 -0.96
N HIS A 189 -7.33 28.95 0.07
CA HIS A 189 -8.13 29.39 1.19
C HIS A 189 -7.54 29.02 2.54
N THR A 190 -6.55 28.13 2.60
CA THR A 190 -5.86 27.84 3.84
C THR A 190 -4.51 27.23 3.53
N VAL A 191 -3.51 27.64 4.30
CA VAL A 191 -2.13 27.25 4.11
C VAL A 191 -1.55 26.86 5.46
N THR A 192 -0.95 25.69 5.53
CA THR A 192 -0.41 25.15 6.77
C THR A 192 1.10 25.32 6.77
N ALA A 193 1.62 25.95 7.80
CA ALA A 193 3.07 26.06 8.01
C ALA A 193 3.45 25.23 9.23
N LEU A 194 4.17 24.14 8.99
CA LEU A 194 4.62 23.25 10.04
C LEU A 194 5.98 23.69 10.53
N ASP A 195 6.11 23.87 11.84
CA ASP A 195 7.34 24.30 12.47
C ASP A 195 7.99 23.07 13.09
N MET A 196 8.72 22.32 12.27
CA MET A 196 9.44 21.16 12.75
C MET A 196 10.49 21.58 13.77
N GLN A 197 10.33 21.11 15.01
CA GLN A 197 11.13 21.53 16.14
C GLN A 197 12.19 20.50 16.48
N ARG A 198 13.29 20.97 17.08
CA ARG A 198 14.35 20.09 17.55
C ARG A 198 13.85 19.11 18.60
N SER A 199 12.67 19.36 19.17
CA SER A 199 12.08 18.48 20.18
C SER A 199 11.14 17.46 19.57
N ALA A 200 11.21 17.26 18.26
CA ALA A 200 10.39 16.32 17.51
C ALA A 200 8.93 16.73 17.43
N ALA A 201 8.56 17.82 18.10
CA ALA A 201 7.19 18.31 18.06
C ALA A 201 6.97 19.16 16.81
N CYS A 202 5.98 18.79 16.02
CA CYS A 202 5.64 19.49 14.80
C CYS A 202 4.39 20.31 15.04
N THR A 203 4.57 21.53 15.53
CA THR A 203 3.45 22.43 15.75
C THR A 203 3.00 23.04 14.43
N LEU A 204 1.70 23.18 14.28
CA LEU A 204 1.10 23.68 13.05
C LEU A 204 0.92 25.19 13.12
N LYS A 205 0.56 25.76 11.98
CA LYS A 205 0.35 27.19 11.83
C LYS A 205 -0.45 27.40 10.57
N THR A 206 -1.67 27.88 10.71
CA THR A 206 -2.63 27.96 9.63
C THR A 206 -2.77 29.40 9.15
N TYR A 207 -2.78 29.57 7.84
CA TYR A 207 -2.98 30.87 7.21
C TYR A 207 -4.34 30.86 6.52
N PHE A 208 -5.07 31.95 6.66
CA PHE A 208 -6.34 32.08 5.97
C PHE A 208 -6.33 33.30 5.06
N PRO A 209 -6.14 33.14 3.77
CA PRO A 209 -6.33 34.25 2.85
C PRO A 209 -7.79 34.43 2.51
N PRO A 210 -8.40 35.53 2.93
CA PRO A 210 -9.85 35.67 2.77
C PRO A 210 -10.27 36.16 1.39
N LEU A 211 -9.38 36.05 0.41
CA LEU A 211 -9.70 36.54 -0.92
C LEU A 211 -10.98 35.90 -1.46
N LEU A 212 -11.13 34.59 -1.26
CA LEU A 212 -12.37 33.91 -1.65
C LEU A 212 -13.56 34.48 -0.89
N ARG A 213 -13.43 34.55 0.44
CA ARG A 213 -14.54 35.01 1.26
C ARG A 213 -14.90 36.44 0.96
N SER A 214 -13.89 37.31 0.83
CA SER A 214 -14.16 38.71 0.52
C SER A 214 -14.79 38.85 -0.86
N THR A 215 -14.29 38.08 -1.83
CA THR A 215 -14.85 38.15 -3.18
C THR A 215 -16.29 37.67 -3.21
N ILE A 216 -16.65 36.73 -2.35
CA ILE A 216 -18.02 36.26 -2.30
C ILE A 216 -18.91 37.28 -1.60
N MET A 217 -18.49 37.72 -0.42
CA MET A 217 -19.25 38.69 0.36
C MET A 217 -19.04 40.13 -0.10
N ASN A 218 -18.22 40.34 -1.12
CA ASN A 218 -18.01 41.66 -1.71
C ASN A 218 -17.52 42.67 -0.68
N THR A 219 -16.87 42.18 0.38
CA THR A 219 -16.27 43.05 1.38
C THR A 219 -14.77 43.18 1.11
N SER A 220 -14.08 43.85 2.02
CA SER A 220 -12.66 44.11 1.88
C SER A 220 -11.86 43.23 2.84
N MET A 221 -10.62 42.95 2.47
CA MET A 221 -9.78 42.11 3.31
C MET A 221 -9.58 42.73 4.68
N VAL A 222 -9.43 44.04 4.74
CA VAL A 222 -9.24 44.72 6.01
C VAL A 222 -10.43 44.48 6.92
N ASP A 223 -11.62 44.88 6.47
CA ASP A 223 -12.81 44.87 7.29
C ASP A 223 -13.35 43.48 7.56
N ILE A 224 -12.77 42.44 6.97
CA ILE A 224 -13.13 41.06 7.28
C ILE A 224 -12.08 40.41 8.18
N MET A 225 -10.81 40.52 7.81
CA MET A 225 -9.74 40.01 8.67
C MET A 225 -9.84 40.60 10.07
N PHE A 226 -9.84 41.93 10.15
CA PHE A 226 -9.81 42.57 11.46
C PHE A 226 -11.13 42.45 12.20
N ASP A 227 -12.25 42.38 11.49
CA ASP A 227 -13.51 42.12 12.16
C ASP A 227 -13.52 40.73 12.79
N ALA A 228 -12.99 39.73 12.08
CA ALA A 228 -12.86 38.40 12.68
C ALA A 228 -11.91 38.41 13.86
N VAL A 229 -10.81 39.17 13.77
CA VAL A 229 -9.89 39.26 14.89
C VAL A 229 -10.59 39.86 16.10
N GLU A 230 -11.41 40.89 15.90
CA GLU A 230 -12.13 41.48 17.02
C GLU A 230 -13.21 40.54 17.56
N SER A 231 -13.85 39.77 16.67
CA SER A 231 -14.77 38.75 17.13
C SER A 231 -14.07 37.78 18.07
N PHE A 232 -12.90 37.29 17.67
CA PHE A 232 -12.15 36.39 18.53
C PHE A 232 -11.70 37.08 19.81
N ARG A 233 -11.38 38.37 19.73
CA ARG A 233 -11.05 39.12 20.93
C ARG A 233 -12.18 39.06 21.94
N LYS A 234 -13.37 39.50 21.53
CA LYS A 234 -14.50 39.56 22.46
C LYS A 234 -14.93 38.17 22.90
N GLN A 235 -14.79 37.16 22.03
CA GLN A 235 -15.21 35.82 22.38
C GLN A 235 -14.21 35.15 23.33
N SER A 236 -12.96 35.57 23.29
CA SER A 236 -11.91 34.98 24.11
C SER A 236 -11.53 35.83 25.32
N GLY A 237 -11.57 37.15 25.18
CA GLY A 237 -10.98 38.03 26.15
C GLY A 237 -9.50 38.26 25.96
N LEU A 238 -8.91 37.62 24.95
CA LEU A 238 -7.51 37.84 24.64
C LEU A 238 -7.35 39.13 23.87
N TYR A 239 -6.22 39.81 24.11
CA TYR A 239 -6.04 41.17 23.62
C TYR A 239 -5.13 41.13 22.39
N PHE A 240 -5.74 41.20 21.22
CA PHE A 240 -5.05 41.23 19.93
C PHE A 240 -5.28 42.62 19.33
N ASP A 241 -4.41 43.58 19.66
CA ASP A 241 -4.64 44.96 19.24
C ASP A 241 -4.28 45.10 17.77
N TYR A 242 -5.31 45.15 16.94
CA TYR A 242 -5.19 45.29 15.50
C TYR A 242 -5.33 46.74 15.04
N THR A 243 -5.44 47.69 15.97
CA THR A 243 -5.79 49.06 15.59
C THR A 243 -4.74 49.67 14.67
N LYS A 244 -3.47 49.58 15.05
CA LYS A 244 -2.41 50.13 14.21
C LYS A 244 -2.50 49.57 12.80
N ILE A 245 -2.72 48.27 12.68
CA ILE A 245 -2.64 47.60 11.39
C ILE A 245 -3.87 47.96 10.55
N LYS A 246 -5.04 48.04 11.17
CA LYS A 246 -6.22 48.45 10.44
C LYS A 246 -6.09 49.88 9.95
N GLU A 247 -5.67 50.78 10.84
CA GLU A 247 -5.44 52.17 10.43
C GLU A 247 -4.52 52.23 9.23
N PHE A 248 -3.32 51.65 9.34
CA PHE A 248 -2.38 51.71 8.23
C PHE A 248 -2.96 51.09 6.96
N MET A 249 -3.34 49.80 7.03
CA MET A 249 -3.80 49.10 5.84
C MET A 249 -5.07 49.68 5.26
N SER A 250 -5.72 50.60 5.97
CA SER A 250 -6.92 51.25 5.44
C SER A 250 -6.63 52.59 4.79
N GLU A 251 -5.38 53.05 4.82
CA GLU A 251 -5.03 54.34 4.27
C GLU A 251 -5.07 54.28 2.74
N GLU A 252 -4.69 55.41 2.11
CA GLU A 252 -4.71 55.53 0.66
C GLU A 252 -3.35 55.24 0.04
N LYS A 253 -2.30 55.90 0.53
CA LYS A 253 -0.99 55.73 -0.07
C LYS A 253 -0.42 54.34 0.16
N THR A 254 -0.97 53.58 1.10
CA THR A 254 -0.57 52.20 1.25
C THR A 254 -1.18 51.34 0.15
N HIS A 255 -2.51 51.44 -0.04
CA HIS A 255 -3.14 50.81 -1.19
C HIS A 255 -2.48 51.24 -2.49
N GLU A 256 -1.86 52.42 -2.52
CA GLU A 256 -1.15 52.86 -3.71
C GLU A 256 -0.17 51.80 -4.20
N THR A 257 0.58 51.18 -3.27
CA THR A 257 1.52 50.12 -3.59
C THR A 257 1.05 48.74 -3.18
N MET A 258 0.21 48.65 -2.15
CA MET A 258 -0.14 47.36 -1.56
C MET A 258 -1.04 46.56 -2.50
N MET A 259 -0.74 45.27 -2.63
CA MET A 259 -1.63 44.31 -3.29
C MET A 259 -2.43 43.63 -2.19
N VAL A 260 -3.44 44.35 -1.68
CA VAL A 260 -4.18 43.87 -0.53
C VAL A 260 -4.86 42.54 -0.80
N ASP A 261 -5.00 42.14 -2.07
CA ASP A 261 -5.61 40.87 -2.40
C ASP A 261 -4.69 39.69 -2.18
N ARG A 262 -3.45 39.94 -1.78
CA ARG A 262 -2.48 38.89 -1.48
C ARG A 262 -2.21 38.79 0.01
N SER A 263 -3.16 39.22 0.83
CA SER A 263 -3.04 39.22 2.27
C SER A 263 -3.67 37.97 2.87
N TYR A 264 -3.26 37.66 4.09
CA TYR A 264 -3.86 36.56 4.82
C TYR A 264 -3.63 36.75 6.30
N LEU A 265 -4.50 36.13 7.09
CA LEU A 265 -4.39 36.12 8.55
C LEU A 265 -3.78 34.81 8.99
N SER A 266 -2.76 34.88 9.82
CA SER A 266 -2.06 33.71 10.30
C SER A 266 -2.23 33.59 11.81
N PHE A 267 -2.27 32.35 12.28
CA PHE A 267 -2.42 32.07 13.70
C PHE A 267 -1.83 30.70 13.99
N ASP A 268 -1.24 30.56 15.17
CA ASP A 268 -0.67 29.29 15.58
C ASP A 268 -1.78 28.42 16.16
N CYS A 269 -1.90 27.20 15.62
CA CYS A 269 -2.89 26.24 16.10
C CYS A 269 -2.41 25.68 17.44
N LEU A 270 -2.55 26.51 18.47
CA LEU A 270 -2.13 26.17 19.82
C LEU A 270 -3.16 26.73 20.79
N ASP A 271 -2.80 26.76 22.06
CA ASP A 271 -3.60 27.42 23.07
C ASP A 271 -3.71 28.90 22.72
N PRO A 272 -4.89 29.42 22.44
CA PRO A 272 -5.01 30.83 22.03
C PRO A 272 -4.31 31.79 22.96
N ALA A 273 -4.17 31.40 24.23
CA ALA A 273 -3.42 32.22 25.17
C ALA A 273 -1.97 32.34 24.76
N LYS A 274 -1.36 31.23 24.36
CA LYS A 274 0.04 31.19 23.96
C LYS A 274 0.24 31.29 22.46
N SER A 275 -0.83 31.33 21.69
CA SER A 275 -0.71 31.49 20.25
C SER A 275 -0.54 32.96 19.90
N ARG A 276 -0.21 33.20 18.64
CA ARG A 276 0.01 34.53 18.11
C ARG A 276 -0.77 34.68 16.81
N ILE A 277 -1.18 35.89 16.52
CA ILE A 277 -1.88 36.21 15.28
C ILE A 277 -0.99 37.16 14.49
N LYS A 278 -1.01 37.00 13.17
CA LYS A 278 -0.15 37.76 12.29
C LYS A 278 -0.95 38.18 11.07
N ILE A 279 -0.78 39.44 10.68
CA ILE A 279 -1.37 39.97 9.47
C ILE A 279 -0.30 40.06 8.41
N TYR A 280 -0.63 39.64 7.19
CA TYR A 280 0.31 39.54 6.09
C TYR A 280 -0.24 40.30 4.89
N THR A 281 0.65 40.98 4.18
CA THR A 281 0.27 41.61 2.93
C THR A 281 1.51 41.72 2.06
N GLU A 282 1.27 41.71 0.75
CA GLU A 282 2.32 41.91 -0.24
C GLU A 282 2.39 43.37 -0.63
N ALA A 283 3.44 43.70 -1.37
CA ALA A 283 3.67 45.09 -1.77
C ALA A 283 4.77 45.14 -2.80
N LYS A 284 4.65 46.09 -3.72
CA LYS A 284 5.63 46.34 -4.77
C LYS A 284 6.10 47.78 -4.60
N VAL A 285 7.15 47.98 -3.82
CA VAL A 285 7.66 49.29 -3.52
C VAL A 285 8.84 49.59 -4.44
N LYS A 286 9.26 50.85 -4.46
CA LYS A 286 10.37 51.30 -5.28
C LYS A 286 11.51 51.91 -4.48
N THR A 287 11.25 52.42 -3.28
CA THR A 287 12.28 53.03 -2.45
C THR A 287 12.12 52.55 -1.02
N LEU A 288 13.16 52.79 -0.22
CA LEU A 288 13.14 52.39 1.18
C LEU A 288 12.14 53.17 2.01
N GLU A 289 11.60 54.27 1.49
CA GLU A 289 10.61 55.02 2.24
C GLU A 289 9.27 54.28 2.30
N GLU A 290 8.85 53.69 1.19
CA GLU A 290 7.67 52.83 1.21
C GLU A 290 7.92 51.58 2.03
N ALA A 291 9.15 51.06 1.98
CA ALA A 291 9.47 49.90 2.80
C ALA A 291 9.36 50.22 4.28
N TYR A 292 9.84 51.40 4.69
CA TYR A 292 9.66 51.81 6.07
C TYR A 292 8.20 52.11 6.38
N SER A 293 7.44 52.55 5.37
CA SER A 293 6.00 52.72 5.56
C SER A 293 5.35 51.41 5.98
N PHE A 294 5.69 50.33 5.28
CA PHE A 294 5.09 49.03 5.59
C PHE A 294 5.64 48.47 6.89
N TRP A 295 6.96 48.55 7.08
CA TRP A 295 7.58 48.02 8.29
C TRP A 295 7.06 48.74 9.54
N SER A 296 6.78 50.03 9.43
CA SER A 296 6.46 50.87 10.57
C SER A 296 4.97 51.09 10.74
N LEU A 297 4.15 50.68 9.78
CA LEU A 297 2.72 50.95 9.79
C LEU A 297 2.48 52.46 9.75
N GLY A 298 3.18 53.13 8.84
CA GLY A 298 3.07 54.57 8.71
C GLY A 298 3.58 55.33 9.92
N GLY A 299 4.66 54.86 10.52
CA GLY A 299 5.22 55.50 11.68
C GLY A 299 4.56 55.14 13.00
N ARG A 300 3.39 54.52 12.97
CA ARG A 300 2.70 54.16 14.20
C ARG A 300 3.49 53.19 15.07
N LEU A 301 4.44 52.48 14.48
CA LEU A 301 5.32 51.58 15.22
C LEU A 301 6.72 52.18 15.25
N SER A 302 7.28 52.32 16.44
CA SER A 302 8.60 52.91 16.60
C SER A 302 9.27 52.28 17.81
N GLY A 303 10.42 52.84 18.17
CA GLY A 303 11.21 52.33 19.26
C GLY A 303 12.58 51.88 18.77
N PRO A 304 13.41 51.39 19.69
CA PRO A 304 14.74 50.93 19.27
C PRO A 304 14.69 49.77 18.30
N GLU A 305 13.69 48.89 18.45
CA GLU A 305 13.66 47.68 17.65
C GLU A 305 13.32 47.97 16.20
N ILE A 306 12.36 48.87 15.96
CA ILE A 306 12.05 49.25 14.59
C ILE A 306 13.28 49.83 13.91
N ASP A 307 14.01 50.70 14.61
CA ASP A 307 15.21 51.30 14.04
C ASP A 307 16.24 50.23 13.70
N TYR A 308 16.61 49.43 14.69
CA TYR A 308 17.65 48.42 14.49
C TYR A 308 17.23 47.38 13.44
N GLY A 309 15.93 47.19 13.25
CA GLY A 309 15.48 46.27 12.23
C GLY A 309 15.56 46.85 10.84
N PHE A 310 15.13 48.11 10.69
CA PHE A 310 15.19 48.72 9.37
C PHE A 310 16.62 49.01 8.96
N LYS A 311 17.55 49.14 9.90
CA LYS A 311 18.96 49.19 9.53
C LYS A 311 19.33 47.97 8.69
N ILE A 312 18.93 46.79 9.16
CA ILE A 312 19.29 45.54 8.50
C ILE A 312 18.49 45.38 7.22
N VAL A 313 17.22 45.81 7.23
CA VAL A 313 16.44 45.77 6.00
C VAL A 313 17.10 46.62 4.92
N SER A 314 17.60 47.80 5.29
CA SER A 314 18.26 48.67 4.31
C SER A 314 19.56 48.04 3.82
N GLN A 315 20.34 47.49 4.75
CA GLN A 315 21.56 46.79 4.36
C GLN A 315 21.28 45.72 3.32
N MET A 316 20.33 44.84 3.60
CA MET A 316 20.04 43.77 2.64
C MET A 316 19.37 44.28 1.39
N TRP A 317 18.59 45.36 1.48
CA TRP A 317 17.99 45.96 0.31
C TRP A 317 19.06 46.40 -0.68
N ASP A 318 19.94 47.29 -0.25
CA ASP A 318 20.98 47.78 -1.14
C ASP A 318 22.11 46.78 -1.32
N ALA A 319 22.04 45.60 -0.69
CA ALA A 319 22.96 44.52 -0.98
C ALA A 319 22.44 43.54 -2.02
N ILE A 320 21.12 43.37 -2.12
CA ILE A 320 20.53 42.40 -3.05
C ILE A 320 19.93 43.08 -4.26
N TYR A 321 19.07 44.07 -4.06
CA TYR A 321 18.41 44.76 -5.16
C TYR A 321 19.32 45.77 -5.83
N SER A 322 20.63 45.69 -5.57
CA SER A 322 21.62 46.59 -6.10
C SER A 322 22.39 45.99 -7.28
N LYS A 323 21.89 44.91 -7.86
CA LYS A 323 22.68 44.08 -8.77
C LYS A 323 21.86 43.71 -10.00
N GLU A 324 22.51 42.93 -10.86
CA GLU A 324 21.96 42.55 -12.14
C GLU A 324 21.00 41.37 -12.00
N LEU A 325 19.95 41.40 -12.81
CA LEU A 325 19.08 40.26 -12.96
C LEU A 325 19.52 39.41 -14.14
N PRO A 326 19.08 38.16 -14.21
CA PRO A 326 19.41 37.33 -15.37
C PRO A 326 18.83 37.92 -16.64
N GLY A 327 19.49 37.64 -17.77
CA GLY A 327 19.08 38.20 -19.03
C GLY A 327 19.27 39.69 -19.16
N GLY A 328 19.91 40.33 -18.18
CA GLY A 328 20.14 41.76 -18.25
C GLY A 328 18.88 42.58 -18.21
N LYS A 329 17.89 42.16 -17.43
CA LYS A 329 16.66 42.90 -17.27
C LYS A 329 16.78 43.92 -16.14
N GLN A 330 15.80 44.80 -16.07
CA GLN A 330 15.79 45.89 -15.11
C GLN A 330 14.68 45.71 -14.08
N ARG A 331 14.91 46.24 -12.88
CA ARG A 331 13.96 46.11 -11.78
C ARG A 331 12.85 47.14 -11.95
N GLU A 332 11.69 46.68 -12.43
CA GLU A 332 10.52 47.55 -12.45
C GLU A 332 10.23 48.10 -11.06
N ASN A 333 10.37 47.25 -10.05
CA ASN A 333 10.06 47.60 -8.66
C ASN A 333 10.55 46.46 -7.79
N ASN A 334 10.53 46.69 -6.48
CA ASN A 334 10.98 45.71 -5.51
C ASN A 334 9.79 45.08 -4.81
N HIS A 335 9.64 43.78 -5.01
CA HIS A 335 8.53 43.02 -4.42
C HIS A 335 8.88 42.66 -2.98
N ILE A 336 8.01 42.99 -2.04
CA ILE A 336 8.22 42.68 -0.64
C ILE A 336 6.93 42.12 -0.05
N GLN A 337 7.07 41.50 1.11
CA GLN A 337 5.95 41.05 1.93
C GLN A 337 6.25 41.37 3.38
N ILE A 338 5.21 41.39 4.20
CA ILE A 338 5.36 41.90 5.56
C ILE A 338 4.36 41.18 6.46
N ASN A 339 4.84 40.75 7.62
CA ASN A 339 4.03 40.12 8.66
C ASN A 339 4.09 40.99 9.91
N TRP A 340 2.93 41.36 10.43
CA TRP A 340 2.83 42.06 11.71
C TRP A 340 2.21 41.11 12.72
N GLU A 341 3.00 40.74 13.74
CA GLU A 341 2.55 39.80 14.74
C GLU A 341 1.99 40.54 15.94
N MET A 342 0.82 40.11 16.39
CA MET A 342 0.15 40.69 17.56
C MET A 342 0.03 39.62 18.63
N SER A 343 0.50 39.94 19.84
CA SER A 343 0.52 38.96 20.92
C SER A 343 -0.81 38.95 21.65
N ALA A 344 -1.01 37.89 22.44
CA ALA A 344 -2.27 37.70 23.15
C ALA A 344 -2.34 38.51 24.42
N LYS A 345 -1.24 38.56 25.18
CA LYS A 345 -1.24 39.24 26.46
C LYS A 345 -0.76 40.67 26.38
N ASP A 346 -0.07 41.04 25.30
CA ASP A 346 0.43 42.39 25.11
C ASP A 346 -0.35 43.10 24.01
N SER A 347 -0.06 44.39 23.83
CA SER A 347 -0.59 45.17 22.73
C SER A 347 0.47 45.46 21.68
N SER A 348 1.63 44.84 21.80
CA SER A 348 2.71 45.05 20.85
C SER A 348 2.36 44.44 19.50
N VAL A 349 2.85 45.11 18.45
CA VAL A 349 2.85 44.57 17.10
C VAL A 349 4.28 44.58 16.61
N ALA A 350 4.73 43.45 16.08
CA ALA A 350 6.10 43.29 15.65
C ALA A 350 6.14 42.92 14.18
N PRO A 351 6.88 43.64 13.35
CA PRO A 351 6.87 43.35 11.92
C PRO A 351 7.89 42.29 11.53
N LYS A 352 7.74 41.81 10.30
CA LYS A 352 8.68 40.86 9.71
C LYS A 352 8.62 41.05 8.20
N LEU A 353 9.68 41.61 7.63
CA LEU A 353 9.67 42.07 6.26
C LEU A 353 10.32 41.03 5.35
N TYR A 354 9.58 40.58 4.34
CA TYR A 354 10.09 39.68 3.34
C TYR A 354 10.65 40.49 2.18
N LEU A 355 11.86 40.13 1.74
CA LEU A 355 12.41 40.61 0.47
C LEU A 355 12.43 39.45 -0.51
N THR A 356 11.64 39.56 -1.56
CA THR A 356 11.51 38.48 -2.54
C THR A 356 12.70 38.48 -3.49
N VAL A 357 13.31 37.30 -3.67
CA VAL A 357 14.47 37.15 -4.52
C VAL A 357 14.27 36.01 -5.51
N ILE A 358 13.01 35.76 -5.90
CA ILE A 358 12.72 34.69 -6.84
C ILE A 358 13.47 34.91 -8.16
N GLU A 359 13.72 36.16 -8.51
CA GLU A 359 14.35 36.48 -9.80
C GLU A 359 15.85 36.67 -9.68
N ASP A 360 16.39 36.84 -8.48
CA ASP A 360 17.79 37.18 -8.33
C ASP A 360 18.68 35.95 -8.55
N TYR A 361 19.99 36.21 -8.60
CA TYR A 361 20.97 35.13 -8.67
C TYR A 361 21.11 34.47 -7.32
N ASP A 362 20.86 33.16 -7.26
CA ASP A 362 21.08 32.44 -6.02
C ASP A 362 22.50 32.66 -5.52
N ALA A 363 23.44 32.88 -6.44
CA ALA A 363 24.79 33.26 -6.05
C ALA A 363 24.80 34.61 -5.34
N TYR A 364 24.13 35.61 -5.93
CA TYR A 364 24.10 36.93 -5.32
C TYR A 364 23.35 36.91 -3.99
N VAL A 365 22.23 36.21 -3.94
CA VAL A 365 21.46 36.13 -2.70
C VAL A 365 22.27 35.44 -1.61
N SER A 366 22.92 34.34 -1.94
CA SER A 366 23.73 33.64 -0.95
C SER A 366 24.89 34.51 -0.49
N SER A 367 25.53 35.22 -1.42
CA SER A 367 26.63 36.10 -1.04
C SER A 367 26.16 37.22 -0.12
N ALA A 368 24.99 37.78 -0.42
CA ALA A 368 24.44 38.84 0.43
C ALA A 368 24.13 38.31 1.82
N ILE A 369 23.47 37.15 1.89
CA ILE A 369 23.17 36.54 3.18
C ILE A 369 24.45 36.31 3.96
N VAL A 370 25.48 35.81 3.29
CA VAL A 370 26.73 35.50 3.96
C VAL A 370 27.40 36.77 4.48
N ASP A 371 27.40 37.83 3.67
CA ASP A 371 28.03 39.07 4.10
C ASP A 371 27.25 39.70 5.25
N LEU A 372 25.93 39.60 5.21
CA LEU A 372 25.11 40.05 6.33
C LEU A 372 25.47 39.31 7.60
N PHE A 373 25.42 37.97 7.55
CA PHE A 373 25.78 37.17 8.70
C PHE A 373 27.16 37.53 9.23
N THR A 374 28.12 37.76 8.34
CA THR A 374 29.45 38.14 8.79
C THR A 374 29.45 39.50 9.46
N GLY A 375 28.71 40.46 8.93
CA GLY A 375 28.56 41.74 9.59
C GLY A 375 27.92 41.60 10.96
N LEU A 376 27.10 40.57 11.14
CA LEU A 376 26.51 40.28 12.44
C LEU A 376 27.42 39.43 13.33
N GLY A 377 28.52 38.93 12.79
CA GLY A 377 29.39 38.05 13.55
C GLY A 377 28.92 36.61 13.63
N TRP A 378 28.14 36.15 12.65
CA TRP A 378 27.57 34.82 12.68
C TRP A 378 28.37 33.87 11.80
N ALA A 379 29.51 33.44 12.33
CA ALA A 379 30.35 32.49 11.61
C ALA A 379 29.69 31.12 11.52
N ALA A 380 29.22 30.62 12.66
CA ALA A 380 28.54 29.33 12.67
C ALA A 380 27.40 29.31 11.66
N HIS A 381 26.67 30.41 11.55
CA HIS A 381 25.51 30.44 10.68
C HIS A 381 25.90 30.53 9.21
N VAL A 382 26.99 31.22 8.88
CA VAL A 382 27.42 31.21 7.48
C VAL A 382 27.89 29.81 7.11
N GLN A 383 28.52 29.10 8.03
CA GLN A 383 28.92 27.72 7.74
C GLN A 383 27.69 26.85 7.53
N THR A 384 26.71 26.95 8.43
CA THR A 384 25.47 26.18 8.26
C THR A 384 24.80 26.54 6.94
N HIS A 385 24.80 27.81 6.59
CA HIS A 385 24.13 28.27 5.38
C HIS A 385 24.80 27.69 4.14
N LYS A 386 26.12 27.77 4.06
CA LYS A 386 26.82 27.23 2.90
C LYS A 386 26.72 25.71 2.87
N LYS A 387 26.66 25.07 4.04
CA LYS A 387 26.47 23.63 4.10
C LYS A 387 25.14 23.23 3.47
N ILE A 388 24.05 23.82 3.96
CA ILE A 388 22.74 23.56 3.37
C ILE A 388 22.75 23.89 1.89
N GLU A 389 23.41 24.97 1.52
CA GLU A 389 23.49 25.38 0.12
C GLU A 389 24.08 24.27 -0.74
N LYS A 390 25.29 23.85 -0.41
CA LYS A 390 26.01 22.92 -1.28
C LYS A 390 25.42 21.51 -1.22
N GLU A 391 24.91 21.10 -0.07
CA GLU A 391 24.41 19.74 0.06
C GLU A 391 22.99 19.59 -0.46
N ALA A 392 22.10 20.50 -0.07
CA ALA A 392 20.70 20.38 -0.42
C ALA A 392 20.38 21.06 -1.74
N TYR A 393 21.07 22.15 -2.05
CA TYR A 393 20.85 22.95 -3.25
C TYR A 393 22.13 22.95 -4.08
N PRO A 394 22.40 21.87 -4.81
CA PRO A 394 23.65 21.80 -5.58
C PRO A 394 23.66 22.69 -6.81
N MET A 395 22.50 23.21 -7.22
CA MET A 395 22.42 24.00 -8.44
C MET A 395 22.97 25.41 -8.27
N CYS A 396 23.24 25.83 -7.04
CA CYS A 396 23.89 27.11 -6.84
C CYS A 396 25.38 27.04 -7.14
N ASP A 397 26.01 25.89 -6.85
CA ASP A 397 27.41 25.71 -7.16
C ASP A 397 27.61 25.17 -8.57
N ALA A 398 26.72 24.29 -9.02
CA ALA A 398 26.86 23.71 -10.35
C ALA A 398 26.52 24.73 -11.43
N ASN A 399 25.34 25.33 -11.35
CA ASN A 399 24.88 26.27 -12.36
C ASN A 399 25.15 27.68 -11.88
N PRO A 400 26.10 28.41 -12.49
CA PRO A 400 26.42 29.76 -12.00
C PRO A 400 25.35 30.79 -12.27
N GLN A 401 24.25 30.42 -12.93
CA GLN A 401 23.16 31.33 -13.25
C GLN A 401 21.84 30.75 -12.75
N SER A 402 21.83 30.29 -11.50
CA SER A 402 20.66 29.66 -10.91
C SER A 402 19.84 30.67 -10.13
N THR A 403 18.53 30.64 -10.32
CA THR A 403 17.60 31.58 -9.73
C THR A 403 16.39 30.86 -9.17
N HIS A 404 16.62 29.72 -8.54
CA HIS A 404 15.54 28.83 -8.15
C HIS A 404 15.58 28.42 -6.69
N ALA A 405 16.76 28.23 -6.11
CA ALA A 405 16.85 27.80 -4.73
C ALA A 405 16.19 28.81 -3.80
N TYR A 406 16.75 30.01 -3.74
CA TYR A 406 16.26 31.03 -2.85
C TYR A 406 15.00 31.67 -3.40
N VAL A 407 14.10 32.03 -2.49
CA VAL A 407 12.79 32.55 -2.83
C VAL A 407 12.53 33.86 -2.11
N TRP A 408 12.70 33.88 -0.79
CA TRP A 408 12.55 35.08 0.02
C TRP A 408 13.61 35.09 1.10
N ILE A 409 13.86 36.29 1.63
CA ILE A 409 14.63 36.47 2.85
C ILE A 409 13.83 37.39 3.75
N SER A 410 13.73 37.03 5.02
CA SER A 410 12.82 37.70 5.94
C SER A 410 13.60 38.24 7.12
N LEU A 411 13.40 39.52 7.41
CA LEU A 411 14.08 40.21 8.49
C LEU A 411 13.08 40.61 9.55
N ALA A 412 13.37 40.27 10.79
CA ALA A 412 12.61 40.69 11.94
C ALA A 412 13.60 40.96 13.07
N TYR A 413 13.22 41.86 13.95
CA TYR A 413 14.09 42.27 15.05
C TYR A 413 13.32 42.18 16.36
N LYS A 414 13.85 41.40 17.29
CA LYS A 414 13.28 41.22 18.61
C LYS A 414 14.32 41.62 19.64
N LYS A 415 13.87 41.80 20.89
CA LYS A 415 14.79 42.20 21.93
C LYS A 415 15.95 41.23 22.09
N THR A 416 15.81 40.01 21.56
CA THR A 416 16.94 39.10 21.50
C THR A 416 18.02 39.65 20.57
N GLY A 417 17.61 40.26 19.47
CA GLY A 417 18.50 40.67 18.42
C GLY A 417 17.82 40.49 17.08
N PRO A 418 18.61 40.47 16.01
CA PRO A 418 18.02 40.23 14.69
C PRO A 418 17.45 38.84 14.59
N TYR A 419 16.61 38.67 13.56
CA TYR A 419 15.97 37.39 13.28
C TYR A 419 15.81 37.32 11.76
N ILE A 420 16.81 36.75 11.12
CA ILE A 420 16.82 36.58 9.67
C ILE A 420 16.39 35.16 9.36
N THR A 421 15.76 34.98 8.21
CA THR A 421 15.08 33.74 7.88
C THR A 421 15.13 33.54 6.37
N VAL A 422 15.92 32.56 5.94
CA VAL A 422 16.14 32.30 4.52
C VAL A 422 15.14 31.26 4.06
N TYR A 423 14.28 31.65 3.12
CA TYR A 423 13.21 30.79 2.62
C TYR A 423 13.64 30.28 1.26
N THR A 424 13.92 28.98 1.20
CA THR A 424 14.34 28.33 -0.02
C THR A 424 13.21 27.49 -0.60
N ASN A 425 13.32 27.22 -1.89
CA ASN A 425 12.41 26.32 -2.55
C ASN A 425 12.99 24.91 -2.50
N PRO A 426 12.30 23.95 -1.89
CA PRO A 426 12.86 22.60 -1.85
C PRO A 426 12.75 21.88 -3.19
N GLY A 427 11.70 22.18 -3.95
CA GLY A 427 11.52 21.58 -5.25
C GLY A 427 12.32 22.27 -6.34
N ALA A 428 13.38 22.97 -5.94
CA ALA A 428 14.26 23.59 -6.91
C ALA A 428 14.95 22.56 -7.80
N SER A 429 15.04 21.32 -7.34
CA SER A 429 15.51 20.22 -8.18
C SER A 429 14.57 19.95 -9.34
N ILE A 430 13.32 20.42 -9.25
CA ILE A 430 12.35 20.19 -10.31
C ILE A 430 12.42 21.27 -11.38
N LEU A 431 12.95 22.44 -11.05
CA LEU A 431 13.07 23.56 -11.97
C LEU A 431 14.42 23.58 -12.67
N GLU A 432 15.20 22.51 -12.54
CA GLU A 432 16.50 22.42 -13.16
C GLU A 432 16.62 21.15 -13.98
N SER B 23 -19.51 4.87 -20.23
CA SER B 23 -18.74 3.64 -19.87
C SER B 23 -17.25 3.88 -19.82
N PRO B 24 -16.65 3.78 -18.64
CA PRO B 24 -15.21 3.65 -18.56
C PRO B 24 -14.79 2.24 -18.95
N SER B 25 -13.66 2.14 -19.60
CA SER B 25 -13.18 0.83 -19.96
C SER B 25 -12.30 0.29 -18.84
N PRO B 26 -12.21 -1.03 -18.71
CA PRO B 26 -11.61 -1.62 -17.51
C PRO B 26 -10.28 -1.03 -17.11
N TRP B 27 -9.42 -0.68 -18.06
CA TRP B 27 -8.10 -0.19 -17.69
C TRP B 27 -8.19 1.17 -17.02
N ASP B 28 -9.03 2.06 -17.54
CA ASP B 28 -9.20 3.38 -16.92
C ASP B 28 -9.77 3.23 -15.51
N PHE B 29 -10.89 2.54 -15.38
CA PHE B 29 -11.53 2.38 -14.08
C PHE B 29 -10.61 1.72 -13.08
N LEU B 30 -9.83 0.74 -13.52
CA LEU B 30 -8.94 0.03 -12.61
C LEU B 30 -7.78 0.91 -12.20
N GLY B 31 -7.23 1.69 -13.12
CA GLY B 31 -6.20 2.63 -12.74
C GLY B 31 -6.72 3.69 -11.79
N ARG B 32 -8.03 3.94 -11.83
CA ARG B 32 -8.61 4.91 -10.92
C ARG B 32 -8.80 4.34 -9.52
N VAL B 33 -9.28 3.11 -9.42
CA VAL B 33 -9.60 2.55 -8.11
C VAL B 33 -8.45 1.77 -7.49
N LEU B 34 -7.57 1.18 -8.29
CA LEU B 34 -6.61 0.23 -7.76
C LEU B 34 -5.51 0.95 -7.00
N GLN B 35 -5.06 0.30 -5.93
CA GLN B 35 -3.93 0.77 -5.14
C GLN B 35 -2.70 -0.03 -5.53
N PHE B 36 -1.63 0.67 -5.87
CA PHE B 36 -0.41 0.05 -6.35
C PHE B 36 0.66 0.09 -5.29
N GLN B 37 1.33 -1.05 -5.09
CA GLN B 37 2.40 -1.12 -4.10
C GLN B 37 3.48 -0.09 -4.40
N HIS B 38 3.83 0.07 -5.66
CA HIS B 38 4.96 0.87 -6.08
C HIS B 38 4.55 1.78 -7.21
N GLY B 39 5.34 2.84 -7.42
CA GLY B 39 5.04 3.76 -8.51
C GLY B 39 5.32 3.15 -9.87
N ASP B 40 6.42 2.42 -9.99
CA ASP B 40 6.74 1.77 -11.26
C ASP B 40 5.62 0.86 -11.71
N HIS B 41 4.89 0.26 -10.79
CA HIS B 41 3.73 -0.54 -11.17
C HIS B 41 2.65 0.34 -11.77
N LYS B 42 2.47 1.53 -11.21
CA LYS B 42 1.48 2.46 -11.75
C LYS B 42 1.86 2.90 -13.15
N ARG B 43 3.15 3.16 -13.38
CA ARG B 43 3.60 3.60 -14.70
C ARG B 43 3.50 2.48 -15.71
N TRP B 44 3.94 1.28 -15.35
CA TRP B 44 3.77 0.12 -16.22
C TRP B 44 2.31 -0.10 -16.54
N TRP B 45 1.42 0.14 -15.58
CA TRP B 45 0.00 0.02 -15.85
C TRP B 45 -0.42 1.03 -16.89
N ASP B 46 -0.15 2.31 -16.63
CA ASP B 46 -0.50 3.36 -17.56
C ASP B 46 0.00 3.07 -18.97
N VAL B 47 1.11 2.34 -19.08
CA VAL B 47 1.69 2.09 -20.40
C VAL B 47 1.05 0.87 -21.05
N LEU B 48 0.96 -0.23 -20.33
CA LEU B 48 0.55 -1.51 -20.90
C LEU B 48 -0.94 -1.74 -20.84
N ALA B 49 -1.55 -1.57 -19.67
CA ALA B 49 -2.95 -1.88 -19.51
C ALA B 49 -3.81 -1.32 -20.63
N PRO B 50 -3.60 -0.10 -21.10
CA PRO B 50 -4.25 0.30 -22.35
C PRO B 50 -4.02 -0.68 -23.47
N VAL B 51 -2.76 -1.05 -23.72
CA VAL B 51 -2.44 -1.94 -24.83
C VAL B 51 -3.10 -3.29 -24.63
N PHE B 52 -2.85 -3.92 -23.50
CA PHE B 52 -3.39 -5.25 -23.26
C PHE B 52 -4.91 -5.25 -23.29
N GLY B 53 -5.53 -4.26 -22.66
CA GLY B 53 -6.97 -4.20 -22.62
C GLY B 53 -7.59 -3.95 -23.98
N ILE B 54 -6.95 -3.10 -24.78
CA ILE B 54 -7.48 -2.82 -26.11
C ILE B 54 -7.31 -4.04 -27.00
N SER B 55 -6.20 -4.75 -26.87
CA SER B 55 -6.03 -5.99 -27.63
C SER B 55 -7.08 -7.02 -27.23
N MET B 56 -7.27 -7.22 -25.92
CA MET B 56 -8.25 -8.19 -25.45
C MET B 56 -9.66 -7.79 -25.86
N ALA B 57 -9.96 -6.50 -25.92
CA ALA B 57 -11.30 -6.06 -26.25
C ALA B 57 -11.56 -6.10 -27.74
N SER B 58 -10.55 -5.84 -28.55
CA SER B 58 -10.69 -5.95 -29.99
C SER B 58 -10.76 -7.41 -30.44
N ILE B 59 -10.06 -8.29 -29.71
CA ILE B 59 -10.18 -9.71 -29.95
C ILE B 59 -11.63 -10.16 -29.78
N GLY B 60 -12.29 -9.66 -28.74
CA GLY B 60 -13.66 -10.02 -28.46
C GLY B 60 -13.84 -10.59 -27.08
N TYR B 61 -12.94 -10.26 -26.17
CA TYR B 61 -13.03 -10.77 -24.81
C TYR B 61 -14.25 -10.18 -24.11
N LYS B 62 -14.76 -10.92 -23.13
CA LYS B 62 -15.80 -10.40 -22.28
C LYS B 62 -15.22 -9.40 -21.29
N LEU B 63 -16.09 -8.54 -20.76
CA LEU B 63 -15.64 -7.48 -19.88
C LEU B 63 -15.01 -8.04 -18.61
N ASP B 64 -15.63 -9.05 -18.02
CA ASP B 64 -15.09 -9.61 -16.79
C ASP B 64 -13.76 -10.30 -17.03
N VAL B 65 -13.56 -10.84 -18.23
CA VAL B 65 -12.27 -11.45 -18.53
C VAL B 65 -11.20 -10.38 -18.66
N GLN B 66 -11.53 -9.24 -19.28
CA GLN B 66 -10.63 -8.11 -19.27
C GLN B 66 -10.27 -7.73 -17.84
N TYR B 67 -11.26 -7.64 -16.97
CA TYR B 67 -10.99 -7.30 -15.58
C TYR B 67 -10.08 -8.31 -14.92
N ARG B 68 -10.37 -9.60 -15.10
CA ARG B 68 -9.57 -10.65 -14.48
C ARG B 68 -8.13 -10.60 -14.96
N HIS B 69 -7.92 -10.48 -16.26
CA HIS B 69 -6.57 -10.51 -16.80
C HIS B 69 -5.80 -9.25 -16.45
N LEU B 70 -6.48 -8.10 -16.42
CA LEU B 70 -5.81 -6.87 -16.02
C LEU B 70 -5.45 -6.91 -14.55
N LEU B 71 -6.25 -7.57 -13.73
CA LEU B 71 -5.91 -7.71 -12.32
C LEU B 71 -4.78 -8.71 -12.12
N VAL B 72 -4.76 -9.78 -12.93
CA VAL B 72 -3.61 -10.68 -12.94
C VAL B 72 -2.34 -9.91 -13.28
N LEU B 73 -2.39 -9.13 -14.36
CA LEU B 73 -1.26 -8.28 -14.73
C LEU B 73 -0.88 -7.35 -13.59
N TYR B 74 -1.87 -6.83 -12.86
CA TYR B 74 -1.60 -5.86 -11.81
C TYR B 74 -0.94 -6.52 -10.60
N ASP B 75 -1.30 -7.76 -10.30
CA ASP B 75 -0.79 -8.45 -9.12
C ASP B 75 0.41 -9.33 -9.42
N ALA B 76 0.30 -10.21 -10.41
CA ALA B 76 1.33 -11.18 -10.70
C ALA B 76 2.45 -10.62 -11.54
N VAL B 77 2.12 -9.95 -12.64
CA VAL B 77 3.07 -9.59 -13.67
C VAL B 77 3.78 -8.28 -13.33
N ILE B 78 3.00 -7.20 -13.24
CA ILE B 78 3.62 -5.86 -13.14
C ILE B 78 4.66 -5.81 -12.04
N PRO B 79 4.45 -6.37 -10.85
CA PRO B 79 5.51 -6.35 -9.83
C PRO B 79 6.73 -7.14 -10.23
N ASN B 80 6.66 -7.90 -11.32
CA ASN B 80 7.78 -8.69 -11.78
C ASN B 80 8.10 -8.31 -13.23
N MET B 81 8.11 -7.01 -13.48
CA MET B 81 8.61 -6.44 -14.71
C MET B 81 9.91 -5.67 -14.52
N GLY B 82 10.11 -5.11 -13.35
CA GLY B 82 11.28 -4.33 -13.07
C GLY B 82 10.98 -2.87 -13.02
N PRO B 83 12.02 -2.06 -12.79
CA PRO B 83 11.84 -0.62 -12.74
C PRO B 83 11.28 -0.10 -14.06
N PHE B 84 10.71 1.07 -13.98
CA PHE B 84 10.21 1.71 -15.18
C PHE B 84 11.29 2.59 -15.78
N PRO B 85 11.51 2.54 -17.08
CA PRO B 85 12.57 3.34 -17.68
C PRO B 85 12.29 4.83 -17.65
N ASN B 86 13.05 5.57 -16.86
CA ASN B 86 13.11 7.01 -17.05
C ASN B 86 13.76 7.27 -18.40
N SER B 87 13.84 8.54 -18.80
CA SER B 87 14.25 8.84 -20.16
C SER B 87 15.67 8.34 -20.43
N ASN B 88 16.59 8.58 -19.51
CA ASN B 88 17.95 8.09 -19.69
C ASN B 88 18.11 6.63 -19.31
N ALA B 89 17.03 5.96 -18.90
CA ALA B 89 17.08 4.56 -18.48
C ALA B 89 18.21 4.34 -17.48
N SER B 90 18.33 5.26 -16.54
CA SER B 90 19.39 5.20 -15.54
C SER B 90 19.12 4.14 -14.48
N ASN B 91 17.85 3.94 -14.13
CA ASN B 91 17.48 3.05 -13.03
C ASN B 91 17.48 1.59 -13.42
N ILE B 92 17.59 1.28 -14.70
CA ILE B 92 17.51 -0.10 -15.18
C ILE B 92 18.88 -0.74 -15.02
N THR B 93 19.03 -1.56 -13.97
CA THR B 93 20.28 -2.22 -13.68
C THR B 93 20.37 -3.61 -14.31
N TRP B 94 19.24 -4.22 -14.65
CA TRP B 94 19.21 -5.52 -15.30
C TRP B 94 19.42 -5.31 -16.79
N THR B 95 20.65 -5.45 -17.23
CA THR B 95 21.00 -5.17 -18.61
C THR B 95 20.35 -6.16 -19.57
N SER B 96 19.99 -5.68 -20.74
CA SER B 96 19.34 -6.50 -21.74
C SER B 96 19.47 -5.83 -23.09
N PRO B 97 19.63 -6.58 -24.19
CA PRO B 97 19.61 -5.95 -25.51
C PRO B 97 18.24 -5.43 -25.89
N PHE B 98 17.18 -6.10 -25.44
CA PHE B 98 15.84 -5.63 -25.68
C PHE B 98 15.50 -4.49 -24.73
N PRO B 99 14.56 -3.62 -25.11
CA PRO B 99 14.13 -2.58 -24.20
C PRO B 99 13.34 -3.17 -23.05
N PRO B 100 13.30 -2.51 -21.90
CA PRO B 100 12.58 -3.04 -20.76
C PRO B 100 11.10 -3.21 -21.06
N GLY B 101 10.45 -4.00 -20.21
CA GLY B 101 9.06 -4.32 -20.40
C GLY B 101 8.86 -5.68 -20.99
N PRO B 102 7.61 -6.02 -21.29
CA PRO B 102 7.33 -7.28 -21.95
C PRO B 102 8.07 -7.39 -23.27
N LEU B 103 8.80 -8.49 -23.42
CA LEU B 103 9.52 -8.74 -24.67
C LEU B 103 8.58 -8.63 -25.87
N GLU B 104 7.31 -8.99 -25.67
CA GLU B 104 6.32 -8.82 -26.73
C GLU B 104 4.94 -9.04 -26.15
N ALA B 105 3.95 -8.54 -26.88
CA ALA B 105 2.55 -8.85 -26.66
C ALA B 105 1.96 -9.32 -27.97
N SER B 106 1.43 -10.52 -27.98
CA SER B 106 1.08 -11.23 -29.18
C SER B 106 -0.43 -11.31 -29.34
N VAL B 107 -0.88 -11.26 -30.59
CA VAL B 107 -2.28 -11.50 -30.93
C VAL B 107 -2.30 -12.53 -32.04
N ASN B 108 -2.84 -13.70 -31.73
CA ASN B 108 -2.90 -14.80 -32.65
C ASN B 108 -4.03 -14.61 -33.66
N TYR B 109 -3.82 -15.15 -34.86
CA TYR B 109 -4.80 -15.05 -35.95
C TYR B 109 -4.84 -16.38 -36.68
N GLN B 110 -5.93 -17.12 -36.52
CA GLN B 110 -6.17 -18.35 -37.24
C GLN B 110 -7.39 -18.19 -38.14
N ALA B 111 -7.79 -19.30 -38.76
CA ALA B 111 -9.00 -19.36 -39.57
C ALA B 111 -9.94 -20.37 -38.94
N GLY B 112 -10.95 -19.87 -38.23
CA GLY B 112 -11.95 -20.72 -37.62
C GLY B 112 -11.88 -20.68 -36.10
N GLU B 113 -10.67 -20.75 -35.55
CA GLU B 113 -10.50 -20.64 -34.11
C GLU B 113 -10.31 -19.18 -33.72
N SER B 114 -10.75 -18.84 -32.52
CA SER B 114 -10.80 -17.46 -32.12
C SER B 114 -9.43 -16.96 -31.71
N SER B 115 -9.18 -15.68 -31.98
CA SER B 115 -7.91 -15.07 -31.63
C SER B 115 -7.67 -15.14 -30.13
N MET B 116 -6.40 -15.11 -29.75
CA MET B 116 -6.00 -15.18 -28.36
C MET B 116 -4.89 -14.18 -28.11
N PHE B 117 -4.87 -13.64 -26.90
CA PHE B 117 -3.87 -12.68 -26.50
C PHE B 117 -2.81 -13.38 -25.67
N ARG B 118 -1.57 -12.97 -25.87
CA ARG B 118 -0.44 -13.50 -25.13
C ARG B 118 0.54 -12.37 -24.91
N PHE B 119 1.46 -12.59 -23.98
CA PHE B 119 2.54 -11.66 -23.76
C PHE B 119 3.59 -12.34 -22.92
N THR B 120 4.82 -12.35 -23.44
CA THR B 120 5.93 -12.98 -22.74
C THR B 120 6.76 -11.89 -22.08
N ILE B 121 7.22 -12.19 -20.89
CA ILE B 121 7.92 -11.26 -20.04
C ILE B 121 9.07 -11.98 -19.38
N GLU B 122 10.25 -11.37 -19.41
CA GLU B 122 11.37 -11.86 -18.62
C GLU B 122 11.19 -11.33 -17.21
N PRO B 123 10.77 -12.15 -16.25
CA PRO B 123 10.48 -11.60 -14.93
C PRO B 123 11.72 -11.02 -14.29
N VAL B 124 11.70 -9.71 -14.12
CA VAL B 124 12.80 -8.96 -13.53
C VAL B 124 12.37 -8.54 -12.14
N GLY B 125 13.26 -8.70 -11.17
CA GLY B 125 13.00 -8.25 -9.84
C GLY B 125 13.25 -6.77 -9.73
N PRO B 126 12.78 -6.17 -8.63
CA PRO B 126 12.98 -4.72 -8.46
C PRO B 126 14.43 -4.34 -8.25
N HIS B 127 15.31 -5.29 -7.97
CA HIS B 127 16.72 -5.01 -7.71
C HIS B 127 17.64 -5.91 -8.53
N ALA B 128 17.13 -6.48 -9.61
CA ALA B 128 17.93 -7.38 -10.41
C ALA B 128 19.04 -6.62 -11.12
N GLY B 129 20.19 -7.27 -11.25
CA GLY B 129 21.36 -6.65 -11.80
C GLY B 129 22.26 -6.01 -10.76
N THR B 130 21.72 -5.71 -9.59
CA THR B 130 22.48 -5.16 -8.49
C THR B 130 22.98 -6.28 -7.59
N PRO B 131 24.00 -6.00 -6.76
CA PRO B 131 24.56 -7.06 -5.91
C PRO B 131 23.53 -7.80 -5.07
N ALA B 132 22.37 -7.20 -4.83
CA ALA B 132 21.37 -7.85 -3.99
C ALA B 132 20.65 -8.98 -4.73
N ASP B 133 20.53 -8.87 -6.05
CA ASP B 133 19.88 -9.90 -6.87
C ASP B 133 20.58 -9.92 -8.23
N PRO B 134 21.85 -10.31 -8.26
CA PRO B 134 22.65 -10.14 -9.47
C PRO B 134 22.31 -11.08 -10.61
N VAL B 135 21.45 -12.07 -10.40
CA VAL B 135 21.07 -12.98 -11.48
C VAL B 135 19.56 -13.16 -11.51
N ASN B 136 18.83 -12.35 -10.75
CA ASN B 136 17.37 -12.28 -10.85
C ASN B 136 16.75 -13.67 -10.72
N GLU B 137 16.95 -14.29 -9.55
CA GLU B 137 16.50 -15.66 -9.38
C GLU B 137 15.05 -15.74 -8.91
N LEU B 138 14.56 -14.74 -8.19
CA LEU B 138 13.28 -14.83 -7.51
C LEU B 138 12.10 -14.40 -8.38
N ALA B 139 12.30 -13.45 -9.28
CA ALA B 139 11.18 -12.84 -9.99
C ALA B 139 10.32 -13.89 -10.68
N ALA B 140 10.93 -14.80 -11.43
CA ALA B 140 10.16 -15.80 -12.14
C ALA B 140 9.45 -16.73 -11.16
N LYS B 141 10.10 -17.05 -10.05
CA LYS B 141 9.47 -17.92 -9.07
C LYS B 141 8.34 -17.20 -8.34
N GLN B 142 8.55 -15.93 -7.98
CA GLN B 142 7.47 -15.14 -7.42
C GLN B 142 6.28 -15.07 -8.36
N LEU B 143 6.54 -14.92 -9.65
CA LEU B 143 5.46 -14.84 -10.63
C LEU B 143 4.74 -16.17 -10.74
N MET B 144 5.47 -17.27 -10.82
CA MET B 144 4.84 -18.59 -10.84
C MET B 144 3.98 -18.78 -9.60
N GLN B 145 4.48 -18.33 -8.45
CA GLN B 145 3.75 -18.48 -7.19
C GLN B 145 2.45 -17.68 -7.22
N ARG B 146 2.52 -16.42 -7.63
CA ARG B 146 1.30 -15.62 -7.74
C ARG B 146 0.32 -16.26 -8.71
N LEU B 147 0.78 -16.73 -9.86
CA LEU B 147 -0.13 -17.35 -10.82
C LEU B 147 -0.77 -18.59 -10.24
N GLY B 148 -0.02 -19.35 -9.44
CA GLY B 148 -0.60 -20.54 -8.83
C GLY B 148 -1.58 -20.22 -7.73
N GLN B 149 -1.35 -19.13 -7.01
CA GLN B 149 -2.24 -18.72 -5.95
C GLN B 149 -3.52 -18.09 -6.46
N LEU B 150 -3.46 -17.33 -7.56
CA LEU B 150 -4.66 -16.75 -8.13
C LEU B 150 -5.53 -17.80 -8.80
N GLN B 151 -4.96 -18.95 -9.12
CA GLN B 151 -5.72 -20.08 -9.67
C GLN B 151 -5.04 -21.36 -9.22
N PRO B 152 -5.41 -21.89 -8.06
CA PRO B 152 -4.75 -23.09 -7.56
C PRO B 152 -4.95 -24.27 -8.50
N GLY B 153 -3.86 -24.98 -8.78
CA GLY B 153 -3.91 -26.11 -9.67
C GLY B 153 -3.90 -25.74 -11.14
N GLY B 154 -3.56 -24.51 -11.48
CA GLY B 154 -3.50 -24.08 -12.85
C GLY B 154 -2.08 -24.02 -13.37
N VAL B 155 -1.12 -24.05 -12.46
CA VAL B 155 0.30 -23.95 -12.77
C VAL B 155 0.95 -25.23 -12.28
N ASP B 156 1.10 -26.21 -13.17
CA ASP B 156 1.75 -27.46 -12.84
C ASP B 156 3.24 -27.31 -13.07
N SER B 157 4.04 -27.57 -12.03
CA SER B 157 5.49 -27.44 -12.08
C SER B 157 6.17 -28.80 -12.18
N THR B 158 5.57 -29.73 -12.90
CA THR B 158 6.18 -31.04 -13.10
C THR B 158 7.35 -30.96 -14.08
N MET B 159 7.20 -30.22 -15.16
CA MET B 159 8.29 -30.05 -16.12
C MET B 159 9.24 -28.96 -15.68
N PHE B 160 8.72 -27.90 -15.05
CA PHE B 160 9.57 -26.84 -14.55
C PHE B 160 10.59 -27.40 -13.56
N ASP B 161 10.14 -28.27 -12.66
CA ASP B 161 11.02 -28.78 -11.62
C ASP B 161 12.03 -29.78 -12.15
N HIS B 162 11.77 -30.36 -13.32
CA HIS B 162 12.73 -31.28 -13.92
C HIS B 162 13.74 -30.53 -14.77
N PHE B 163 13.31 -29.53 -15.52
CA PHE B 163 14.20 -28.76 -16.38
C PHE B 163 14.93 -27.65 -15.65
N TYR B 164 14.55 -27.32 -14.41
CA TYR B 164 15.21 -26.23 -13.71
C TYR B 164 16.67 -26.54 -13.42
N PRO B 165 17.02 -27.68 -12.80
CA PRO B 165 18.44 -27.94 -12.52
C PRO B 165 19.25 -28.18 -13.76
N LEU B 166 18.63 -28.68 -14.82
CA LEU B 166 19.36 -29.04 -16.02
C LEU B 166 19.68 -27.81 -16.86
N LEU B 167 18.69 -26.96 -17.10
CA LEU B 167 18.84 -25.82 -18.00
C LEU B 167 19.08 -24.51 -17.29
N CYS B 168 18.49 -24.30 -16.12
CA CYS B 168 18.56 -23.02 -15.44
C CYS B 168 19.56 -23.08 -14.30
N VAL B 169 20.08 -21.92 -13.96
CA VAL B 169 21.10 -21.76 -12.93
C VAL B 169 20.43 -21.12 -11.73
N ASP B 170 20.52 -21.77 -10.57
CA ASP B 170 20.05 -21.16 -9.35
C ASP B 170 20.88 -19.93 -9.03
N GLY B 171 20.49 -19.21 -8.01
CA GLY B 171 21.20 -18.02 -7.61
C GLY B 171 22.58 -18.34 -7.11
N PRO B 172 22.68 -19.31 -6.21
CA PRO B 172 23.99 -19.69 -5.68
C PRO B 172 25.01 -20.10 -6.73
N GLU B 173 24.66 -21.04 -7.61
CA GLU B 173 25.58 -21.46 -8.65
C GLU B 173 26.08 -20.26 -9.45
N ALA B 174 25.13 -19.47 -9.98
CA ALA B 174 25.50 -18.30 -10.76
C ALA B 174 26.33 -17.31 -9.97
N ARG B 175 26.23 -17.32 -8.64
CA ARG B 175 26.98 -16.38 -7.83
C ARG B 175 28.38 -16.86 -7.53
N ARG B 176 28.58 -18.18 -7.39
CA ARG B 176 29.92 -18.71 -7.23
C ARG B 176 30.56 -19.04 -8.56
N GLN B 177 29.77 -19.35 -9.56
CA GLN B 177 30.24 -19.42 -10.95
C GLN B 177 30.03 -18.09 -11.66
N TRP B 178 30.51 -17.01 -11.05
CA TRP B 178 30.33 -15.67 -11.60
C TRP B 178 31.43 -15.31 -12.57
N ASP B 179 32.68 -15.64 -12.23
CA ASP B 179 33.79 -15.42 -13.14
C ASP B 179 33.56 -16.06 -14.51
N SER B 180 32.61 -16.97 -14.61
CA SER B 180 32.32 -17.69 -15.84
C SER B 180 31.23 -17.04 -16.68
N ILE B 181 30.46 -16.11 -16.12
CA ILE B 181 29.27 -15.58 -16.78
C ILE B 181 29.26 -14.06 -16.74
N ALA B 182 30.10 -13.47 -15.90
CA ALA B 182 30.11 -12.01 -15.75
C ALA B 182 30.39 -11.29 -17.06
N HIS B 183 30.85 -11.99 -18.09
CA HIS B 183 31.04 -11.41 -19.40
C HIS B 183 29.76 -11.37 -20.22
N ILE B 184 28.75 -12.14 -19.85
CA ILE B 184 27.51 -12.16 -20.61
C ILE B 184 26.75 -10.86 -20.38
N TYR B 185 26.17 -10.33 -21.46
CA TYR B 185 25.40 -9.11 -21.37
C TYR B 185 24.00 -9.38 -20.82
N HIS B 186 23.27 -10.27 -21.48
CA HIS B 186 21.94 -10.67 -21.05
C HIS B 186 22.06 -11.97 -20.28
N LYS B 187 21.92 -11.88 -18.95
CA LYS B 187 21.99 -13.04 -18.08
C LYS B 187 20.62 -13.65 -17.83
N CYS B 188 19.73 -13.59 -18.81
CA CYS B 188 18.43 -14.22 -18.70
C CYS B 188 18.58 -15.71 -18.53
N HIS B 189 17.74 -16.29 -17.67
CA HIS B 189 17.73 -17.71 -17.42
C HIS B 189 16.33 -18.31 -17.42
N THR B 190 15.28 -17.51 -17.35
CA THR B 190 13.92 -18.02 -17.47
C THR B 190 13.00 -16.90 -17.89
N VAL B 191 12.08 -17.21 -18.79
CA VAL B 191 11.15 -16.25 -19.37
C VAL B 191 9.76 -16.87 -19.35
N THR B 192 8.80 -16.13 -18.81
CA THR B 192 7.43 -16.60 -18.66
C THR B 192 6.57 -15.97 -19.74
N ALA B 193 5.88 -16.81 -20.50
CA ALA B 193 4.89 -16.36 -21.47
C ALA B 193 3.50 -16.76 -20.99
N LEU B 194 2.71 -15.77 -20.62
CA LEU B 194 1.36 -15.98 -20.14
C LEU B 194 0.39 -15.92 -21.32
N ASP B 195 -0.44 -16.96 -21.44
CA ASP B 195 -1.42 -17.07 -22.51
C ASP B 195 -2.77 -16.70 -21.93
N MET B 196 -3.04 -15.40 -21.87
CA MET B 196 -4.33 -14.93 -21.40
C MET B 196 -5.45 -15.42 -22.31
N GLN B 197 -6.34 -16.24 -21.76
CA GLN B 197 -7.36 -16.93 -22.52
C GLN B 197 -8.71 -16.26 -22.37
N ARG B 198 -9.56 -16.42 -23.39
CA ARG B 198 -10.92 -15.91 -23.34
C ARG B 198 -11.72 -16.50 -22.20
N SER B 199 -11.25 -17.59 -21.61
CA SER B 199 -11.91 -18.24 -20.50
C SER B 199 -11.41 -17.75 -19.15
N ALA B 200 -10.71 -16.63 -19.13
CA ALA B 200 -10.14 -16.00 -17.93
C ALA B 200 -9.00 -16.80 -17.34
N ALA B 201 -8.68 -17.97 -17.90
CA ALA B 201 -7.58 -18.78 -17.41
C ALA B 201 -6.28 -18.29 -18.01
N CYS B 202 -5.33 -17.98 -17.15
CA CYS B 202 -4.01 -17.49 -17.57
C CYS B 202 -3.01 -18.62 -17.39
N THR B 203 -2.88 -19.45 -18.41
CA THR B 203 -1.91 -20.54 -18.37
C THR B 203 -0.52 -19.99 -18.66
N LEU B 204 0.46 -20.54 -17.96
CA LEU B 204 1.84 -20.09 -18.04
C LEU B 204 2.60 -20.90 -19.08
N LYS B 205 3.81 -20.43 -19.37
CA LYS B 205 4.67 -21.05 -20.35
C LYS B 205 6.08 -20.54 -20.10
N THR B 206 6.97 -21.43 -19.69
CA THR B 206 8.29 -21.06 -19.23
C THR B 206 9.33 -21.40 -20.27
N TYR B 207 10.26 -20.47 -20.49
CA TYR B 207 11.37 -20.64 -21.40
C TYR B 207 12.64 -20.74 -20.59
N PHE B 208 13.52 -21.66 -20.96
CA PHE B 208 14.81 -21.78 -20.30
C PHE B 208 15.93 -21.62 -21.31
N PRO B 209 16.56 -20.45 -21.40
CA PRO B 209 17.76 -20.32 -22.21
C PRO B 209 18.98 -20.81 -21.43
N PRO B 210 19.59 -21.90 -21.87
CA PRO B 210 20.66 -22.50 -21.08
C PRO B 210 22.02 -21.85 -21.28
N LEU B 211 22.04 -20.64 -21.83
CA LEU B 211 23.31 -19.97 -22.09
C LEU B 211 24.15 -19.86 -20.83
N LEU B 212 23.53 -19.49 -19.70
CA LEU B 212 24.24 -19.47 -18.43
C LEU B 212 24.75 -20.85 -18.06
N ARG B 213 23.87 -21.84 -18.10
CA ARG B 213 24.24 -23.19 -17.69
C ARG B 213 25.32 -23.77 -18.61
N SER B 214 25.16 -23.59 -19.91
CA SER B 214 26.17 -24.09 -20.84
C SER B 214 27.50 -23.37 -20.65
N THR B 215 27.46 -22.06 -20.44
CA THR B 215 28.69 -21.31 -20.23
C THR B 215 29.39 -21.72 -18.95
N ILE B 216 28.63 -22.15 -17.94
CA ILE B 216 29.25 -22.60 -16.70
C ILE B 216 29.84 -24.00 -16.88
N MET B 217 29.03 -24.91 -17.40
CA MET B 217 29.44 -26.29 -17.62
C MET B 217 30.26 -26.47 -18.89
N ASN B 218 30.49 -25.41 -19.65
CA ASN B 218 31.34 -25.44 -20.83
C ASN B 218 30.84 -26.46 -21.85
N THR B 219 29.54 -26.77 -21.81
CA THR B 219 28.92 -27.64 -22.79
C THR B 219 28.21 -26.81 -23.86
N SER B 220 27.51 -27.49 -24.75
CA SER B 220 26.83 -26.85 -25.86
C SER B 220 25.32 -26.84 -25.62
N MET B 221 24.65 -25.86 -26.22
CA MET B 221 23.21 -25.75 -26.04
C MET B 221 22.50 -26.99 -26.55
N VAL B 222 22.98 -27.55 -27.65
CA VAL B 222 22.35 -28.74 -28.21
C VAL B 222 22.41 -29.89 -27.21
N ASP B 223 23.62 -30.25 -26.79
CA ASP B 223 23.84 -31.43 -25.98
C ASP B 223 23.37 -31.26 -24.55
N ILE B 224 22.90 -30.08 -24.16
CA ILE B 224 22.31 -29.87 -22.85
C ILE B 224 20.79 -29.80 -22.94
N MET B 225 20.27 -28.98 -23.86
CA MET B 225 18.83 -28.93 -24.08
C MET B 225 18.28 -30.31 -24.38
N PHE B 226 18.84 -30.97 -25.39
CA PHE B 226 18.28 -32.24 -25.82
C PHE B 226 18.57 -33.37 -24.84
N ASP B 227 19.69 -33.30 -24.13
CA ASP B 227 19.94 -34.28 -23.07
C ASP B 227 18.91 -34.15 -21.96
N ALA B 228 18.57 -32.91 -21.57
CA ALA B 228 17.52 -32.72 -20.60
C ALA B 228 16.17 -33.21 -21.11
N VAL B 229 15.89 -32.97 -22.40
CA VAL B 229 14.65 -33.46 -22.97
C VAL B 229 14.58 -34.97 -22.90
N GLU B 230 15.69 -35.64 -23.19
CA GLU B 230 15.71 -37.10 -23.11
C GLU B 230 15.60 -37.59 -21.68
N SER B 231 16.22 -36.87 -20.75
CA SER B 231 16.04 -37.18 -19.33
C SER B 231 14.57 -37.16 -18.96
N PHE B 232 13.87 -36.09 -19.36
CA PHE B 232 12.43 -36.02 -19.07
C PHE B 232 11.65 -37.11 -19.80
N ARG B 233 12.09 -37.47 -21.00
CA ARG B 233 11.47 -38.59 -21.71
C ARG B 233 11.52 -39.85 -20.87
N LYS B 234 12.72 -40.28 -20.50
CA LYS B 234 12.86 -41.52 -19.77
C LYS B 234 12.22 -41.44 -18.38
N GLN B 235 12.24 -40.27 -17.77
CA GLN B 235 11.65 -40.12 -16.44
C GLN B 235 10.13 -40.10 -16.49
N SER B 236 9.55 -39.69 -17.61
CA SER B 236 8.11 -39.58 -17.76
C SER B 236 7.50 -40.71 -18.57
N GLY B 237 8.21 -41.21 -19.57
CA GLY B 237 7.63 -42.08 -20.56
C GLY B 237 6.93 -41.35 -21.68
N LEU B 238 6.90 -40.02 -21.64
CA LEU B 238 6.32 -39.24 -22.71
C LEU B 238 7.30 -39.15 -23.87
N TYR B 239 6.77 -39.13 -25.08
CA TYR B 239 7.57 -39.27 -26.27
C TYR B 239 7.76 -37.90 -26.91
N PHE B 240 8.92 -37.30 -26.66
CA PHE B 240 9.32 -36.00 -27.22
C PHE B 240 10.48 -36.26 -28.18
N ASP B 241 10.16 -36.55 -29.44
CA ASP B 241 11.20 -36.94 -30.39
C ASP B 241 11.97 -35.71 -30.83
N TYR B 242 13.17 -35.56 -30.27
CA TYR B 242 14.07 -34.46 -30.56
C TYR B 242 15.11 -34.81 -31.60
N THR B 243 15.02 -36.00 -32.22
CA THR B 243 16.09 -36.48 -33.07
C THR B 243 16.30 -35.55 -34.27
N LYS B 244 15.23 -35.23 -34.98
CA LYS B 244 15.36 -34.34 -36.14
C LYS B 244 16.05 -33.05 -35.75
N ILE B 245 15.66 -32.47 -34.61
CA ILE B 245 16.14 -31.15 -34.24
C ILE B 245 17.59 -31.23 -33.80
N LYS B 246 17.97 -32.27 -33.08
CA LYS B 246 19.36 -32.43 -32.70
C LYS B 246 20.24 -32.62 -33.91
N GLU B 247 19.83 -33.52 -34.82
CA GLU B 247 20.57 -33.72 -36.05
C GLU B 247 20.79 -32.40 -36.77
N PHE B 248 19.71 -31.68 -37.07
CA PHE B 248 19.85 -30.42 -37.79
C PHE B 248 20.73 -29.44 -37.03
N MET B 249 20.35 -29.09 -35.80
CA MET B 249 21.06 -28.06 -35.05
C MET B 249 22.49 -28.46 -34.73
N SER B 250 22.87 -29.71 -34.98
CA SER B 250 24.24 -30.15 -34.76
C SER B 250 25.09 -30.11 -36.02
N GLU B 251 24.50 -29.77 -37.16
CA GLU B 251 25.21 -29.75 -38.42
C GLU B 251 26.18 -28.57 -38.45
N GLU B 252 26.86 -28.41 -39.59
CA GLU B 252 27.84 -27.36 -39.79
C GLU B 252 27.26 -26.13 -40.46
N LYS B 253 26.59 -26.32 -41.60
CA LYS B 253 26.07 -25.18 -42.35
C LYS B 253 24.94 -24.48 -41.62
N THR B 254 24.34 -25.12 -40.61
CA THR B 254 23.36 -24.43 -39.78
C THR B 254 24.05 -23.48 -38.81
N HIS B 255 25.05 -23.99 -38.07
CA HIS B 255 25.88 -23.11 -37.27
C HIS B 255 26.50 -21.99 -38.11
N GLU B 256 26.65 -22.22 -39.41
CA GLU B 256 27.17 -21.17 -40.29
C GLU B 256 26.37 -19.88 -40.12
N THR B 257 25.05 -19.98 -40.05
CA THR B 257 24.17 -18.82 -39.85
C THR B 257 23.58 -18.75 -38.46
N MET B 258 23.41 -19.88 -37.78
CA MET B 258 22.67 -19.92 -36.54
C MET B 258 23.46 -19.26 -35.41
N MET B 259 22.76 -18.45 -34.62
CA MET B 259 23.30 -17.92 -33.36
C MET B 259 22.80 -18.82 -32.25
N VAL B 260 23.43 -20.00 -32.13
CA VAL B 260 22.95 -21.02 -31.21
C VAL B 260 22.94 -20.52 -29.77
N ASP B 261 23.65 -19.44 -29.47
CA ASP B 261 23.66 -18.89 -28.12
C ASP B 261 22.40 -18.11 -27.78
N ARG B 262 21.49 -17.96 -28.73
CA ARG B 262 20.22 -17.29 -28.52
C ARG B 262 19.06 -18.27 -28.51
N SER B 263 19.33 -19.53 -28.17
CA SER B 263 18.33 -20.58 -28.16
C SER B 263 17.79 -20.78 -26.76
N TYR B 264 16.61 -21.39 -26.68
CA TYR B 264 16.03 -21.74 -25.40
C TYR B 264 15.03 -22.87 -25.59
N LEU B 265 14.78 -23.58 -24.51
CA LEU B 265 13.81 -24.65 -24.47
C LEU B 265 12.55 -24.13 -23.81
N SER B 266 11.41 -24.34 -24.46
CA SER B 266 10.13 -23.88 -23.97
C SER B 266 9.23 -25.07 -23.66
N PHE B 267 8.39 -24.89 -22.64
CA PHE B 267 7.46 -25.92 -22.25
C PHE B 267 6.28 -25.27 -21.54
N ASP B 268 5.10 -25.84 -21.72
CA ASP B 268 3.90 -25.35 -21.07
C ASP B 268 3.83 -25.90 -19.66
N CYS B 269 3.70 -25.02 -18.68
CA CYS B 269 3.57 -25.40 -17.28
C CYS B 269 2.17 -25.97 -17.07
N LEU B 270 1.98 -27.19 -17.54
CA LEU B 270 0.71 -27.89 -17.46
C LEU B 270 0.99 -29.35 -17.17
N ASP B 271 -0.03 -30.18 -17.32
CA ASP B 271 0.14 -31.62 -17.25
C ASP B 271 1.10 -32.06 -18.36
N PRO B 272 2.26 -32.61 -18.03
CA PRO B 272 3.23 -32.97 -19.07
C PRO B 272 2.63 -33.79 -20.19
N ALA B 273 1.57 -34.54 -19.88
CA ALA B 273 0.88 -35.29 -20.93
C ALA B 273 0.28 -34.36 -21.97
N LYS B 274 -0.34 -33.27 -21.52
CA LYS B 274 -1.00 -32.33 -22.40
C LYS B 274 -0.13 -31.11 -22.72
N SER B 275 1.06 -31.02 -22.12
CA SER B 275 1.97 -29.94 -22.42
C SER B 275 2.76 -30.23 -23.69
N ARG B 276 3.46 -29.22 -24.17
CA ARG B 276 4.27 -29.32 -25.36
C ARG B 276 5.64 -28.72 -25.08
N ILE B 277 6.64 -29.24 -25.78
CA ILE B 277 8.00 -28.74 -25.67
C ILE B 277 8.37 -28.14 -27.02
N LYS B 278 9.15 -27.07 -26.97
CA LYS B 278 9.52 -26.33 -28.16
C LYS B 278 10.98 -25.94 -28.06
N ILE B 279 11.70 -26.12 -29.17
CA ILE B 279 13.09 -25.70 -29.29
C ILE B 279 13.13 -24.43 -30.11
N TYR B 280 13.90 -23.47 -29.66
CA TYR B 280 13.97 -22.14 -30.25
C TYR B 280 15.41 -21.80 -30.57
N THR B 281 15.62 -21.15 -31.71
CA THR B 281 16.94 -20.64 -32.05
C THR B 281 16.78 -19.45 -32.98
N GLU B 282 17.75 -18.55 -32.91
CA GLU B 282 17.81 -17.39 -33.78
C GLU B 282 18.68 -17.70 -34.99
N ALA B 283 18.65 -16.80 -35.96
CA ALA B 283 19.38 -17.01 -37.21
C ALA B 283 19.38 -15.73 -38.01
N LYS B 284 20.46 -15.50 -38.74
CA LYS B 284 20.63 -14.36 -39.62
C LYS B 284 20.90 -14.91 -41.02
N VAL B 285 19.83 -15.12 -41.78
CA VAL B 285 19.92 -15.70 -43.08
C VAL B 285 19.89 -14.59 -44.13
N LYS B 286 20.23 -14.94 -45.38
CA LYS B 286 20.25 -14.00 -46.48
C LYS B 286 19.32 -14.37 -47.62
N THR B 287 18.94 -15.64 -47.76
CA THR B 287 18.06 -16.07 -48.82
C THR B 287 17.04 -17.04 -48.26
N LEU B 288 15.99 -17.29 -49.04
CA LEU B 288 14.92 -18.19 -48.63
C LEU B 288 15.38 -19.64 -48.55
N GLU B 289 16.55 -19.97 -49.07
CA GLU B 289 17.03 -21.34 -48.98
C GLU B 289 17.49 -21.67 -47.56
N GLU B 290 18.19 -20.74 -46.92
CA GLU B 290 18.53 -20.93 -45.50
C GLU B 290 17.28 -20.88 -44.63
N ALA B 291 16.30 -20.05 -45.01
CA ALA B 291 15.05 -20.01 -44.27
C ALA B 291 14.35 -21.36 -44.34
N TYR B 292 14.32 -21.96 -45.53
CA TYR B 292 13.74 -23.30 -45.64
C TYR B 292 14.59 -24.33 -44.92
N SER B 293 15.90 -24.11 -44.85
CA SER B 293 16.77 -24.99 -44.05
C SER B 293 16.31 -25.01 -42.61
N PHE B 294 16.05 -23.84 -42.04
CA PHE B 294 15.63 -23.78 -40.63
C PHE B 294 14.21 -24.28 -40.47
N TRP B 295 13.30 -23.86 -41.34
CA TRP B 295 11.91 -24.28 -41.25
C TRP B 295 11.77 -25.79 -41.38
N SER B 296 12.59 -26.41 -42.22
CA SER B 296 12.45 -27.81 -42.57
C SER B 296 13.38 -28.73 -41.78
N LEU B 297 14.30 -28.16 -41.02
CA LEU B 297 15.33 -28.95 -40.33
C LEU B 297 16.19 -29.70 -41.34
N GLY B 298 16.64 -28.98 -42.36
CA GLY B 298 17.45 -29.57 -43.41
C GLY B 298 16.71 -30.61 -44.23
N GLY B 299 15.43 -30.38 -44.52
CA GLY B 299 14.64 -31.30 -45.29
C GLY B 299 14.05 -32.44 -44.50
N ARG B 300 14.51 -32.68 -43.28
CA ARG B 300 14.01 -33.79 -42.48
C ARG B 300 12.52 -33.66 -42.18
N LEU B 301 11.97 -32.46 -42.27
CA LEU B 301 10.54 -32.23 -42.08
C LEU B 301 9.93 -31.87 -43.42
N SER B 302 8.89 -32.60 -43.80
CA SER B 302 8.23 -32.38 -45.08
C SER B 302 6.76 -32.74 -44.94
N GLY B 303 6.06 -32.73 -46.07
CA GLY B 303 4.64 -32.98 -46.10
C GLY B 303 3.90 -31.78 -46.65
N PRO B 304 2.57 -31.89 -46.74
CA PRO B 304 1.79 -30.76 -47.26
C PRO B 304 1.90 -29.52 -46.39
N GLU B 305 2.03 -29.70 -45.08
CA GLU B 305 2.01 -28.56 -44.18
C GLU B 305 3.28 -27.73 -44.30
N ILE B 306 4.43 -28.37 -44.38
CA ILE B 306 5.68 -27.64 -44.58
C ILE B 306 5.61 -26.80 -45.85
N ASP B 307 5.10 -27.40 -46.94
CA ASP B 307 4.99 -26.67 -48.20
C ASP B 307 4.07 -25.47 -48.06
N TYR B 308 2.84 -25.70 -47.58
CA TYR B 308 1.87 -24.62 -47.49
C TYR B 308 2.32 -23.55 -46.51
N GLY B 309 3.16 -23.91 -45.54
CA GLY B 309 3.67 -22.93 -44.61
C GLY B 309 4.77 -22.08 -45.21
N PHE B 310 5.70 -22.71 -45.92
CA PHE B 310 6.77 -21.94 -46.52
C PHE B 310 6.28 -21.09 -47.68
N LYS B 311 5.16 -21.45 -48.30
CA LYS B 311 4.54 -20.54 -49.26
C LYS B 311 4.29 -19.19 -48.60
N ILE B 312 3.70 -19.22 -47.42
CA ILE B 312 3.33 -17.99 -46.73
C ILE B 312 4.57 -17.28 -46.18
N VAL B 313 5.54 -18.06 -45.72
CA VAL B 313 6.80 -17.46 -45.28
C VAL B 313 7.45 -16.71 -46.43
N SER B 314 7.45 -17.29 -47.63
CA SER B 314 8.04 -16.62 -48.78
C SER B 314 7.26 -15.37 -49.14
N GLN B 315 5.93 -15.47 -49.16
CA GLN B 315 5.09 -14.31 -49.42
C GLN B 315 5.45 -13.16 -48.49
N MET B 316 5.47 -13.42 -47.18
CA MET B 316 5.76 -12.34 -46.24
C MET B 316 7.21 -11.90 -46.30
N TRP B 317 8.12 -12.82 -46.63
CA TRP B 317 9.53 -12.45 -46.80
C TRP B 317 9.67 -11.39 -47.87
N ASP B 318 9.26 -11.72 -49.09
CA ASP B 318 9.39 -10.78 -50.19
C ASP B 318 8.35 -9.67 -50.15
N ALA B 319 7.46 -9.68 -49.15
CA ALA B 319 6.57 -8.54 -48.92
C ALA B 319 7.13 -7.55 -47.91
N ILE B 320 7.92 -7.99 -46.95
CA ILE B 320 8.43 -7.13 -45.89
C ILE B 320 9.88 -6.76 -46.12
N TYR B 321 10.75 -7.75 -46.32
CA TYR B 321 12.16 -7.51 -46.51
C TYR B 321 12.49 -7.02 -47.91
N SER B 322 11.47 -6.59 -48.65
CA SER B 322 11.61 -6.13 -50.03
C SER B 322 11.58 -4.60 -50.13
N LYS B 323 11.78 -3.91 -49.01
CA LYS B 323 11.50 -2.49 -48.95
C LYS B 323 12.60 -1.74 -48.22
N GLU B 324 12.38 -0.44 -48.09
CA GLU B 324 13.37 0.47 -47.54
C GLU B 324 13.35 0.45 -46.02
N LEU B 325 14.53 0.57 -45.43
CA LEU B 325 14.65 0.80 -44.01
C LEU B 325 14.73 2.29 -43.71
N PRO B 326 14.47 2.70 -42.48
CA PRO B 326 14.64 4.11 -42.13
C PRO B 326 16.07 4.56 -42.31
N GLY B 327 16.24 5.86 -42.59
CA GLY B 327 17.56 6.40 -42.84
C GLY B 327 18.21 5.91 -44.12
N GLY B 328 17.47 5.18 -44.95
CA GLY B 328 18.02 4.69 -46.21
C GLY B 328 19.16 3.72 -46.04
N LYS B 329 19.08 2.85 -45.03
CA LYS B 329 20.10 1.85 -44.81
C LYS B 329 19.77 0.57 -45.59
N GLN B 330 20.74 -0.33 -45.65
CA GLN B 330 20.63 -1.55 -46.43
C GLN B 330 20.59 -2.76 -45.50
N ARG B 331 19.92 -3.82 -45.97
CA ARG B 331 19.76 -5.05 -45.19
C ARG B 331 21.03 -5.88 -45.30
N GLU B 332 21.86 -5.84 -44.25
CA GLU B 332 22.99 -6.74 -44.18
C GLU B 332 22.55 -8.19 -44.32
N ASN B 333 21.44 -8.54 -43.68
CA ASN B 333 20.92 -9.90 -43.66
C ASN B 333 19.53 -9.83 -43.04
N ASN B 334 18.81 -10.95 -43.12
CA ASN B 334 17.47 -11.06 -42.58
C ASN B 334 17.49 -11.86 -41.29
N HIS B 335 17.11 -11.21 -40.19
CA HIS B 335 17.09 -11.83 -38.88
C HIS B 335 15.78 -12.60 -38.71
N ILE B 336 15.90 -13.88 -38.36
CA ILE B 336 14.73 -14.74 -38.15
C ILE B 336 14.91 -15.53 -36.86
N GLN B 337 13.80 -16.09 -36.39
CA GLN B 337 13.78 -17.02 -35.28
C GLN B 337 12.81 -18.14 -35.62
N ILE B 338 12.95 -19.26 -34.91
CA ILE B 338 12.24 -20.46 -35.30
C ILE B 338 11.96 -21.30 -34.06
N ASN B 339 10.72 -21.79 -33.95
CA ASN B 339 10.29 -22.67 -32.88
C ASN B 339 9.85 -23.99 -33.49
N TRP B 340 10.42 -25.09 -33.01
CA TRP B 340 9.99 -26.43 -33.39
C TRP B 340 9.29 -27.07 -32.21
N GLU B 341 8.00 -27.33 -32.35
CA GLU B 341 7.20 -27.89 -31.27
C GLU B 341 7.14 -29.40 -31.41
N MET B 342 7.38 -30.10 -30.30
CA MET B 342 7.33 -31.55 -30.25
C MET B 342 6.23 -31.97 -29.27
N SER B 343 5.32 -32.82 -29.72
CA SER B 343 4.19 -33.20 -28.91
C SER B 343 4.55 -34.37 -28.01
N ALA B 344 3.69 -34.60 -27.02
CA ALA B 344 3.94 -35.64 -26.02
C ALA B 344 3.53 -37.01 -26.52
N LYS B 345 2.40 -37.11 -27.20
CA LYS B 345 1.89 -38.40 -27.63
C LYS B 345 2.30 -38.75 -29.05
N ASP B 346 2.73 -37.78 -29.84
CA ASP B 346 3.14 -38.00 -31.22
C ASP B 346 4.65 -37.81 -31.34
N SER B 347 5.17 -38.12 -32.53
CA SER B 347 6.56 -37.87 -32.88
C SER B 347 6.69 -36.71 -33.84
N SER B 348 5.60 -35.98 -34.09
CA SER B 348 5.62 -34.85 -35.01
C SER B 348 6.43 -33.71 -34.42
N VAL B 349 7.09 -32.97 -35.30
CA VAL B 349 7.70 -31.70 -34.97
C VAL B 349 7.12 -30.67 -35.93
N ALA B 350 6.66 -29.55 -35.38
CA ALA B 350 6.00 -28.52 -36.15
C ALA B 350 6.74 -27.21 -35.98
N PRO B 351 7.14 -26.55 -37.07
CA PRO B 351 7.92 -25.33 -36.94
C PRO B 351 7.05 -24.09 -36.80
N LYS B 352 7.70 -22.99 -36.42
CA LYS B 352 7.05 -21.69 -36.32
C LYS B 352 8.13 -20.64 -36.54
N LEU B 353 8.09 -19.96 -37.68
CA LEU B 353 9.18 -19.11 -38.11
C LEU B 353 8.86 -17.65 -37.80
N TYR B 354 9.76 -17.02 -37.05
CA TYR B 354 9.67 -15.60 -36.75
C TYR B 354 10.42 -14.81 -37.80
N LEU B 355 9.78 -13.76 -38.32
CA LEU B 355 10.46 -12.76 -39.12
C LEU B 355 10.54 -11.47 -38.32
N THR B 356 11.75 -11.07 -37.97
CA THR B 356 11.96 -9.90 -37.13
C THR B 356 11.82 -8.62 -37.94
N VAL B 357 11.02 -7.68 -37.43
CA VAL B 357 10.76 -6.42 -38.11
C VAL B 357 10.99 -5.26 -37.16
N ILE B 358 11.92 -5.42 -36.21
CA ILE B 358 12.20 -4.34 -35.27
C ILE B 358 12.67 -3.10 -35.99
N GLU B 359 13.31 -3.25 -37.14
CA GLU B 359 13.87 -2.12 -37.88
C GLU B 359 12.95 -1.61 -38.98
N ASP B 360 11.92 -2.36 -39.36
CA ASP B 360 11.11 -1.99 -40.50
C ASP B 360 10.14 -0.86 -40.13
N TYR B 361 9.47 -0.34 -41.15
CA TYR B 361 8.42 0.64 -40.95
C TYR B 361 7.16 -0.05 -40.43
N ASP B 362 6.69 0.38 -39.27
CA ASP B 362 5.44 -0.15 -38.76
C ASP B 362 4.33 0.01 -39.79
N ALA B 363 4.43 1.05 -40.63
CA ALA B 363 3.51 1.19 -41.75
C ALA B 363 3.68 0.06 -42.74
N TYR B 364 4.91 -0.24 -43.13
CA TYR B 364 5.15 -1.31 -44.09
C TYR B 364 4.75 -2.66 -43.51
N VAL B 365 5.11 -2.91 -42.24
CA VAL B 365 4.78 -4.18 -41.62
C VAL B 365 3.26 -4.35 -41.53
N SER B 366 2.56 -3.30 -41.10
CA SER B 366 1.11 -3.38 -41.01
C SER B 366 0.49 -3.59 -42.39
N SER B 367 1.00 -2.90 -43.41
CA SER B 367 0.47 -3.08 -44.75
C SER B 367 0.71 -4.50 -45.25
N ALA B 368 1.88 -5.05 -44.97
CA ALA B 368 2.17 -6.43 -45.37
C ALA B 368 1.24 -7.41 -44.67
N ILE B 369 1.07 -7.26 -43.36
CA ILE B 369 0.17 -8.11 -42.61
C ILE B 369 -1.24 -8.03 -43.19
N VAL B 370 -1.69 -6.81 -43.50
CA VAL B 370 -3.04 -6.62 -44.01
C VAL B 370 -3.20 -7.28 -45.37
N ASP B 371 -2.21 -7.12 -46.25
CA ASP B 371 -2.31 -7.72 -47.58
C ASP B 371 -2.26 -9.24 -47.50
N LEU B 372 -1.45 -9.77 -46.57
CA LEU B 372 -1.44 -11.21 -46.34
C LEU B 372 -2.82 -11.69 -45.89
N PHE B 373 -3.35 -11.09 -44.84
CA PHE B 373 -4.68 -11.45 -44.36
C PHE B 373 -5.71 -11.39 -45.48
N THR B 374 -5.64 -10.36 -46.33
CA THR B 374 -6.58 -10.27 -47.44
C THR B 374 -6.39 -11.39 -48.43
N GLY B 375 -5.15 -11.75 -48.74
CA GLY B 375 -4.90 -12.90 -49.58
C GLY B 375 -5.43 -14.18 -48.98
N LEU B 376 -5.51 -14.23 -47.64
CA LEU B 376 -6.09 -15.38 -46.96
C LEU B 376 -7.60 -15.28 -46.83
N GLY B 377 -8.18 -14.13 -47.17
CA GLY B 377 -9.60 -13.93 -46.99
C GLY B 377 -10.01 -13.56 -45.59
N TRP B 378 -9.12 -12.96 -44.81
CA TRP B 378 -9.39 -12.66 -43.40
C TRP B 378 -9.76 -11.19 -43.25
N ALA B 379 -11.01 -10.88 -43.60
CA ALA B 379 -11.51 -9.52 -43.45
C ALA B 379 -11.66 -9.15 -41.97
N ALA B 380 -12.32 -10.01 -41.21
CA ALA B 380 -12.49 -9.76 -39.79
C ALA B 380 -11.15 -9.49 -39.12
N HIS B 381 -10.12 -10.23 -39.51
CA HIS B 381 -8.83 -10.11 -38.86
C HIS B 381 -8.10 -8.84 -39.28
N VAL B 382 -8.25 -8.39 -40.53
CA VAL B 382 -7.65 -7.11 -40.89
C VAL B 382 -8.33 -5.99 -40.13
N GLN B 383 -9.65 -6.10 -39.92
CA GLN B 383 -10.34 -5.08 -39.13
C GLN B 383 -9.84 -5.09 -37.70
N THR B 384 -9.75 -6.27 -37.09
CA THR B 384 -9.22 -6.36 -35.73
C THR B 384 -7.80 -5.82 -35.67
N HIS B 385 -6.99 -6.12 -36.68
CA HIS B 385 -5.60 -5.69 -36.69
C HIS B 385 -5.50 -4.17 -36.74
N LYS B 386 -6.23 -3.55 -37.66
CA LYS B 386 -6.19 -2.09 -37.75
C LYS B 386 -6.80 -1.44 -36.52
N LYS B 387 -7.79 -2.07 -35.91
CA LYS B 387 -8.37 -1.57 -34.67
C LYS B 387 -7.32 -1.52 -33.58
N ILE B 388 -6.67 -2.65 -33.32
CA ILE B 388 -5.61 -2.69 -32.32
C ILE B 388 -4.52 -1.69 -32.68
N GLU B 389 -4.20 -1.58 -33.97
CA GLU B 389 -3.18 -0.65 -34.42
C GLU B 389 -3.51 0.78 -33.99
N LYS B 390 -4.67 1.27 -34.41
CA LYS B 390 -4.99 2.68 -34.21
C LYS B 390 -5.29 3.00 -32.75
N GLU B 391 -5.91 2.05 -32.03
CA GLU B 391 -6.30 2.33 -30.65
C GLU B 391 -5.14 2.15 -29.68
N ALA B 392 -4.41 1.03 -29.79
CA ALA B 392 -3.37 0.72 -28.82
C ALA B 392 -2.02 1.29 -29.25
N TYR B 393 -1.78 1.36 -30.55
CA TYR B 393 -0.51 1.83 -31.10
C TYR B 393 -0.78 3.04 -31.97
N PRO B 394 -0.98 4.21 -31.36
CA PRO B 394 -1.30 5.41 -32.14
C PRO B 394 -0.12 5.96 -32.92
N MET B 395 1.10 5.52 -32.63
CA MET B 395 2.28 6.07 -33.27
C MET B 395 2.47 5.57 -34.69
N CYS B 396 1.72 4.55 -35.11
CA CYS B 396 1.77 4.13 -36.49
C CYS B 396 0.99 5.07 -37.40
N ASP B 397 -0.11 5.64 -36.89
CA ASP B 397 -0.87 6.62 -37.67
C ASP B 397 -0.34 8.03 -37.47
N ALA B 398 0.10 8.36 -36.25
CA ALA B 398 0.59 9.70 -35.99
C ALA B 398 1.95 9.93 -36.64
N ASN B 399 2.91 9.06 -36.34
CA ASN B 399 4.27 9.21 -36.85
C ASN B 399 4.44 8.34 -38.07
N PRO B 400 4.56 8.92 -39.28
CA PRO B 400 4.66 8.08 -40.49
C PRO B 400 5.98 7.35 -40.63
N GLN B 401 6.91 7.52 -39.69
CA GLN B 401 8.21 6.85 -39.72
C GLN B 401 8.45 6.13 -38.40
N SER B 402 7.46 5.37 -37.96
CA SER B 402 7.53 4.66 -36.69
C SER B 402 8.00 3.23 -36.90
N THR B 403 8.92 2.79 -36.05
CA THR B 403 9.57 1.50 -36.16
C THR B 403 9.64 0.83 -34.79
N HIS B 404 8.58 0.96 -34.01
CA HIS B 404 8.60 0.56 -32.62
C HIS B 404 7.46 -0.36 -32.22
N ALA B 405 6.28 -0.19 -32.78
CA ALA B 405 5.15 -1.03 -32.43
C ALA B 405 5.43 -2.49 -32.72
N TYR B 406 5.59 -2.81 -34.00
CA TYR B 406 5.79 -4.18 -34.40
C TYR B 406 7.22 -4.62 -34.14
N VAL B 407 7.37 -5.89 -33.78
CA VAL B 407 8.65 -6.46 -33.38
C VAL B 407 8.95 -7.71 -34.18
N TRP B 408 8.01 -8.66 -34.21
CA TRP B 408 8.15 -9.88 -34.98
C TRP B 408 6.80 -10.24 -35.59
N ILE B 409 6.85 -11.06 -36.63
CA ILE B 409 5.68 -11.72 -37.17
C ILE B 409 6.03 -13.20 -37.32
N SER B 410 5.13 -14.06 -36.89
CA SER B 410 5.40 -15.48 -36.76
C SER B 410 4.42 -16.28 -37.59
N LEU B 411 4.95 -17.16 -38.43
CA LEU B 411 4.16 -17.98 -39.33
C LEU B 411 4.30 -19.43 -38.92
N ALA B 412 3.16 -20.11 -38.76
CA ALA B 412 3.10 -21.53 -38.53
C ALA B 412 1.90 -22.07 -39.26
N TYR B 413 1.98 -23.33 -39.67
CA TYR B 413 0.93 -23.95 -40.46
C TYR B 413 0.54 -25.26 -39.81
N LYS B 414 -0.73 -25.40 -39.48
CA LYS B 414 -1.30 -26.59 -38.89
C LYS B 414 -2.42 -27.10 -39.79
N LYS B 415 -2.84 -28.34 -39.55
CA LYS B 415 -3.90 -28.91 -40.38
C LYS B 415 -5.17 -28.06 -40.35
N THR B 416 -5.31 -27.18 -39.36
CA THR B 416 -6.38 -26.21 -39.38
C THR B 416 -6.23 -25.24 -40.54
N GLY B 417 -4.99 -24.86 -40.83
CA GLY B 417 -4.69 -23.82 -41.78
C GLY B 417 -3.51 -23.02 -41.31
N PRO B 418 -3.32 -21.83 -41.87
CA PRO B 418 -2.23 -20.97 -41.40
C PRO B 418 -2.43 -20.53 -39.96
N TYR B 419 -1.35 -20.05 -39.38
CA TYR B 419 -1.35 -19.56 -38.01
C TYR B 419 -0.32 -18.43 -37.96
N ILE B 420 -0.79 -17.22 -38.20
CA ILE B 420 0.04 -16.04 -38.17
C ILE B 420 -0.14 -15.35 -36.83
N THR B 421 0.90 -14.68 -36.37
CA THR B 421 0.96 -14.18 -35.01
C THR B 421 1.80 -12.91 -35.00
N VAL B 422 1.14 -11.78 -34.76
CA VAL B 422 1.77 -10.46 -34.80
C VAL B 422 2.22 -10.11 -33.39
N TYR B 423 3.53 -9.96 -33.22
CA TYR B 423 4.13 -9.67 -31.92
C TYR B 423 4.48 -8.20 -31.88
N THR B 424 3.76 -7.46 -31.06
CA THR B 424 3.97 -6.03 -30.91
C THR B 424 4.66 -5.74 -29.59
N ASN B 425 5.29 -4.57 -29.54
CA ASN B 425 5.87 -4.07 -28.31
C ASN B 425 4.83 -3.22 -27.59
N PRO B 426 4.43 -3.58 -26.38
CA PRO B 426 3.44 -2.75 -25.68
C PRO B 426 4.03 -1.46 -25.15
N GLY B 427 5.31 -1.48 -24.77
CA GLY B 427 5.97 -0.29 -24.28
C GLY B 427 6.47 0.61 -25.40
N ALA B 428 5.87 0.47 -26.58
CA ALA B 428 6.22 1.35 -27.69
C ALA B 428 5.89 2.80 -27.38
N SER B 429 4.97 3.04 -26.46
CA SER B 429 4.72 4.38 -25.96
C SER B 429 5.92 4.97 -25.24
N ILE B 430 6.85 4.13 -24.81
CA ILE B 430 8.02 4.60 -24.10
C ILE B 430 9.15 4.98 -25.05
N LEU B 431 9.14 4.43 -26.26
CA LEU B 431 10.16 4.71 -27.26
C LEU B 431 9.77 5.85 -28.17
N GLU B 432 8.71 6.58 -27.83
CA GLU B 432 8.25 7.70 -28.64
C GLU B 432 8.11 8.96 -27.79
N SER C 23 6.72 12.17 24.90
CA SER C 23 7.54 11.32 23.98
C SER C 23 6.84 10.02 23.63
N PRO C 24 6.43 9.85 22.37
CA PRO C 24 6.09 8.51 21.90
C PRO C 24 7.34 7.70 21.67
N SER C 25 7.24 6.43 21.95
CA SER C 25 8.39 5.58 21.71
C SER C 25 8.33 5.03 20.29
N PRO C 26 9.48 4.69 19.72
CA PRO C 26 9.52 4.43 18.27
C PRO C 26 8.47 3.47 17.77
N TRP C 27 8.13 2.44 18.53
CA TRP C 27 7.16 1.46 18.03
C TRP C 27 5.77 2.07 17.90
N ASP C 28 5.36 2.86 18.89
CA ASP C 28 4.06 3.52 18.81
C ASP C 28 4.00 4.46 17.62
N PHE C 29 4.95 5.39 17.56
CA PHE C 29 4.97 6.38 16.49
C PHE C 29 5.03 5.72 15.12
N LEU C 30 5.80 4.65 15.00
CA LEU C 30 5.95 3.98 13.71
C LEU C 30 4.68 3.25 13.33
N GLY C 31 4.02 2.62 14.30
CA GLY C 31 2.74 2.00 14.01
C GLY C 31 1.70 3.02 13.64
N ARG C 32 1.88 4.26 14.08
CA ARG C 32 0.95 5.32 13.73
C ARG C 32 1.17 5.82 12.31
N VAL C 33 2.43 6.04 11.93
CA VAL C 33 2.71 6.64 10.64
C VAL C 33 2.90 5.63 9.52
N LEU C 34 3.37 4.43 9.83
CA LEU C 34 3.80 3.51 8.79
C LEU C 34 2.62 2.92 8.05
N GLN C 35 2.80 2.72 6.76
CA GLN C 35 1.82 2.06 5.92
C GLN C 35 2.27 0.63 5.69
N PHE C 36 1.39 -0.31 5.96
CA PHE C 36 1.69 -1.73 5.89
C PHE C 36 1.05 -2.35 4.66
N GLN C 37 1.83 -3.15 3.94
CA GLN C 37 1.32 -3.81 2.75
C GLN C 37 0.11 -4.67 3.08
N HIS C 38 0.17 -5.38 4.21
CA HIS C 38 -0.80 -6.40 4.56
C HIS C 38 -1.22 -6.19 6.01
N GLY C 39 -2.38 -6.74 6.35
CA GLY C 39 -2.85 -6.64 7.72
C GLY C 39 -2.05 -7.48 8.68
N ASP C 40 -1.68 -8.69 8.27
CA ASP C 40 -0.88 -9.55 9.12
C ASP C 40 0.43 -8.88 9.52
N HIS C 41 0.97 -8.02 8.65
CA HIS C 41 2.16 -7.28 9.02
C HIS C 41 1.84 -6.30 10.13
N LYS C 42 0.66 -5.67 10.07
CA LYS C 42 0.25 -4.75 11.12
C LYS C 42 0.09 -5.47 12.44
N ARG C 43 -0.49 -6.67 12.41
CA ARG C 43 -0.70 -7.42 13.64
C ARG C 43 0.61 -7.92 14.21
N TRP C 44 1.49 -8.47 13.37
CA TRP C 44 2.81 -8.85 13.82
C TRP C 44 3.56 -7.68 14.40
N TRP C 45 3.36 -6.49 13.82
CA TRP C 45 3.99 -5.30 14.40
C TRP C 45 3.45 -5.04 15.78
N ASP C 46 2.14 -4.92 15.91
CA ASP C 46 1.51 -4.69 17.20
C ASP C 46 1.99 -5.68 18.25
N VAL C 47 2.33 -6.90 17.83
CA VAL C 47 2.71 -7.92 18.79
C VAL C 47 4.20 -7.83 19.14
N LEU C 48 5.06 -7.74 18.14
CA LEU C 48 6.50 -7.83 18.33
C LEU C 48 7.16 -6.49 18.57
N ALA C 49 6.90 -5.52 17.71
CA ALA C 49 7.58 -4.24 17.82
C ALA C 49 7.62 -3.70 19.24
N PRO C 50 6.54 -3.79 20.03
CA PRO C 50 6.71 -3.52 21.46
C PRO C 50 7.81 -4.33 22.09
N VAL C 51 7.82 -5.64 21.88
CA VAL C 51 8.81 -6.50 22.51
C VAL C 51 10.20 -6.13 22.04
N PHE C 52 10.43 -6.11 20.73
CA PHE C 52 11.76 -5.83 20.20
C PHE C 52 12.23 -4.45 20.62
N GLY C 53 11.36 -3.45 20.53
CA GLY C 53 11.74 -2.10 20.87
C GLY C 53 12.04 -1.95 22.34
N ILE C 54 11.27 -2.61 23.20
CA ILE C 54 11.52 -2.51 24.63
C ILE C 54 12.81 -3.23 24.99
N SER C 55 13.08 -4.36 24.35
CA SER C 55 14.35 -5.04 24.57
C SER C 55 15.52 -4.17 24.14
N MET C 56 15.43 -3.60 22.94
CA MET C 56 16.50 -2.75 22.43
C MET C 56 16.68 -1.51 23.28
N ALA C 57 15.61 -0.97 23.84
CA ALA C 57 15.71 0.24 24.64
C ALA C 57 16.21 -0.02 26.04
N SER C 58 15.85 -1.18 26.61
CA SER C 58 16.37 -1.54 27.91
C SER C 58 17.83 -1.97 27.84
N ILE C 59 18.23 -2.54 26.72
CA ILE C 59 19.65 -2.83 26.49
C ILE C 59 20.45 -1.54 26.54
N GLY C 60 19.94 -0.48 25.94
CA GLY C 60 20.63 0.79 25.91
C GLY C 60 20.86 1.30 24.50
N TYR C 61 20.05 0.85 23.55
CA TYR C 61 20.20 1.28 22.18
C TYR C 61 19.87 2.75 22.06
N LYS C 62 20.45 3.38 21.04
CA LYS C 62 20.08 4.75 20.71
C LYS C 62 18.74 4.76 20.00
N LEU C 63 18.09 5.92 20.03
CA LEU C 63 16.75 6.04 19.48
C LEU C 63 16.74 5.76 17.97
N ASP C 64 17.71 6.31 17.25
CA ASP C 64 17.74 6.11 15.81
C ASP C 64 18.02 4.66 15.46
N VAL C 65 18.76 3.94 16.32
CA VAL C 65 19.00 2.53 16.06
C VAL C 65 17.71 1.74 16.27
N GLN C 66 16.94 2.10 17.30
CA GLN C 66 15.61 1.52 17.44
C GLN C 66 14.79 1.75 16.18
N TYR C 67 14.80 2.97 15.67
CA TYR C 67 14.05 3.26 14.46
C TYR C 67 14.53 2.42 13.29
N ARG C 68 15.84 2.35 13.10
CA ARG C 68 16.39 1.60 11.98
C ARG C 68 16.03 0.13 12.06
N HIS C 69 16.18 -0.47 13.23
CA HIS C 69 15.91 -1.90 13.36
C HIS C 69 14.44 -2.21 13.29
N LEU C 70 13.60 -1.34 13.82
CA LEU C 70 12.16 -1.54 13.69
C LEU C 70 11.70 -1.38 12.25
N LEU C 71 12.35 -0.51 11.49
CA LEU C 71 12.02 -0.39 10.08
C LEU C 71 12.54 -1.58 9.28
N VAL C 72 13.70 -2.11 9.64
CA VAL C 72 14.17 -3.36 9.06
C VAL C 72 13.16 -4.47 9.32
N LEU C 73 12.74 -4.61 10.57
CA LEU C 73 11.70 -5.59 10.90
C LEU C 73 10.44 -5.35 10.09
N TYR C 74 10.09 -4.08 9.85
CA TYR C 74 8.86 -3.77 9.15
C TYR C 74 8.94 -4.11 7.67
N ASP C 75 10.12 -3.95 7.07
CA ASP C 75 10.30 -4.17 5.64
C ASP C 75 10.80 -5.57 5.32
N ALA C 76 11.90 -5.98 5.95
CA ALA C 76 12.54 -7.24 5.62
C ALA C 76 11.88 -8.43 6.29
N VAL C 77 11.65 -8.34 7.59
CA VAL C 77 11.28 -9.48 8.40
C VAL C 77 9.78 -9.73 8.37
N ILE C 78 9.00 -8.76 8.85
CA ILE C 78 7.57 -8.99 9.04
C ILE C 78 6.91 -9.57 7.81
N PRO C 79 7.19 -9.10 6.59
CA PRO C 79 6.59 -9.72 5.40
C PRO C 79 7.03 -11.15 5.20
N ASN C 80 8.03 -11.61 5.95
CA ASN C 80 8.52 -12.97 5.82
C ASN C 80 8.44 -13.66 7.17
N MET C 81 7.31 -13.48 7.84
CA MET C 81 6.93 -14.22 9.03
C MET C 81 5.79 -15.18 8.78
N GLY C 82 4.91 -14.85 7.85
CA GLY C 82 3.76 -15.65 7.56
C GLY C 82 2.50 -15.04 8.09
N PRO C 83 1.39 -15.74 7.89
CA PRO C 83 0.10 -15.25 8.38
C PRO C 83 0.13 -15.06 9.89
N PHE C 84 -0.78 -14.25 10.36
CA PHE C 84 -0.90 -14.06 11.79
C PHE C 84 -1.90 -15.06 12.36
N PRO C 85 -1.58 -15.71 13.46
CA PRO C 85 -2.50 -16.71 14.01
C PRO C 85 -3.78 -16.11 14.56
N ASN C 86 -4.90 -16.38 13.89
CA ASN C 86 -6.19 -16.18 14.53
C ASN C 86 -6.29 -17.18 15.68
N SER C 87 -7.37 -17.11 16.46
CA SER C 87 -7.43 -17.87 17.69
C SER C 87 -7.35 -19.37 17.41
N ASN C 88 -8.09 -19.85 16.42
CA ASN C 88 -8.03 -21.27 16.07
C ASN C 88 -6.82 -21.61 15.20
N ALA C 89 -5.97 -20.62 14.88
CA ALA C 89 -4.82 -20.84 14.01
C ALA C 89 -5.22 -21.59 12.74
N SER C 90 -6.36 -21.18 12.17
CA SER C 90 -6.88 -21.83 10.97
C SER C 90 -6.09 -21.45 9.73
N ASN C 91 -5.59 -20.22 9.66
CA ASN C 91 -4.94 -19.71 8.46
C ASN C 91 -3.51 -20.17 8.31
N ILE C 92 -2.93 -20.76 9.35
CA ILE C 92 -1.52 -21.14 9.34
C ILE C 92 -1.41 -22.49 8.63
N THR C 93 -0.97 -22.46 7.39
CA THR C 93 -0.82 -23.64 6.56
C THR C 93 0.58 -24.24 6.65
N TRP C 94 1.57 -23.45 7.04
CA TRP C 94 2.95 -23.93 7.20
C TRP C 94 3.06 -24.57 8.57
N THR C 95 2.92 -25.89 8.62
CA THR C 95 2.90 -26.60 9.87
C THR C 95 4.26 -26.54 10.57
N SER C 96 4.23 -26.49 11.89
CA SER C 96 5.43 -26.42 12.68
C SER C 96 5.11 -26.85 14.11
N PRO C 97 6.03 -27.53 14.80
CA PRO C 97 5.79 -27.81 16.22
C PRO C 97 5.85 -26.57 17.08
N PHE C 98 6.67 -25.60 16.71
CA PHE C 98 6.71 -24.34 17.43
C PHE C 98 5.54 -23.46 17.04
N PRO C 99 5.14 -22.55 17.92
CA PRO C 99 4.09 -21.62 17.54
C PRO C 99 4.58 -20.64 16.50
N PRO C 100 3.68 -20.07 15.70
CA PRO C 100 4.12 -19.14 14.66
C PRO C 100 4.81 -17.93 15.24
N GLY C 101 5.53 -17.21 14.38
CA GLY C 101 6.29 -16.07 14.79
C GLY C 101 7.76 -16.39 14.92
N PRO C 102 8.53 -15.41 15.38
CA PRO C 102 9.94 -15.66 15.63
C PRO C 102 10.14 -16.80 16.61
N LEU C 103 10.96 -17.76 16.19
CA LEU C 103 11.29 -18.89 17.07
C LEU C 103 11.78 -18.41 18.41
N GLU C 104 12.45 -17.27 18.44
CA GLU C 104 12.86 -16.67 19.71
C GLU C 104 13.35 -15.26 19.46
N ALA C 105 13.40 -14.49 20.54
CA ALA C 105 14.06 -13.20 20.58
C ALA C 105 15.00 -13.21 21.76
N SER C 106 16.27 -12.98 21.50
CA SER C 106 17.33 -13.21 22.45
C SER C 106 17.90 -11.90 22.94
N VAL C 107 18.33 -11.89 24.21
CA VAL C 107 19.06 -10.78 24.79
C VAL C 107 20.30 -11.36 25.45
N ASN C 108 21.46 -11.02 24.91
CA ASN C 108 22.73 -11.52 25.39
C ASN C 108 23.15 -10.78 26.66
N TYR C 109 23.88 -11.49 27.51
CA TYR C 109 24.37 -10.94 28.77
C TYR C 109 25.79 -11.44 29.00
N GLN C 110 26.76 -10.55 28.88
CA GLN C 110 28.15 -10.84 29.18
C GLN C 110 28.60 -9.99 30.36
N ALA C 111 29.90 -10.07 30.65
CA ALA C 111 30.55 -9.25 31.67
C ALA C 111 31.60 -8.39 31.00
N GLY C 112 31.28 -7.12 30.78
CA GLY C 112 32.21 -6.19 30.18
C GLY C 112 31.77 -5.73 28.81
N GLU C 113 31.32 -6.66 27.98
CA GLU C 113 30.81 -6.33 26.66
C GLU C 113 29.32 -6.05 26.75
N SER C 114 28.84 -5.17 25.89
CA SER C 114 27.48 -4.68 26.00
C SER C 114 26.48 -5.70 25.46
N SER C 115 25.31 -5.73 26.07
CA SER C 115 24.27 -6.65 25.64
C SER C 115 23.88 -6.38 24.19
N MET C 116 23.35 -7.41 23.53
CA MET C 116 22.95 -7.32 22.15
C MET C 116 21.63 -8.03 21.97
N PHE C 117 20.82 -7.52 21.05
CA PHE C 117 19.51 -8.10 20.77
C PHE C 117 19.63 -8.95 19.51
N ARG C 118 18.92 -10.07 19.52
CA ARG C 118 18.86 -10.96 18.39
C ARG C 118 17.46 -11.55 18.31
N PHE C 119 17.15 -12.12 17.17
CA PHE C 119 15.90 -12.83 17.02
C PHE C 119 15.98 -13.67 15.76
N THR C 120 15.75 -14.96 15.90
CA THR C 120 15.79 -15.88 14.79
C THR C 120 14.37 -16.19 14.35
N ILE C 121 14.20 -16.29 13.04
CA ILE C 121 12.91 -16.44 12.41
C ILE C 121 13.05 -17.42 11.28
N GLU C 122 12.14 -18.38 11.21
CA GLU C 122 12.04 -19.25 10.06
C GLU C 122 11.25 -18.50 9.00
N PRO C 123 11.89 -17.98 7.96
CA PRO C 123 11.14 -17.14 7.01
C PRO C 123 10.06 -17.94 6.32
N VAL C 124 8.82 -17.58 6.61
CA VAL C 124 7.65 -18.22 6.04
C VAL C 124 7.03 -17.27 5.04
N GLY C 125 6.67 -17.79 3.89
CA GLY C 125 5.99 -17.00 2.89
C GLY C 125 4.53 -16.88 3.22
N PRO C 126 3.85 -15.95 2.55
CA PRO C 126 2.42 -15.76 2.82
C PRO C 126 1.57 -16.93 2.41
N HIS C 127 2.09 -17.85 1.60
CA HIS C 127 1.34 -18.99 1.11
C HIS C 127 2.08 -20.30 1.32
N ALA C 128 3.04 -20.33 2.23
CA ALA C 128 3.81 -21.53 2.47
C ALA C 128 2.95 -22.61 3.08
N GLY C 129 3.21 -23.85 2.69
CA GLY C 129 2.42 -24.99 3.09
C GLY C 129 1.29 -25.31 2.15
N THR C 130 0.90 -24.36 1.32
CA THR C 130 -0.12 -24.56 0.31
C THR C 130 0.51 -24.98 -1.01
N PRO C 131 -0.27 -25.57 -1.92
CA PRO C 131 0.31 -26.03 -3.19
C PRO C 131 1.09 -24.96 -3.94
N ALA C 132 0.86 -23.68 -3.66
CA ALA C 132 1.56 -22.63 -4.39
C ALA C 132 2.99 -22.47 -3.92
N ASP C 133 3.27 -22.78 -2.65
CA ASP C 133 4.61 -22.68 -2.09
C ASP C 133 4.77 -23.78 -1.05
N PRO C 134 4.73 -25.05 -1.46
CA PRO C 134 4.63 -26.14 -0.51
C PRO C 134 5.89 -26.42 0.30
N VAL C 135 7.01 -25.78 -0.01
CA VAL C 135 8.23 -25.99 0.77
C VAL C 135 8.87 -24.65 1.11
N ASN C 136 8.16 -23.56 0.87
CA ASN C 136 8.59 -22.24 1.35
C ASN C 136 10.01 -21.92 0.92
N GLU C 137 10.23 -21.85 -0.39
CA GLU C 137 11.58 -21.67 -0.90
C GLU C 137 11.99 -20.21 -0.99
N LEU C 138 11.04 -19.31 -1.19
CA LEU C 138 11.35 -17.92 -1.50
C LEU C 138 11.54 -17.04 -0.28
N ALA C 139 10.84 -17.32 0.81
CA ALA C 139 10.81 -16.40 1.94
C ALA C 139 12.21 -16.07 2.43
N ALA C 140 13.04 -17.08 2.66
CA ALA C 140 14.39 -16.82 3.15
C ALA C 140 15.21 -16.06 2.13
N LYS C 141 15.02 -16.35 0.86
CA LYS C 141 15.75 -15.63 -0.18
C LYS C 141 15.27 -14.19 -0.30
N GLN C 142 13.96 -13.99 -0.26
CA GLN C 142 13.42 -12.63 -0.23
C GLN C 142 13.97 -11.84 0.94
N LEU C 143 14.06 -12.48 2.11
CA LEU C 143 14.58 -11.82 3.29
C LEU C 143 16.05 -11.47 3.12
N MET C 144 16.85 -12.41 2.64
CA MET C 144 18.26 -12.13 2.37
C MET C 144 18.39 -10.97 1.40
N GLN C 145 17.53 -10.94 0.37
CA GLN C 145 17.57 -9.89 -0.62
C GLN C 145 17.25 -8.53 0.00
N ARG C 146 16.18 -8.44 0.78
CA ARG C 146 15.86 -7.20 1.46
C ARG C 146 17.00 -6.76 2.36
N LEU C 147 17.57 -7.68 3.13
CA LEU C 147 18.66 -7.30 4.02
C LEU C 147 19.86 -6.79 3.24
N GLY C 148 20.13 -7.37 2.08
CA GLY C 148 21.24 -6.90 1.27
C GLY C 148 20.98 -5.56 0.63
N GLN C 149 19.72 -5.30 0.28
CA GLN C 149 19.35 -4.03 -0.32
C GLN C 149 19.30 -2.89 0.67
N LEU C 150 18.87 -3.14 1.90
CA LEU C 150 18.86 -2.12 2.93
C LEU C 150 20.26 -1.78 3.40
N GLN C 151 21.21 -2.65 3.16
CA GLN C 151 22.62 -2.38 3.47
C GLN C 151 23.46 -3.14 2.46
N PRO C 152 23.78 -2.52 1.32
CA PRO C 152 24.55 -3.23 0.29
C PRO C 152 25.93 -3.62 0.81
N GLY C 153 26.30 -4.87 0.55
CA GLY C 153 27.58 -5.37 0.99
C GLY C 153 27.62 -5.80 2.44
N GLY C 154 26.45 -5.95 3.07
CA GLY C 154 26.39 -6.37 4.45
C GLY C 154 26.03 -7.83 4.59
N VAL C 155 25.52 -8.41 3.51
CA VAL C 155 25.08 -9.79 3.48
C VAL C 155 25.92 -10.51 2.44
N ASP C 156 27.00 -11.15 2.87
CA ASP C 156 27.85 -11.91 1.99
C ASP C 156 27.31 -13.33 1.87
N SER C 157 27.04 -13.76 0.64
CA SER C 157 26.49 -15.08 0.36
C SER C 157 27.54 -16.03 -0.18
N THR C 158 28.77 -15.93 0.32
CA THR C 158 29.82 -16.84 -0.10
C THR C 158 29.63 -18.23 0.52
N MET C 159 29.28 -18.29 1.81
CA MET C 159 29.02 -19.57 2.44
C MET C 159 27.61 -20.06 2.17
N PHE C 160 26.66 -19.14 2.09
CA PHE C 160 25.29 -19.52 1.77
C PHE C 160 25.23 -20.24 0.44
N ASP C 161 25.94 -19.71 -0.56
CA ASP C 161 25.87 -20.28 -1.90
C ASP C 161 26.61 -21.61 -2.00
N HIS C 162 27.53 -21.89 -1.07
CA HIS C 162 28.21 -23.17 -1.07
C HIS C 162 27.42 -24.23 -0.32
N PHE C 163 26.84 -23.85 0.82
CA PHE C 163 26.07 -24.79 1.62
C PHE C 163 24.63 -24.97 1.16
N TYR C 164 24.14 -24.14 0.24
CA TYR C 164 22.76 -24.27 -0.20
C TYR C 164 22.51 -25.58 -0.94
N PRO C 165 23.29 -25.94 -1.96
CA PRO C 165 23.01 -27.19 -2.67
C PRO C 165 23.31 -28.42 -1.84
N LEU C 166 24.22 -28.31 -0.88
CA LEU C 166 24.63 -29.46 -0.08
C LEU C 166 23.61 -29.77 1.01
N LEU C 167 23.20 -28.76 1.76
CA LEU C 167 22.34 -28.94 2.92
C LEU C 167 20.88 -28.64 2.65
N CYS C 168 20.58 -27.66 1.81
CA CYS C 168 19.21 -27.22 1.60
C CYS C 168 18.67 -27.76 0.30
N VAL C 169 17.34 -27.87 0.26
CA VAL C 169 16.64 -28.42 -0.89
C VAL C 169 15.95 -27.27 -1.60
N ASP C 170 16.23 -27.11 -2.88
CA ASP C 170 15.51 -26.13 -3.67
C ASP C 170 14.04 -26.52 -3.75
N GLY C 171 13.24 -25.65 -4.35
CA GLY C 171 11.83 -25.92 -4.48
C GLY C 171 11.57 -27.09 -5.39
N PRO C 172 12.20 -27.08 -6.57
CA PRO C 172 11.99 -28.19 -7.50
C PRO C 172 12.32 -29.56 -6.94
N GLU C 173 13.51 -29.75 -6.37
CA GLU C 173 13.88 -31.04 -5.80
C GLU C 173 12.83 -31.49 -4.79
N ALA C 174 12.53 -30.63 -3.81
CA ALA C 174 11.55 -30.97 -2.79
C ALA C 174 10.18 -31.25 -3.39
N ARG C 175 9.89 -30.71 -4.57
CA ARG C 175 8.58 -30.92 -5.18
C ARG C 175 8.51 -32.22 -5.98
N ARG C 176 9.62 -32.63 -6.59
CA ARG C 176 9.66 -33.93 -7.26
C ARG C 176 10.08 -35.03 -6.32
N GLN C 177 10.88 -34.71 -5.30
CA GLN C 177 11.15 -35.62 -4.20
C GLN C 177 10.16 -35.37 -3.05
N TRP C 178 8.87 -35.38 -3.37
CA TRP C 178 7.85 -35.10 -2.37
C TRP C 178 7.41 -36.37 -1.64
N ASP C 179 7.24 -37.47 -2.37
CA ASP C 179 6.92 -38.75 -1.75
C ASP C 179 7.92 -39.12 -0.67
N SER C 180 9.09 -38.48 -0.65
CA SER C 180 10.15 -38.79 0.30
C SER C 180 10.11 -37.93 1.56
N ILE C 181 9.35 -36.83 1.55
CA ILE C 181 9.40 -35.86 2.62
C ILE C 181 8.00 -35.50 3.11
N ALA C 182 6.98 -35.85 2.33
CA ALA C 182 5.61 -35.50 2.68
C ALA C 182 5.20 -36.02 4.04
N HIS C 183 5.95 -36.95 4.63
CA HIS C 183 5.69 -37.43 5.96
C HIS C 183 6.25 -36.54 7.04
N ILE C 184 7.19 -35.65 6.71
CA ILE C 184 7.79 -34.77 7.71
C ILE C 184 6.77 -33.72 8.12
N TYR C 185 6.74 -33.43 9.42
CA TYR C 185 5.83 -32.42 9.94
C TYR C 185 6.39 -31.02 9.71
N HIS C 186 7.59 -30.77 10.19
CA HIS C 186 8.27 -29.49 10.00
C HIS C 186 9.22 -29.63 8.83
N LYS C 187 8.85 -29.03 7.70
CA LYS C 187 9.67 -29.06 6.50
C LYS C 187 10.60 -27.86 6.41
N CYS C 188 11.06 -27.35 7.55
CA CYS C 188 12.02 -26.27 7.56
C CYS C 188 13.30 -26.67 6.86
N HIS C 189 13.86 -25.73 6.10
CA HIS C 189 15.11 -25.96 5.40
C HIS C 189 16.10 -24.81 5.56
N THR C 190 15.67 -23.64 6.02
CA THR C 190 16.59 -22.55 6.30
C THR C 190 15.95 -21.60 7.29
N VAL C 191 16.76 -21.13 8.23
CA VAL C 191 16.32 -20.27 9.31
C VAL C 191 17.30 -19.12 9.44
N THR C 192 16.79 -17.90 9.44
CA THR C 192 17.60 -16.70 9.49
C THR C 192 17.57 -16.12 10.90
N ALA C 193 18.75 -15.92 11.48
CA ALA C 193 18.89 -15.24 12.76
C ALA C 193 19.57 -13.91 12.54
N LEU C 194 18.81 -12.84 12.74
CA LEU C 194 19.31 -11.48 12.57
C LEU C 194 19.86 -10.97 13.89
N ASP C 195 21.08 -10.49 13.87
CA ASP C 195 21.76 -9.98 15.06
C ASP C 195 21.71 -8.45 15.00
N MET C 196 20.58 -7.91 15.44
CA MET C 196 20.43 -6.46 15.50
C MET C 196 21.46 -5.85 16.44
N GLN C 197 22.35 -5.02 15.89
CA GLN C 197 23.49 -4.50 16.61
C GLN C 197 23.26 -3.06 17.04
N ARG C 198 23.93 -2.66 18.12
CA ARG C 198 23.87 -1.29 18.59
C ARG C 198 24.38 -0.30 17.56
N SER C 199 25.07 -0.78 16.54
CA SER C 199 25.60 0.06 15.47
C SER C 199 24.66 0.16 14.28
N ALA C 200 23.40 -0.24 14.47
CA ALA C 200 22.36 -0.22 13.46
C ALA C 200 22.58 -1.23 12.35
N ALA C 201 23.69 -1.96 12.39
CA ALA C 201 23.97 -2.99 11.40
C ALA C 201 23.27 -4.28 11.78
N CYS C 202 22.47 -4.79 10.87
CA CYS C 202 21.72 -6.03 11.08
C CYS C 202 22.39 -7.14 10.28
N THR C 203 23.37 -7.78 10.89
CA THR C 203 24.06 -8.90 10.26
C THR C 203 23.19 -10.14 10.34
N LEU C 204 23.21 -10.93 9.28
CA LEU C 204 22.39 -12.12 9.17
C LEU C 204 23.16 -13.34 9.64
N LYS C 205 22.43 -14.44 9.76
CA LYS C 205 22.98 -15.70 10.23
C LYS C 205 22.00 -16.80 9.82
N THR C 206 22.44 -17.67 8.93
CA THR C 206 21.56 -18.64 8.29
C THR C 206 21.82 -20.03 8.86
N TYR C 207 20.74 -20.74 9.14
CA TYR C 207 20.78 -22.10 9.63
C TYR C 207 20.26 -23.02 8.54
N PHE C 208 20.93 -24.14 8.34
CA PHE C 208 20.47 -25.14 7.38
C PHE C 208 20.23 -26.47 8.07
N PRO C 209 18.99 -26.82 8.39
CA PRO C 209 18.70 -28.16 8.85
C PRO C 209 18.57 -29.12 7.69
N PRO C 210 19.49 -30.07 7.55
CA PRO C 210 19.51 -30.92 6.37
C PRO C 210 18.54 -32.09 6.43
N LEU C 211 17.56 -32.02 7.33
CA LEU C 211 16.63 -33.13 7.47
C LEU C 211 15.94 -33.45 6.15
N LEU C 212 15.52 -32.42 5.42
CA LEU C 212 14.94 -32.64 4.08
C LEU C 212 15.95 -33.29 3.16
N ARG C 213 17.15 -32.72 3.09
CA ARG C 213 18.16 -33.21 2.17
C ARG C 213 18.58 -34.64 2.53
N SER C 214 18.81 -34.90 3.81
CA SER C 214 19.18 -36.23 4.23
C SER C 214 18.07 -37.23 3.97
N THR C 215 16.83 -36.83 4.22
CA THR C 215 15.71 -37.73 3.99
C THR C 215 15.54 -38.04 2.52
N ILE C 216 15.91 -37.10 1.64
CA ILE C 216 15.81 -37.35 0.20
C ILE C 216 16.96 -38.23 -0.25
N MET C 217 18.18 -37.87 0.12
CA MET C 217 19.37 -38.64 -0.25
C MET C 217 19.60 -39.84 0.63
N ASN C 218 18.75 -40.08 1.63
CA ASN C 218 18.82 -41.26 2.47
C ASN C 218 20.17 -41.37 3.18
N THR C 219 20.84 -40.23 3.38
CA THR C 219 22.08 -40.18 4.12
C THR C 219 21.81 -39.72 5.54
N SER C 220 22.88 -39.52 6.30
CA SER C 220 22.78 -39.12 7.70
C SER C 220 23.18 -37.66 7.86
N MET C 221 22.64 -37.03 8.90
CA MET C 221 22.94 -35.63 9.15
C MET C 221 24.43 -35.42 9.36
N VAL C 222 25.08 -36.35 10.06
CA VAL C 222 26.50 -36.22 10.32
C VAL C 222 27.28 -36.19 9.01
N ASP C 223 27.13 -37.24 8.22
CA ASP C 223 27.94 -37.43 7.01
C ASP C 223 27.56 -36.48 5.89
N ILE C 224 26.53 -35.66 6.05
CA ILE C 224 26.20 -34.63 5.08
C ILE C 224 26.63 -33.25 5.57
N MET C 225 26.28 -32.91 6.82
CA MET C 225 26.73 -31.65 7.39
C MET C 225 28.24 -31.55 7.34
N PHE C 226 28.93 -32.54 7.90
CA PHE C 226 30.38 -32.45 8.00
C PHE C 226 31.07 -32.65 6.65
N ASP C 227 30.47 -33.41 5.75
CA ASP C 227 31.02 -33.51 4.41
C ASP C 227 30.94 -32.17 3.70
N ALA C 228 29.83 -31.45 3.85
CA ALA C 228 29.72 -30.10 3.29
C ALA C 228 30.72 -29.16 3.94
N VAL C 229 30.91 -29.29 5.25
CA VAL C 229 31.89 -28.44 5.92
C VAL C 229 33.29 -28.68 5.37
N GLU C 230 33.63 -29.96 5.12
CA GLU C 230 34.95 -30.26 4.56
C GLU C 230 35.05 -29.78 3.12
N SER C 231 33.97 -29.88 2.35
CA SER C 231 33.96 -29.31 1.02
C SER C 231 34.30 -27.83 1.06
N PHE C 232 33.64 -27.09 1.95
CA PHE C 232 33.95 -25.67 2.08
C PHE C 232 35.36 -25.44 2.57
N ARG C 233 35.87 -26.32 3.43
CA ARG C 233 37.26 -26.22 3.86
C ARG C 233 38.20 -26.27 2.66
N LYS C 234 38.11 -27.34 1.87
CA LYS C 234 39.03 -27.50 0.75
C LYS C 234 38.81 -26.43 -0.31
N GLN C 235 37.57 -25.98 -0.49
CA GLN C 235 37.29 -24.96 -1.49
C GLN C 235 37.75 -23.58 -1.06
N SER C 236 37.83 -23.34 0.24
CA SER C 236 38.22 -22.04 0.78
C SER C 236 39.66 -22.01 1.28
N GLY C 237 40.14 -23.11 1.85
CA GLY C 237 41.38 -23.08 2.60
C GLY C 237 41.20 -22.67 4.04
N LEU C 238 39.98 -22.34 4.45
CA LEU C 238 39.73 -21.99 5.84
C LEU C 238 39.62 -23.26 6.67
N TYR C 239 40.08 -23.16 7.91
CA TYR C 239 40.26 -24.33 8.75
C TYR C 239 39.10 -24.43 9.74
N PHE C 240 38.13 -25.27 9.42
CA PHE C 240 36.96 -25.54 10.26
C PHE C 240 37.08 -26.97 10.76
N ASP C 241 37.77 -27.17 11.88
CA ASP C 241 38.04 -28.53 12.35
C ASP C 241 36.78 -29.11 12.96
N TYR C 242 36.13 -29.98 12.21
CA TYR C 242 34.91 -30.67 12.61
C TYR C 242 35.18 -32.06 13.19
N THR C 243 36.44 -32.43 13.36
CA THR C 243 36.76 -33.81 13.71
C THR C 243 36.16 -34.20 15.05
N LYS C 244 36.38 -33.39 16.09
CA LYS C 244 35.81 -33.68 17.40
C LYS C 244 34.31 -33.92 17.31
N ILE C 245 33.62 -33.06 16.56
CA ILE C 245 32.17 -33.08 16.55
C ILE C 245 31.67 -34.28 15.76
N LYS C 246 32.33 -34.60 14.66
CA LYS C 246 31.94 -35.79 13.90
C LYS C 246 32.16 -37.05 14.72
N GLU C 247 33.33 -37.17 15.34
CA GLU C 247 33.60 -38.31 16.21
C GLU C 247 32.50 -38.46 17.26
N PHE C 248 32.26 -37.41 18.04
CA PHE C 248 31.24 -37.50 19.09
C PHE C 248 29.87 -37.84 18.50
N MET C 249 29.36 -37.01 17.60
CA MET C 249 28.01 -37.18 17.08
C MET C 249 27.85 -38.47 16.30
N SER C 250 28.94 -39.18 16.00
CA SER C 250 28.85 -40.46 15.31
C SER C 250 28.87 -41.65 16.26
N GLU C 251 29.04 -41.41 17.55
CA GLU C 251 29.11 -42.49 18.53
C GLU C 251 27.74 -43.13 18.72
N GLU C 252 27.67 -44.09 19.64
CA GLU C 252 26.45 -44.84 19.91
C GLU C 252 25.68 -44.25 21.09
N LYS C 253 26.35 -44.06 22.22
CA LYS C 253 25.65 -43.59 23.41
C LYS C 253 25.18 -42.16 23.28
N THR C 254 25.70 -41.40 22.30
CA THR C 254 25.17 -40.08 22.02
C THR C 254 23.84 -40.18 21.29
N HIS C 255 23.81 -40.95 20.19
CA HIS C 255 22.53 -41.26 19.55
C HIS C 255 21.54 -41.86 20.53
N GLU C 256 22.02 -42.49 21.59
CA GLU C 256 21.12 -43.03 22.61
C GLU C 256 20.14 -41.96 23.09
N THR C 257 20.63 -40.74 23.33
CA THR C 257 19.79 -39.63 23.76
C THR C 257 19.56 -38.60 22.67
N MET C 258 20.48 -38.46 21.72
CA MET C 258 20.43 -37.37 20.76
C MET C 258 19.29 -37.57 19.76
N MET C 259 18.56 -36.50 19.49
CA MET C 259 17.59 -36.45 18.39
C MET C 259 18.30 -35.82 17.21
N VAL C 260 19.15 -36.61 16.55
CA VAL C 260 20.00 -36.08 15.49
C VAL C 260 19.18 -35.48 14.36
N ASP C 261 17.89 -35.80 14.27
CA ASP C 261 17.05 -35.24 13.23
C ASP C 261 16.64 -33.80 13.49
N ARG C 262 17.03 -33.24 14.63
CA ARG C 262 16.75 -31.87 14.99
C ARG C 262 18.01 -31.00 14.94
N SER C 263 18.99 -31.43 14.15
CA SER C 263 20.26 -30.74 14.02
C SER C 263 20.25 -29.81 12.82
N TYR C 264 21.17 -28.84 12.85
CA TYR C 264 21.35 -27.95 11.72
C TYR C 264 22.74 -27.35 11.76
N LEU C 265 23.20 -26.92 10.60
CA LEU C 265 24.48 -26.24 10.45
C LEU C 265 24.23 -24.75 10.35
N SER C 266 24.93 -23.98 11.15
CA SER C 266 24.78 -22.54 11.18
C SER C 266 26.07 -21.87 10.73
N PHE C 267 25.91 -20.72 10.08
CA PHE C 267 27.05 -19.95 9.61
C PHE C 267 26.64 -18.49 9.48
N ASP C 268 27.58 -17.60 9.75
CA ASP C 268 27.34 -16.18 9.63
C ASP C 268 27.51 -15.76 8.17
N CYS C 269 26.49 -15.11 7.62
CA CYS C 269 26.53 -14.61 6.25
C CYS C 269 27.43 -13.39 6.22
N LEU C 270 28.73 -13.63 6.29
CA LEU C 270 29.74 -12.59 6.30
C LEU C 270 30.92 -13.08 5.47
N ASP C 271 32.04 -12.37 5.60
CA ASP C 271 33.29 -12.82 5.00
C ASP C 271 33.67 -14.16 5.62
N PRO C 272 33.72 -15.24 4.84
CA PRO C 272 34.02 -16.56 5.42
C PRO C 272 35.25 -16.57 6.30
N ALA C 273 36.18 -15.66 6.05
CA ALA C 273 37.34 -15.54 6.92
C ALA C 273 36.94 -15.14 8.32
N LYS C 274 36.03 -14.17 8.44
CA LYS C 274 35.58 -13.67 9.73
C LYS C 274 34.29 -14.31 10.20
N SER C 275 33.68 -15.16 9.38
CA SER C 275 32.48 -15.86 9.80
C SER C 275 32.83 -17.08 10.65
N ARG C 276 31.80 -17.65 11.25
CA ARG C 276 31.93 -18.82 12.10
C ARG C 276 30.90 -19.85 11.69
N ILE C 277 31.23 -21.11 11.90
CA ILE C 277 30.33 -22.22 11.63
C ILE C 277 30.00 -22.88 12.96
N LYS C 278 28.76 -23.35 13.08
CA LYS C 278 28.27 -23.92 14.31
C LYS C 278 27.44 -25.14 13.99
N ILE C 279 27.67 -26.21 14.75
CA ILE C 279 26.87 -27.42 14.66
C ILE C 279 25.91 -27.46 15.82
N TYR C 280 24.66 -27.82 15.53
CA TYR C 280 23.58 -27.78 16.50
C TYR C 280 22.89 -29.14 16.54
N THR C 281 22.53 -29.57 17.74
CA THR C 281 21.73 -30.77 17.89
C THR C 281 20.93 -30.68 19.18
N GLU C 282 19.78 -31.35 19.17
CA GLU C 282 18.93 -31.44 20.34
C GLU C 282 19.25 -32.72 21.11
N ALA C 283 18.68 -32.82 22.31
CA ALA C 283 18.95 -33.95 23.18
C ALA C 283 17.99 -33.93 24.34
N LYS C 284 17.62 -35.13 24.79
CA LYS C 284 16.75 -35.32 25.94
C LYS C 284 17.53 -36.15 26.96
N VAL C 285 18.24 -35.47 27.85
CA VAL C 285 19.07 -36.13 28.82
C VAL C 285 18.33 -36.21 30.14
N LYS C 286 18.87 -37.01 31.07
CA LYS C 286 18.27 -37.19 32.38
C LYS C 286 19.18 -36.80 33.53
N THR C 287 20.49 -36.78 33.33
CA THR C 287 21.45 -36.43 34.38
C THR C 287 22.50 -35.51 33.79
N LEU C 288 23.26 -34.87 34.68
CA LEU C 288 24.31 -33.95 34.27
C LEU C 288 25.47 -34.65 33.59
N GLU C 289 25.56 -35.98 33.67
CA GLU C 289 26.63 -36.69 33.00
C GLU C 289 26.42 -36.70 31.49
N GLU C 290 25.19 -36.93 31.03
CA GLU C 290 24.90 -36.81 29.61
C GLU C 290 25.04 -35.36 29.15
N ALA C 291 24.67 -34.41 30.01
CA ALA C 291 24.84 -33.01 29.67
C ALA C 291 26.31 -32.67 29.46
N TYR C 292 27.18 -33.18 30.34
CA TYR C 292 28.61 -32.98 30.13
C TYR C 292 29.10 -33.75 28.93
N SER C 293 28.47 -34.87 28.60
CA SER C 293 28.80 -35.59 27.38
C SER C 293 28.61 -34.69 26.16
N PHE C 294 27.47 -34.01 26.10
CA PHE C 294 27.19 -33.15 24.96
C PHE C 294 28.05 -31.89 24.99
N TRP C 295 28.17 -31.26 26.16
CA TRP C 295 28.96 -30.04 26.29
C TRP C 295 30.42 -30.29 25.94
N SER C 296 30.95 -31.46 26.28
CA SER C 296 32.37 -31.76 26.16
C SER C 296 32.71 -32.55 24.91
N LEU C 297 31.72 -33.02 24.16
CA LEU C 297 31.95 -33.89 23.03
C LEU C 297 32.63 -35.19 23.48
N GLY C 298 32.08 -35.79 24.53
CA GLY C 298 32.64 -37.00 25.08
C GLY C 298 34.02 -36.83 25.66
N GLY C 299 34.27 -35.70 26.31
CA GLY C 299 35.56 -35.43 26.90
C GLY C 299 36.60 -34.89 25.95
N ARG C 300 36.36 -34.95 24.64
CA ARG C 300 37.33 -34.47 23.68
C ARG C 300 37.60 -32.97 23.82
N LEU C 301 36.69 -32.24 24.44
CA LEU C 301 36.88 -30.81 24.71
C LEU C 301 37.08 -30.62 26.21
N SER C 302 38.17 -29.95 26.56
CA SER C 302 38.50 -29.73 27.96
C SER C 302 39.24 -28.41 28.09
N GLY C 303 39.74 -28.15 29.30
CA GLY C 303 40.42 -26.92 29.59
C GLY C 303 39.70 -26.16 30.68
N PRO C 304 40.23 -24.99 31.06
CA PRO C 304 39.56 -24.21 32.10
C PRO C 304 38.18 -23.75 31.71
N GLU C 305 37.97 -23.47 30.42
CA GLU C 305 36.70 -22.89 29.99
C GLU C 305 35.58 -23.91 30.07
N ILE C 306 35.84 -25.15 29.63
CA ILE C 306 34.82 -26.19 29.75
C ILE C 306 34.40 -26.37 31.20
N ASP C 307 35.38 -26.40 32.11
CA ASP C 307 35.07 -26.56 33.53
C ASP C 307 34.21 -25.41 34.04
N TYR C 308 34.70 -24.18 33.84
CA TYR C 308 33.98 -23.02 34.37
C TYR C 308 32.61 -22.86 33.71
N GLY C 309 32.43 -23.39 32.51
CA GLY C 309 31.14 -23.33 31.87
C GLY C 309 30.17 -24.35 32.42
N PHE C 310 30.64 -25.58 32.62
CA PHE C 310 29.74 -26.59 33.15
C PHE C 310 29.42 -26.35 34.61
N LYS C 311 30.27 -25.61 35.33
CA LYS C 311 29.87 -25.16 36.66
C LYS C 311 28.54 -24.41 36.60
N ILE C 312 28.44 -23.48 35.65
CA ILE C 312 27.25 -22.64 35.54
C ILE C 312 26.09 -23.44 34.96
N VAL C 313 26.38 -24.35 34.02
CA VAL C 313 25.33 -25.22 33.51
C VAL C 313 24.72 -26.04 34.64
N SER C 314 25.57 -26.56 35.54
CA SER C 314 25.05 -27.35 36.67
C SER C 314 24.25 -26.48 37.62
N GLN C 315 24.76 -25.29 37.93
CA GLN C 315 24.02 -24.35 38.76
C GLN C 315 22.62 -24.12 38.22
N MET C 316 22.52 -23.75 36.94
CA MET C 316 21.21 -23.46 36.37
C MET C 316 20.37 -24.72 36.21
N TRP C 317 21.00 -25.86 35.97
CA TRP C 317 20.28 -27.12 35.89
C TRP C 317 19.53 -27.39 37.19
N ASP C 318 20.27 -27.50 38.29
CA ASP C 318 19.64 -27.78 39.57
C ASP C 318 18.94 -26.57 40.17
N ALA C 319 18.97 -25.42 39.48
CA ALA C 319 18.15 -24.29 39.88
C ALA C 319 16.81 -24.22 39.16
N ILE C 320 16.73 -24.73 37.94
CA ILE C 320 15.51 -24.66 37.13
C ILE C 320 14.77 -25.99 37.10
N TYR C 321 15.47 -27.07 36.73
CA TYR C 321 14.85 -28.38 36.63
C TYR C 321 14.66 -29.03 37.99
N SER C 322 14.78 -28.26 39.07
CA SER C 322 14.65 -28.73 40.43
C SER C 322 13.29 -28.42 41.03
N LYS C 323 12.31 -28.06 40.21
CA LYS C 323 11.08 -27.47 40.70
C LYS C 323 9.87 -28.08 40.01
N GLU C 324 8.71 -27.55 40.39
CA GLU C 324 7.42 -28.08 39.95
C GLU C 324 7.07 -27.55 38.56
N LEU C 325 6.45 -28.40 37.77
CA LEU C 325 5.84 -27.99 36.51
C LEU C 325 4.37 -27.65 36.74
N PRO C 326 3.75 -26.91 35.82
CA PRO C 326 2.32 -26.62 35.94
C PRO C 326 1.51 -27.90 35.89
N GLY C 327 0.34 -27.86 36.53
CA GLY C 327 -0.49 -29.04 36.61
C GLY C 327 0.08 -30.16 37.45
N GLY C 328 1.19 -29.93 38.14
CA GLY C 328 1.77 -30.96 38.98
C GLY C 328 2.27 -32.16 38.22
N LYS C 329 2.83 -31.94 37.03
CA LYS C 329 3.39 -33.03 36.23
C LYS C 329 4.85 -33.25 36.60
N GLN C 330 5.39 -34.37 36.10
CA GLN C 330 6.74 -34.80 36.42
C GLN C 330 7.63 -34.71 35.19
N ARG C 331 8.92 -34.49 35.43
CA ARG C 331 9.90 -34.36 34.35
C ARG C 331 10.29 -35.73 33.85
N GLU C 332 9.73 -36.13 32.70
CA GLU C 332 10.19 -37.35 32.04
C GLU C 332 11.68 -37.30 31.80
N ASN C 333 12.19 -36.15 31.39
CA ASN C 333 13.59 -35.96 31.04
C ASN C 333 13.82 -34.47 30.84
N ASN C 334 15.08 -34.08 30.71
CA ASN C 334 15.46 -32.69 30.53
C ASN C 334 15.86 -32.45 29.08
N HIS C 335 15.10 -31.60 28.41
CA HIS C 335 15.34 -31.26 27.01
C HIS C 335 16.42 -30.19 26.93
N ILE C 336 17.47 -30.45 26.14
CA ILE C 336 18.56 -29.50 25.97
C ILE C 336 18.90 -29.40 24.48
N GLN C 337 19.64 -28.36 24.15
CA GLN C 337 20.22 -28.17 22.83
C GLN C 337 21.64 -27.64 23.01
N ILE C 338 22.44 -27.77 21.97
CA ILE C 338 23.87 -27.52 22.09
C ILE C 338 24.40 -27.03 20.75
N ASN C 339 25.21 -25.97 20.80
CA ASN C 339 25.88 -25.41 19.63
C ASN C 339 27.38 -25.50 19.86
N TRP C 340 28.09 -26.09 18.91
CA TRP C 340 29.54 -26.12 18.92
C TRP C 340 30.05 -25.23 17.80
N GLU C 341 30.72 -24.14 18.17
CA GLU C 341 31.21 -23.18 17.20
C GLU C 341 32.66 -23.50 16.83
N MET C 342 32.94 -23.51 15.53
CA MET C 342 34.27 -23.75 15.00
C MET C 342 34.74 -22.52 14.25
N SER C 343 35.92 -22.01 14.62
CA SER C 343 36.42 -20.79 14.03
C SER C 343 37.16 -21.07 12.72
N ALA C 344 37.38 -20.00 11.96
CA ALA C 344 38.00 -20.12 10.65
C ALA C 344 39.51 -20.22 10.73
N LYS C 345 40.13 -19.44 11.61
CA LYS C 345 41.57 -19.39 11.70
C LYS C 345 42.13 -20.33 12.77
N ASP C 346 41.29 -20.76 13.71
CA ASP C 346 41.72 -21.65 14.77
C ASP C 346 41.12 -23.04 14.57
N SER C 347 41.54 -23.98 15.41
CA SER C 347 40.96 -25.32 15.47
C SER C 347 40.10 -25.50 16.69
N SER C 348 39.84 -24.43 17.44
CA SER C 348 39.03 -24.51 18.64
C SER C 348 37.57 -24.80 18.29
N VAL C 349 36.93 -25.55 19.17
CA VAL C 349 35.48 -25.72 19.15
C VAL C 349 34.95 -25.27 20.52
N ALA C 350 33.93 -24.42 20.50
CA ALA C 350 33.40 -23.85 21.72
C ALA C 350 31.92 -24.19 21.83
N PRO C 351 31.47 -24.77 22.93
CA PRO C 351 30.07 -25.17 23.03
C PRO C 351 29.17 -24.05 23.53
N LYS C 352 27.87 -24.29 23.39
CA LYS C 352 26.86 -23.38 23.90
C LYS C 352 25.61 -24.20 24.18
N LEU C 353 25.29 -24.40 25.45
CA LEU C 353 24.29 -25.36 25.87
C LEU C 353 22.96 -24.65 26.14
N TYR C 354 21.91 -25.08 25.45
CA TYR C 354 20.58 -24.58 25.68
C TYR C 354 19.88 -25.45 26.72
N LEU C 355 19.25 -24.82 27.69
CA LEU C 355 18.32 -25.48 28.59
C LEU C 355 16.91 -25.01 28.27
N THR C 356 16.08 -25.91 27.79
CA THR C 356 14.73 -25.57 27.36
C THR C 356 13.81 -25.43 28.57
N VAL C 357 13.07 -24.32 28.62
CA VAL C 357 12.17 -24.03 29.72
C VAL C 357 10.78 -23.67 29.19
N ILE C 358 10.41 -24.23 28.04
CA ILE C 358 9.09 -23.94 27.48
C ILE C 358 7.98 -24.34 28.44
N GLU C 359 8.23 -25.35 29.28
CA GLU C 359 7.21 -25.87 30.17
C GLU C 359 7.29 -25.28 31.58
N ASP C 360 8.40 -24.63 31.93
CA ASP C 360 8.60 -24.18 33.29
C ASP C 360 7.78 -22.92 33.58
N TYR C 361 7.77 -22.53 34.86
CA TYR C 361 7.15 -21.28 35.27
C TYR C 361 8.04 -20.12 34.88
N ASP C 362 7.50 -19.20 34.08
CA ASP C 362 8.25 -17.99 33.76
C ASP C 362 8.71 -17.30 35.04
N ALA C 363 7.94 -17.43 36.11
CA ALA C 363 8.37 -16.94 37.41
C ALA C 363 9.62 -17.67 37.89
N TYR C 364 9.59 -19.00 37.83
CA TYR C 364 10.75 -19.78 38.28
C TYR C 364 11.96 -19.52 37.39
N VAL C 365 11.76 -19.47 36.08
CA VAL C 365 12.86 -19.23 35.17
C VAL C 365 13.47 -17.86 35.41
N SER C 366 12.63 -16.84 35.55
CA SER C 366 13.12 -15.50 35.82
C SER C 366 13.86 -15.44 37.14
N SER C 367 13.33 -16.09 38.17
CA SER C 367 13.99 -16.10 39.46
C SER C 367 15.34 -16.79 39.38
N ALA C 368 15.42 -17.89 38.64
CA ALA C 368 16.69 -18.60 38.48
C ALA C 368 17.70 -17.72 37.75
N ILE C 369 17.27 -17.10 36.65
CA ILE C 369 18.15 -16.21 35.91
C ILE C 369 18.66 -15.09 36.81
N VAL C 370 17.76 -14.51 37.62
CA VAL C 370 18.14 -13.41 38.48
C VAL C 370 19.14 -13.87 39.54
N ASP C 371 18.90 -15.03 40.14
CA ASP C 371 19.82 -15.51 41.17
C ASP C 371 21.17 -15.86 40.57
N LEU C 372 21.17 -16.41 39.36
CA LEU C 372 22.43 -16.66 38.65
C LEU C 372 23.19 -15.35 38.43
N PHE C 373 22.53 -14.37 37.82
CA PHE C 373 23.16 -13.08 37.59
C PHE C 373 23.71 -12.50 38.89
N THR C 374 22.96 -12.62 39.99
CA THR C 374 23.45 -12.10 41.27
C THR C 374 24.67 -12.86 41.74
N GLY C 375 24.68 -14.18 41.59
CA GLY C 375 25.88 -14.94 41.90
C GLY C 375 27.07 -14.53 41.05
N LEU C 376 26.81 -14.04 39.85
CA LEU C 376 27.86 -13.52 38.99
C LEU C 376 28.20 -12.06 39.28
N GLY C 377 27.42 -11.39 40.12
CA GLY C 377 27.64 -9.98 40.39
C GLY C 377 27.07 -9.06 39.34
N TRP C 378 26.04 -9.49 38.60
CA TRP C 378 25.49 -8.71 37.51
C TRP C 378 24.22 -7.99 37.96
N ALA C 379 24.42 -6.90 38.69
CA ALA C 379 23.29 -6.09 39.14
C ALA C 379 22.63 -5.37 37.97
N ALA C 380 23.43 -4.70 37.14
CA ALA C 380 22.89 -4.01 35.98
C ALA C 380 22.06 -4.96 35.12
N HIS C 381 22.52 -6.20 34.97
CA HIS C 381 21.83 -7.14 34.10
C HIS C 381 20.56 -7.67 34.72
N VAL C 382 20.51 -7.85 36.04
CA VAL C 382 19.24 -8.24 36.65
C VAL C 382 18.22 -7.12 36.52
N GLN C 383 18.68 -5.87 36.61
CA GLN C 383 17.77 -4.74 36.41
C GLN C 383 17.26 -4.72 34.98
N THR C 384 18.16 -4.86 34.00
CA THR C 384 17.73 -4.92 32.62
C THR C 384 16.78 -6.07 32.38
N HIS C 385 17.05 -7.22 33.00
CA HIS C 385 16.23 -8.40 32.80
C HIS C 385 14.82 -8.19 33.33
N LYS C 386 14.70 -7.68 34.56
CA LYS C 386 13.38 -7.43 35.12
C LYS C 386 12.67 -6.32 34.38
N LYS C 387 13.42 -5.34 33.86
CA LYS C 387 12.81 -4.29 33.06
C LYS C 387 12.16 -4.88 31.81
N ILE C 388 12.93 -5.63 31.03
CA ILE C 388 12.38 -6.27 29.84
C ILE C 388 11.22 -7.17 30.23
N GLU C 389 11.34 -7.86 31.35
CA GLU C 389 10.28 -8.75 31.82
C GLU C 389 8.98 -7.99 32.00
N LYS C 390 9.00 -6.96 32.84
CA LYS C 390 7.75 -6.30 33.21
C LYS C 390 7.19 -5.46 32.06
N GLU C 391 8.05 -4.87 31.25
CA GLU C 391 7.59 -3.99 30.18
C GLU C 391 7.14 -4.76 28.96
N ALA C 392 7.96 -5.70 28.50
CA ALA C 392 7.68 -6.40 27.26
C ALA C 392 6.85 -7.66 27.49
N TYR C 393 7.03 -8.31 28.63
CA TYR C 393 6.35 -9.55 28.97
C TYR C 393 5.54 -9.33 30.24
N PRO C 394 4.38 -8.68 30.13
CA PRO C 394 3.58 -8.39 31.31
C PRO C 394 2.90 -9.61 31.92
N MET C 395 2.85 -10.73 31.20
CA MET C 395 2.14 -11.90 31.66
C MET C 395 2.90 -12.67 32.74
N CYS C 396 4.17 -12.34 32.96
CA CYS C 396 4.90 -12.94 34.07
C CYS C 396 4.50 -12.32 35.40
N ASP C 397 4.19 -11.02 35.41
CA ASP C 397 3.74 -10.37 36.63
C ASP C 397 2.23 -10.48 36.79
N ALA C 398 1.48 -10.40 35.69
CA ALA C 398 0.02 -10.47 35.78
C ALA C 398 -0.43 -11.88 36.10
N ASN C 399 -0.01 -12.85 35.30
CA ASN C 399 -0.44 -14.23 35.47
C ASN C 399 0.62 -14.99 36.24
N PRO C 400 0.35 -15.39 37.50
CA PRO C 400 1.38 -16.06 38.29
C PRO C 400 1.68 -17.48 37.83
N GLN C 401 1.00 -17.97 36.81
CA GLN C 401 1.21 -19.33 36.29
C GLN C 401 1.47 -19.27 34.79
N SER C 402 2.36 -18.37 34.38
CA SER C 402 2.67 -18.17 32.98
C SER C 402 3.88 -18.98 32.57
N THR C 403 3.77 -19.64 31.41
CA THR C 403 4.80 -20.55 30.91
C THR C 403 5.04 -20.31 29.44
N HIS C 404 5.06 -19.04 29.03
CA HIS C 404 5.06 -18.68 27.63
C HIS C 404 6.16 -17.71 27.25
N ALA C 405 6.52 -16.77 28.12
CA ALA C 405 7.54 -15.80 27.78
C ALA C 405 8.86 -16.48 27.50
N TYR C 406 9.43 -17.12 28.51
CA TYR C 406 10.73 -17.74 28.36
C TYR C 406 10.61 -19.07 27.63
N VAL C 407 11.64 -19.36 26.83
CA VAL C 407 11.66 -20.52 25.96
C VAL C 407 12.92 -21.34 26.18
N TRP C 408 14.08 -20.69 26.13
CA TRP C 408 15.36 -21.34 26.38
C TRP C 408 16.26 -20.39 27.15
N ILE C 409 17.27 -20.96 27.81
CA ILE C 409 18.37 -20.22 28.37
C ILE C 409 19.65 -20.92 27.92
N SER C 410 20.61 -20.13 27.47
CA SER C 410 21.79 -20.66 26.80
C SER C 410 23.04 -20.21 27.54
N LEU C 411 23.90 -21.17 27.87
CA LEU C 411 25.13 -20.92 28.60
C LEU C 411 26.31 -21.23 27.71
N ALA C 412 27.23 -20.28 27.63
CA ALA C 412 28.50 -20.46 26.95
C ALA C 412 29.56 -19.72 27.75
N TYR C 413 30.79 -20.21 27.68
CA TYR C 413 31.88 -19.65 28.44
C TYR C 413 33.04 -19.36 27.51
N LYS C 414 33.47 -18.11 27.49
CA LYS C 414 34.60 -17.65 26.69
C LYS C 414 35.63 -17.04 27.62
N LYS C 415 36.85 -16.84 27.10
CA LYS C 415 37.91 -16.28 27.91
C LYS C 415 37.52 -14.93 28.49
N THR C 416 36.50 -14.27 27.93
CA THR C 416 35.95 -13.08 28.54
C THR C 416 35.31 -13.40 29.88
N GLY C 417 34.65 -14.56 29.96
CA GLY C 417 33.85 -14.91 31.10
C GLY C 417 32.63 -15.67 30.65
N PRO C 418 31.62 -15.76 31.50
CA PRO C 418 30.37 -16.41 31.09
C PRO C 418 29.67 -15.65 29.99
N TYR C 419 28.75 -16.34 29.35
CA TYR C 419 27.95 -15.78 28.26
C TYR C 419 26.58 -16.46 28.35
N ILE C 420 25.68 -15.84 29.08
CA ILE C 420 24.33 -16.34 29.25
C ILE C 420 23.42 -15.57 28.31
N THR C 421 22.36 -16.22 27.85
CA THR C 421 21.54 -15.72 26.77
C THR C 421 20.11 -16.20 26.97
N VAL C 422 19.22 -15.27 27.31
CA VAL C 422 17.84 -15.57 27.63
C VAL C 422 17.02 -15.44 26.36
N TYR C 423 16.42 -16.54 25.92
CA TYR C 423 15.65 -16.59 24.68
C TYR C 423 14.18 -16.58 25.05
N THR C 424 13.52 -15.48 24.74
CA THR C 424 12.11 -15.30 25.03
C THR C 424 11.28 -15.43 23.76
N ASN C 425 10.01 -15.74 23.95
CA ASN C 425 9.06 -15.75 22.86
C ASN C 425 8.42 -14.38 22.74
N PRO C 426 8.56 -13.67 21.62
CA PRO C 426 7.94 -12.35 21.52
C PRO C 426 6.44 -12.44 21.32
N GLY C 427 5.96 -13.48 20.66
CA GLY C 427 4.55 -13.66 20.44
C GLY C 427 3.85 -14.30 21.63
N ALA C 428 4.46 -14.18 22.81
CA ALA C 428 3.83 -14.68 24.02
C ALA C 428 2.53 -13.96 24.32
N SER C 429 2.35 -12.75 23.78
CA SER C 429 1.08 -12.05 23.86
C SER C 429 -0.02 -12.78 23.09
N ILE C 430 0.36 -13.68 22.18
CA ILE C 430 -0.62 -14.41 21.40
C ILE C 430 -1.08 -15.68 22.10
N LEU C 431 -0.27 -16.20 23.02
CA LEU C 431 -0.58 -17.40 23.76
C LEU C 431 -1.28 -17.10 25.08
N GLU C 432 -1.71 -15.86 25.29
CA GLU C 432 -2.38 -15.46 26.51
C GLU C 432 -3.70 -14.78 26.19
N SER D 23 -14.42 -21.54 -11.89
CA SER D 23 -14.72 -20.09 -11.82
C SER D 23 -14.66 -19.56 -10.39
N PRO D 24 -13.70 -18.70 -10.10
CA PRO D 24 -13.79 -17.90 -8.88
C PRO D 24 -14.80 -16.78 -9.07
N SER D 25 -15.50 -16.48 -8.00
CA SER D 25 -16.45 -15.40 -8.09
C SER D 25 -15.76 -14.09 -7.72
N PRO D 26 -16.27 -12.97 -8.24
CA PRO D 26 -15.51 -11.71 -8.16
C PRO D 26 -14.97 -11.38 -6.79
N TRP D 27 -15.70 -11.66 -5.72
CA TRP D 27 -15.23 -11.29 -4.39
C TRP D 27 -14.00 -12.09 -3.99
N ASP D 28 -14.00 -13.40 -4.27
CA ASP D 28 -12.84 -14.22 -3.96
C ASP D 28 -11.61 -13.75 -4.74
N PHE D 29 -11.76 -13.67 -6.06
CA PHE D 29 -10.64 -13.29 -6.91
C PHE D 29 -10.11 -11.91 -6.53
N LEU D 30 -11.00 -10.98 -6.21
CA LEU D 30 -10.58 -9.63 -5.87
C LEU D 30 -9.88 -9.59 -4.53
N GLY D 31 -10.38 -10.35 -3.55
CA GLY D 31 -9.67 -10.44 -2.28
C GLY D 31 -8.31 -11.09 -2.44
N ARG D 32 -8.15 -11.89 -3.48
CA ARG D 32 -6.86 -12.52 -3.73
C ARG D 32 -5.88 -11.55 -4.36
N VAL D 33 -6.32 -10.77 -5.35
CA VAL D 33 -5.39 -9.92 -6.09
C VAL D 33 -5.28 -8.51 -5.50
N LEU D 34 -6.32 -8.01 -4.85
CA LEU D 34 -6.34 -6.60 -4.49
C LEU D 34 -5.41 -6.31 -3.33
N GLN D 35 -4.78 -5.14 -3.39
CA GLN D 35 -3.95 -4.65 -2.32
C GLN D 35 -4.74 -3.63 -1.52
N PHE D 36 -4.79 -3.83 -0.21
CA PHE D 36 -5.58 -3.00 0.68
C PHE D 36 -4.68 -2.07 1.48
N GLN D 37 -5.08 -0.80 1.55
CA GLN D 37 -4.31 0.18 2.30
C GLN D 37 -4.16 -0.25 3.76
N HIS D 38 -5.22 -0.78 4.33
CA HIS D 38 -5.30 -1.05 5.76
C HIS D 38 -5.86 -2.44 5.97
N GLY D 39 -5.61 -2.99 7.16
CA GLY D 39 -6.13 -4.31 7.47
C GLY D 39 -7.63 -4.31 7.68
N ASP D 40 -8.15 -3.28 8.36
CA ASP D 40 -9.58 -3.20 8.57
C ASP D 40 -10.34 -3.20 7.25
N HIS D 41 -9.75 -2.67 6.19
CA HIS D 41 -10.38 -2.74 4.89
C HIS D 41 -10.43 -4.18 4.41
N LYS D 42 -9.38 -4.94 4.67
CA LYS D 42 -9.36 -6.35 4.28
C LYS D 42 -10.43 -7.12 5.04
N ARG D 43 -10.60 -6.83 6.33
CA ARG D 43 -11.58 -7.54 7.13
C ARG D 43 -13.00 -7.16 6.71
N TRP D 44 -13.25 -5.87 6.52
CA TRP D 44 -14.54 -5.44 6.03
C TRP D 44 -14.84 -6.07 4.67
N TRP D 45 -13.82 -6.25 3.85
CA TRP D 45 -14.03 -6.92 2.57
C TRP D 45 -14.46 -8.36 2.81
N ASP D 46 -13.66 -9.11 3.57
CA ASP D 46 -13.98 -10.49 3.87
C ASP D 46 -15.38 -10.65 4.40
N VAL D 47 -15.89 -9.63 5.09
CA VAL D 47 -17.21 -9.73 5.71
C VAL D 47 -18.31 -9.37 4.73
N LEU D 48 -18.17 -8.24 4.04
CA LEU D 48 -19.25 -7.69 3.22
C LEU D 48 -19.20 -8.17 1.78
N ALA D 49 -18.05 -8.07 1.13
CA ALA D 49 -17.95 -8.41 -0.28
C ALA D 49 -18.63 -9.72 -0.61
N PRO D 50 -18.50 -10.77 0.19
CA PRO D 50 -19.39 -11.93 -0.02
C PRO D 50 -20.84 -11.54 -0.06
N VAL D 51 -21.31 -10.80 0.94
CA VAL D 51 -22.72 -10.44 1.02
C VAL D 51 -23.14 -9.62 -0.19
N PHE D 52 -22.43 -8.52 -0.43
CA PHE D 52 -22.79 -7.63 -1.53
C PHE D 52 -22.72 -8.35 -2.86
N GLY D 53 -21.67 -9.12 -3.08
CA GLY D 53 -21.52 -9.80 -4.34
C GLY D 53 -22.57 -10.88 -4.56
N ILE D 54 -22.92 -11.59 -3.50
CA ILE D 54 -23.94 -12.62 -3.62
C ILE D 54 -25.30 -11.99 -3.87
N SER D 55 -25.58 -10.87 -3.21
CA SER D 55 -26.83 -10.16 -3.47
C SER D 55 -26.89 -9.69 -4.91
N MET D 56 -25.82 -9.05 -5.38
CA MET D 56 -25.78 -8.55 -6.74
C MET D 56 -25.86 -9.67 -7.76
N ALA D 57 -25.30 -10.84 -7.45
CA ALA D 57 -25.31 -11.94 -8.40
C ALA D 57 -26.64 -12.68 -8.41
N SER D 58 -27.30 -12.76 -7.26
CA SER D 58 -28.62 -13.37 -7.21
C SER D 58 -29.67 -12.47 -7.82
N ILE D 59 -29.48 -11.15 -7.71
CA ILE D 59 -30.34 -10.21 -8.40
C ILE D 59 -30.30 -10.45 -9.90
N GLY D 60 -29.12 -10.69 -10.44
CA GLY D 60 -28.94 -10.92 -11.85
C GLY D 60 -27.97 -9.95 -12.48
N TYR D 61 -27.07 -9.40 -11.68
CA TYR D 61 -26.09 -8.46 -12.21
C TYR D 61 -25.13 -9.17 -13.15
N LYS D 62 -24.57 -8.40 -14.07
CA LYS D 62 -23.51 -8.92 -14.91
C LYS D 62 -22.21 -9.00 -14.13
N LEU D 63 -21.29 -9.83 -14.61
CA LEU D 63 -20.05 -10.06 -13.89
C LEU D 63 -19.22 -8.78 -13.78
N ASP D 64 -19.11 -8.03 -14.87
CA ASP D 64 -18.32 -6.82 -14.82
C ASP D 64 -18.94 -5.76 -13.91
N VAL D 65 -20.26 -5.77 -13.77
CA VAL D 65 -20.89 -4.85 -12.85
C VAL D 65 -20.59 -5.25 -11.41
N GLN D 66 -20.59 -6.55 -11.12
CA GLN D 66 -20.11 -7.00 -9.82
C GLN D 66 -18.71 -6.51 -9.57
N TYR D 67 -17.82 -6.65 -10.55
CA TYR D 67 -16.45 -6.19 -10.39
C TYR D 67 -16.39 -4.70 -10.13
N ARG D 68 -17.13 -3.91 -10.92
CA ARG D 68 -17.11 -2.46 -10.76
C ARG D 68 -17.61 -2.05 -9.39
N HIS D 69 -18.72 -2.61 -8.94
CA HIS D 69 -19.29 -2.20 -7.67
C HIS D 69 -18.45 -2.68 -6.50
N LEU D 70 -17.86 -3.86 -6.61
CA LEU D 70 -16.98 -4.33 -5.54
C LEU D 70 -15.71 -3.50 -5.47
N LEU D 71 -15.23 -3.00 -6.61
CA LEU D 71 -14.09 -2.12 -6.60
C LEU D 71 -14.44 -0.73 -6.06
N VAL D 72 -15.64 -0.26 -6.37
CA VAL D 72 -16.15 0.97 -5.74
C VAL D 72 -16.18 0.81 -4.23
N LEU D 73 -16.77 -0.29 -3.76
CA LEU D 73 -16.77 -0.59 -2.33
C LEU D 73 -15.36 -0.65 -1.77
N TYR D 74 -14.41 -1.17 -2.54
CA TYR D 74 -13.05 -1.34 -2.06
C TYR D 74 -12.33 -0.01 -1.95
N ASP D 75 -12.61 0.92 -2.86
CA ASP D 75 -11.92 2.20 -2.90
C ASP D 75 -12.67 3.29 -2.17
N ALA D 76 -13.93 3.50 -2.50
CA ALA D 76 -14.71 4.60 -1.96
C ALA D 76 -15.26 4.31 -0.57
N VAL D 77 -15.91 3.16 -0.40
CA VAL D 77 -16.71 2.88 0.78
C VAL D 77 -15.85 2.32 1.91
N ILE D 78 -15.23 1.17 1.68
CA ILE D 78 -14.56 0.47 2.78
C ILE D 78 -13.63 1.39 3.56
N PRO D 79 -12.82 2.24 2.93
CA PRO D 79 -11.98 3.16 3.72
C PRO D 79 -12.78 4.16 4.52
N ASN D 80 -14.08 4.24 4.29
CA ASN D 80 -14.94 5.16 5.03
C ASN D 80 -16.06 4.39 5.70
N MET D 81 -15.69 3.27 6.32
CA MET D 81 -16.54 2.52 7.22
C MET D 81 -16.11 2.62 8.65
N GLY D 82 -14.81 2.78 8.90
CA GLY D 82 -14.28 2.84 10.22
C GLY D 82 -13.55 1.58 10.60
N PRO D 83 -13.05 1.54 11.82
CA PRO D 83 -12.33 0.36 12.28
C PRO D 83 -13.21 -0.88 12.23
N PHE D 84 -12.57 -2.01 12.22
CA PHE D 84 -13.31 -3.26 12.24
C PHE D 84 -13.51 -3.71 13.69
N PRO D 85 -14.69 -4.13 14.06
CA PRO D 85 -14.92 -4.52 15.45
C PRO D 85 -14.19 -5.79 15.84
N ASN D 86 -13.20 -5.67 16.72
CA ASN D 86 -12.70 -6.83 17.42
C ASN D 86 -13.82 -7.33 18.33
N SER D 87 -13.61 -8.45 19.01
CA SER D 87 -14.70 -9.09 19.73
C SER D 87 -15.26 -8.17 20.81
N ASN D 88 -14.39 -7.54 21.59
CA ASN D 88 -14.85 -6.60 22.61
C ASN D 88 -15.21 -5.23 22.05
N ALA D 89 -15.09 -5.03 20.73
CA ALA D 89 -15.36 -3.74 20.11
C ALA D 89 -14.65 -2.62 20.85
N SER D 90 -13.39 -2.87 21.21
CA SER D 90 -12.60 -1.89 21.96
C SER D 90 -12.13 -0.75 21.08
N ASN D 91 -11.84 -1.01 19.81
CA ASN D 91 -11.25 -0.03 18.92
C ASN D 91 -12.26 0.95 18.36
N ILE D 92 -13.56 0.68 18.52
CA ILE D 92 -14.61 1.50 17.92
C ILE D 92 -14.84 2.70 18.84
N THR D 93 -14.31 3.85 18.45
CA THR D 93 -14.44 5.07 19.21
C THR D 93 -15.63 5.91 18.80
N TRP D 94 -16.14 5.71 17.59
CA TRP D 94 -17.32 6.42 17.10
C TRP D 94 -18.55 5.71 17.61
N THR D 95 -19.09 6.19 18.72
CA THR D 95 -20.20 5.53 19.38
C THR D 95 -21.46 5.59 18.51
N SER D 96 -22.26 4.52 18.60
CA SER D 96 -23.48 4.44 17.83
C SER D 96 -24.37 3.39 18.46
N PRO D 97 -25.70 3.57 18.45
CA PRO D 97 -26.58 2.50 18.92
C PRO D 97 -26.59 1.30 17.99
N PHE D 98 -26.43 1.53 16.69
CA PHE D 98 -26.34 0.44 15.74
C PHE D 98 -24.95 -0.19 15.78
N PRO D 99 -24.84 -1.45 15.39
CA PRO D 99 -23.51 -2.06 15.31
C PRO D 99 -22.73 -1.46 14.17
N PRO D 100 -21.40 -1.51 14.24
CA PRO D 100 -20.58 -0.92 13.18
C PRO D 100 -20.83 -1.59 11.85
N GLY D 101 -20.41 -0.92 10.79
CA GLY D 101 -20.63 -1.39 9.45
C GLY D 101 -21.78 -0.69 8.78
N PRO D 102 -22.11 -1.13 7.58
CA PRO D 102 -23.26 -0.56 6.88
C PRO D 102 -24.52 -0.71 7.70
N LEU D 103 -25.22 0.40 7.90
CA LEU D 103 -26.48 0.38 8.62
C LEU D 103 -27.43 -0.65 8.04
N GLU D 104 -27.34 -0.87 6.72
CA GLU D 104 -28.13 -1.92 6.10
C GLU D 104 -27.63 -2.13 4.68
N ALA D 105 -27.99 -3.30 4.13
CA ALA D 105 -27.84 -3.59 2.72
C ALA D 105 -29.18 -4.08 2.22
N SER D 106 -29.70 -3.39 1.22
CA SER D 106 -31.08 -3.54 0.80
C SER D 106 -31.15 -4.23 -0.55
N VAL D 107 -32.21 -5.02 -0.73
CA VAL D 107 -32.53 -5.63 -2.01
C VAL D 107 -33.99 -5.32 -2.30
N ASN D 108 -34.22 -4.52 -3.33
CA ASN D 108 -35.54 -4.10 -3.72
C ASN D 108 -36.28 -5.20 -4.47
N TYR D 109 -37.60 -5.21 -4.33
CA TYR D 109 -38.45 -6.22 -4.97
C TYR D 109 -39.71 -5.53 -5.46
N GLN D 110 -39.84 -5.39 -6.78
CA GLN D 110 -41.03 -4.84 -7.40
C GLN D 110 -41.68 -5.92 -8.28
N ALA D 111 -42.70 -5.52 -9.01
CA ALA D 111 -43.38 -6.38 -9.98
C ALA D 111 -43.22 -5.76 -11.35
N GLY D 112 -42.30 -6.30 -12.15
CA GLY D 112 -42.07 -5.84 -13.50
C GLY D 112 -40.73 -5.17 -13.67
N GLU D 113 -40.35 -4.33 -12.72
CA GLU D 113 -39.04 -3.70 -12.74
C GLU D 113 -38.04 -4.58 -12.00
N SER D 114 -36.78 -4.51 -12.45
CA SER D 114 -35.78 -5.44 -11.96
C SER D 114 -35.28 -5.01 -10.58
N SER D 115 -34.94 -6.01 -9.77
CA SER D 115 -34.44 -5.74 -8.43
C SER D 115 -33.16 -4.93 -8.50
N MET D 116 -32.88 -4.21 -7.42
CA MET D 116 -31.72 -3.35 -7.33
C MET D 116 -31.10 -3.52 -5.95
N PHE D 117 -29.78 -3.40 -5.89
CA PHE D 117 -29.06 -3.51 -4.65
C PHE D 117 -28.71 -2.12 -4.15
N ARG D 118 -28.78 -1.95 -2.83
CA ARG D 118 -28.44 -0.71 -2.19
C ARG D 118 -27.78 -1.03 -0.86
N PHE D 119 -27.12 -0.03 -0.30
CA PHE D 119 -26.57 -0.17 1.03
C PHE D 119 -26.22 1.21 1.54
N THR D 120 -26.75 1.56 2.69
CA THR D 120 -26.49 2.86 3.29
C THR D 120 -25.45 2.68 4.39
N ILE D 121 -24.57 3.65 4.48
CA ILE D 121 -23.43 3.61 5.38
C ILE D 121 -23.25 4.99 5.98
N GLU D 122 -23.08 5.05 7.29
CA GLU D 122 -22.68 6.29 7.93
C GLU D 122 -21.18 6.41 7.77
N PRO D 123 -20.67 7.27 6.90
CA PRO D 123 -19.23 7.29 6.66
C PRO D 123 -18.48 7.69 7.91
N VAL D 124 -17.71 6.73 8.44
CA VAL D 124 -16.93 6.92 9.64
C VAL D 124 -15.47 6.99 9.22
N GLY D 125 -14.75 7.95 9.77
CA GLY D 125 -13.34 8.06 9.53
C GLY D 125 -12.57 7.08 10.38
N PRO D 126 -11.31 6.87 10.05
CA PRO D 126 -10.49 5.93 10.82
C PRO D 126 -10.22 6.38 12.23
N HIS D 127 -10.48 7.65 12.56
CA HIS D 127 -10.20 8.18 13.89
C HIS D 127 -11.39 8.95 14.44
N ALA D 128 -12.59 8.70 13.92
CA ALA D 128 -13.77 9.40 14.37
C ALA D 128 -14.12 9.02 15.80
N GLY D 129 -14.59 9.99 16.56
CA GLY D 129 -14.87 9.82 17.95
C GLY D 129 -13.72 10.18 18.85
N THR D 130 -12.51 10.21 18.32
CA THR D 130 -11.33 10.62 19.05
C THR D 130 -11.07 12.10 18.88
N PRO D 131 -10.28 12.71 19.76
CA PRO D 131 -10.05 14.16 19.65
C PRO D 131 -9.58 14.63 18.29
N ALA D 132 -9.03 13.74 17.47
CA ALA D 132 -8.52 14.14 16.17
C ALA D 132 -9.65 14.37 15.17
N ASP D 133 -10.76 13.65 15.33
CA ASP D 133 -11.91 13.79 14.43
C ASP D 133 -13.17 13.54 15.26
N PRO D 134 -13.46 14.41 16.22
CA PRO D 134 -14.51 14.12 17.21
C PRO D 134 -15.92 14.20 16.67
N VAL D 135 -16.14 14.67 15.45
CA VAL D 135 -17.48 14.71 14.88
C VAL D 135 -17.50 14.15 13.48
N ASN D 136 -16.40 13.51 13.06
CA ASN D 136 -16.37 12.75 11.81
C ASN D 136 -16.85 13.59 10.64
N GLU D 137 -16.12 14.68 10.35
CA GLU D 137 -16.57 15.61 9.34
C GLU D 137 -16.10 15.21 7.93
N LEU D 138 -14.96 14.53 7.83
CA LEU D 138 -14.32 14.30 6.53
C LEU D 138 -14.82 13.05 5.82
N ALA D 139 -15.19 12.01 6.56
CA ALA D 139 -15.48 10.72 5.94
C ALA D 139 -16.51 10.84 4.84
N ALA D 140 -17.64 11.49 5.12
CA ALA D 140 -18.68 11.60 4.10
C ALA D 140 -18.19 12.42 2.91
N LYS D 141 -17.40 13.45 3.16
CA LYS D 141 -16.88 14.27 2.07
C LYS D 141 -15.84 13.51 1.27
N GLN D 142 -14.94 12.78 1.94
CA GLN D 142 -14.02 11.91 1.24
C GLN D 142 -14.74 10.91 0.36
N LEU D 143 -15.83 10.34 0.88
CA LEU D 143 -16.59 9.37 0.12
C LEU D 143 -17.25 10.01 -1.09
N MET D 144 -17.88 11.17 -0.90
CA MET D 144 -18.46 11.88 -2.03
C MET D 144 -17.39 12.19 -3.08
N GLN D 145 -16.19 12.57 -2.63
CA GLN D 145 -15.11 12.88 -3.54
C GLN D 145 -14.68 11.67 -4.34
N ARG D 146 -14.47 10.53 -3.67
CA ARG D 146 -14.13 9.31 -4.38
C ARG D 146 -15.21 8.94 -5.38
N LEU D 147 -16.48 9.02 -4.97
CA LEU D 147 -17.55 8.66 -5.90
C LEU D 147 -17.57 9.57 -7.11
N GLY D 148 -17.27 10.85 -6.91
CA GLY D 148 -17.25 11.78 -8.02
C GLY D 148 -16.06 11.55 -8.94
N GLN D 149 -14.93 11.13 -8.37
CA GLN D 149 -13.74 10.87 -9.16
C GLN D 149 -13.82 9.56 -9.94
N LEU D 150 -14.45 8.53 -9.37
CA LEU D 150 -14.62 7.28 -10.09
C LEU D 150 -15.64 7.40 -11.20
N GLN D 151 -16.49 8.42 -11.16
CA GLN D 151 -17.44 8.69 -12.23
C GLN D 151 -17.67 10.20 -12.25
N PRO D 152 -16.87 10.95 -13.00
CA PRO D 152 -17.02 12.40 -13.01
C PRO D 152 -18.39 12.80 -13.55
N GLY D 153 -19.03 13.74 -12.85
CA GLY D 153 -20.33 14.20 -13.24
C GLY D 153 -21.47 13.28 -12.83
N GLY D 154 -21.21 12.34 -11.94
CA GLY D 154 -22.24 11.43 -11.48
C GLY D 154 -22.76 11.81 -10.11
N VAL D 155 -22.03 12.68 -9.42
CA VAL D 155 -22.36 13.11 -8.07
C VAL D 155 -22.55 14.62 -8.13
N ASP D 156 -23.80 15.04 -8.28
CA ASP D 156 -24.12 16.47 -8.29
C ASP D 156 -24.35 16.94 -6.87
N SER D 157 -23.60 17.95 -6.45
CA SER D 157 -23.68 18.50 -5.11
C SER D 157 -24.43 19.82 -5.08
N THR D 158 -25.47 19.95 -5.90
CA THR D 158 -26.28 21.16 -5.89
C THR D 158 -27.18 21.21 -4.66
N MET D 159 -27.80 20.08 -4.30
CA MET D 159 -28.63 20.05 -3.10
C MET D 159 -27.81 19.83 -1.86
N PHE D 160 -26.73 19.04 -1.97
CA PHE D 160 -25.85 18.84 -0.83
C PHE D 160 -25.30 20.17 -0.32
N ASP D 161 -24.87 21.03 -1.25
CA ASP D 161 -24.24 22.28 -0.87
C ASP D 161 -25.24 23.27 -0.32
N HIS D 162 -26.52 23.11 -0.62
CA HIS D 162 -27.55 23.99 -0.06
C HIS D 162 -28.01 23.51 1.31
N PHE D 163 -28.19 22.20 1.47
CA PHE D 163 -28.64 21.65 2.73
C PHE D 163 -27.54 21.43 3.75
N TYR D 164 -26.27 21.55 3.35
CA TYR D 164 -25.19 21.32 4.31
C TYR D 164 -25.16 22.35 5.41
N PRO D 165 -25.16 23.66 5.13
CA PRO D 165 -25.11 24.64 6.23
C PRO D 165 -26.38 24.67 7.04
N LEU D 166 -27.51 24.30 6.45
CA LEU D 166 -28.80 24.39 7.13
C LEU D 166 -28.99 23.22 8.09
N LEU D 167 -28.74 22.00 7.62
CA LEU D 167 -29.03 20.80 8.39
C LEU D 167 -27.81 20.19 9.05
N CYS D 168 -26.64 20.28 8.44
CA CYS D 168 -25.45 19.62 8.94
C CYS D 168 -24.53 20.62 9.62
N VAL D 169 -23.73 20.10 10.54
CA VAL D 169 -22.81 20.89 11.33
C VAL D 169 -21.40 20.62 10.82
N ASP D 170 -20.69 21.66 10.44
CA ASP D 170 -19.30 21.51 10.08
C ASP D 170 -18.51 21.08 11.31
N GLY D 171 -17.24 20.79 11.10
CA GLY D 171 -16.39 20.36 12.18
C GLY D 171 -16.19 21.47 13.20
N PRO D 172 -15.83 22.65 12.70
CA PRO D 172 -15.63 23.78 13.62
C PRO D 172 -16.81 24.11 14.52
N GLU D 173 -17.99 24.30 13.94
CA GLU D 173 -19.17 24.59 14.75
C GLU D 173 -19.36 23.53 15.83
N ALA D 174 -19.40 22.26 15.42
CA ALA D 174 -19.59 21.18 16.38
C ALA D 174 -18.47 21.14 17.42
N ARG D 175 -17.30 21.68 17.11
CA ARG D 175 -16.19 21.65 18.05
C ARG D 175 -16.23 22.81 19.04
N ARG D 176 -16.73 23.97 18.62
CA ARG D 176 -16.93 25.08 19.55
C ARG D 176 -18.29 25.04 20.20
N GLN D 177 -19.29 24.48 19.51
CA GLN D 177 -20.56 24.14 20.12
C GLN D 177 -20.56 22.71 20.64
N TRP D 178 -19.55 22.36 21.44
CA TRP D 178 -19.42 21.00 21.94
C TRP D 178 -20.19 20.80 23.24
N ASP D 179 -20.12 21.77 24.15
CA ASP D 179 -20.89 21.73 25.37
C ASP D 179 -22.38 21.52 25.11
N SER D 180 -22.83 21.75 23.88
CA SER D 180 -24.24 21.64 23.52
C SER D 180 -24.61 20.26 22.96
N ILE D 181 -23.63 19.44 22.60
CA ILE D 181 -23.90 18.19 21.88
C ILE D 181 -23.17 17.02 22.53
N ALA D 182 -22.20 17.31 23.39
CA ALA D 182 -21.40 16.26 24.01
C ALA D 182 -22.24 15.26 24.77
N HIS D 183 -23.51 15.57 25.05
CA HIS D 183 -24.41 14.63 25.69
C HIS D 183 -25.04 13.65 24.71
N ILE D 184 -25.00 13.94 23.41
CA ILE D 184 -25.61 13.06 22.43
C ILE D 184 -24.76 11.81 22.29
N TYR D 185 -25.43 10.66 22.17
CA TYR D 185 -24.73 9.39 22.00
C TYR D 185 -24.29 9.21 20.56
N HIS D 186 -25.24 9.28 19.63
CA HIS D 186 -24.96 9.16 18.22
C HIS D 186 -24.88 10.56 17.63
N LYS D 187 -23.66 11.00 17.33
CA LYS D 187 -23.43 12.31 16.74
C LYS D 187 -23.39 12.27 15.23
N CYS D 188 -24.18 11.38 14.62
CA CYS D 188 -24.28 11.31 13.18
C CYS D 188 -24.83 12.63 12.64
N HIS D 189 -24.28 13.05 11.51
CA HIS D 189 -24.71 14.25 10.83
C HIS D 189 -24.91 14.08 9.33
N THR D 190 -24.40 13.01 8.74
CA THR D 190 -24.66 12.73 7.34
C THR D 190 -24.44 11.25 7.07
N VAL D 191 -25.33 10.68 6.26
CA VAL D 191 -25.35 9.26 5.95
C VAL D 191 -25.52 9.11 4.46
N THR D 192 -24.64 8.33 3.84
CA THR D 192 -24.64 8.13 2.40
C THR D 192 -25.25 6.78 2.08
N ALA D 193 -26.26 6.78 1.22
CA ALA D 193 -26.85 5.55 0.70
C ALA D 193 -26.52 5.44 -0.78
N LEU D 194 -25.70 4.46 -1.12
CA LEU D 194 -25.27 4.21 -2.48
C LEU D 194 -26.23 3.22 -3.12
N ASP D 195 -26.76 3.58 -4.28
CA ASP D 195 -27.70 2.75 -5.02
C ASP D 195 -26.93 2.09 -6.17
N MET D 196 -26.26 1.00 -5.84
CA MET D 196 -25.54 0.24 -6.86
C MET D 196 -26.51 -0.28 -7.91
N GLN D 197 -26.34 0.17 -9.14
CA GLN D 197 -27.26 -0.09 -10.23
C GLN D 197 -26.73 -1.17 -11.17
N ARG D 198 -27.66 -1.87 -11.82
CA ARG D 198 -27.29 -2.87 -12.81
C ARG D 198 -26.51 -2.28 -13.96
N SER D 199 -26.51 -0.96 -14.11
CA SER D 199 -25.78 -0.28 -15.17
C SER D 199 -24.39 0.16 -14.72
N ALA D 200 -23.90 -0.38 -13.61
CA ALA D 200 -22.60 -0.09 -13.04
C ALA D 200 -22.51 1.31 -12.47
N ALA D 201 -23.56 2.12 -12.60
CA ALA D 201 -23.57 3.46 -12.07
C ALA D 201 -23.97 3.43 -10.60
N CYS D 202 -23.13 3.99 -9.75
CA CYS D 202 -23.35 4.04 -8.32
C CYS D 202 -23.77 5.44 -7.94
N THR D 203 -25.06 5.72 -8.03
CA THR D 203 -25.60 7.01 -7.64
C THR D 203 -25.68 7.11 -6.13
N LEU D 204 -25.38 8.29 -5.61
CA LEU D 204 -25.34 8.53 -4.18
C LEU D 204 -26.68 9.06 -3.69
N LYS D 205 -26.80 9.12 -2.37
CA LYS D 205 -28.02 9.57 -1.71
C LYS D 205 -27.64 9.92 -0.28
N THR D 206 -27.75 11.21 0.05
CA THR D 206 -27.24 11.73 1.31
C THR D 206 -28.39 12.01 2.26
N TYR D 207 -28.22 11.63 3.51
CA TYR D 207 -29.18 11.87 4.57
C TYR D 207 -28.59 12.89 5.53
N PHE D 208 -29.39 13.84 5.96
CA PHE D 208 -28.94 14.81 6.95
C PHE D 208 -29.84 14.76 8.18
N PRO D 209 -29.42 14.11 9.26
CA PRO D 209 -30.14 14.22 10.50
C PRO D 209 -29.77 15.48 11.24
N PRO D 210 -30.69 16.42 11.39
CA PRO D 210 -30.34 17.73 11.95
C PRO D 210 -30.30 17.75 13.47
N LEU D 211 -30.24 16.59 14.10
CA LEU D 211 -30.24 16.54 15.55
C LEU D 211 -29.13 17.39 16.14
N LEU D 212 -27.93 17.31 15.56
CA LEU D 212 -26.82 18.17 16.00
C LEU D 212 -27.17 19.64 15.80
N ARG D 213 -27.61 19.98 14.59
CA ARG D 213 -27.89 21.37 14.27
C ARG D 213 -29.02 21.91 15.13
N SER D 214 -30.10 21.14 15.27
CA SER D 214 -31.21 21.58 16.10
C SER D 214 -30.80 21.72 17.55
N THR D 215 -30.00 20.78 18.05
CA THR D 215 -29.56 20.85 19.43
C THR D 215 -28.66 22.06 19.67
N ILE D 216 -27.91 22.47 18.66
CA ILE D 216 -27.06 23.64 18.81
C ILE D 216 -27.89 24.92 18.74
N MET D 217 -28.73 25.03 17.71
CA MET D 217 -29.58 26.20 17.52
C MET D 217 -30.84 26.16 18.37
N ASN D 218 -31.04 25.10 19.15
CA ASN D 218 -32.16 25.00 20.08
C ASN D 218 -33.50 25.13 19.36
N THR D 219 -33.53 24.78 18.08
CA THR D 219 -34.75 24.75 17.30
C THR D 219 -35.27 23.31 17.22
N SER D 220 -36.33 23.13 16.44
CA SER D 220 -36.97 21.84 16.29
C SER D 220 -36.66 21.24 14.93
N MET D 221 -36.69 19.92 14.85
CA MET D 221 -36.39 19.25 13.59
C MET D 221 -37.36 19.66 12.51
N VAL D 222 -38.64 19.83 12.87
CA VAL D 222 -39.64 20.22 11.88
C VAL D 222 -39.29 21.58 11.27
N ASP D 223 -39.16 22.59 12.12
CA ASP D 223 -38.99 23.97 11.68
C ASP D 223 -37.62 24.24 11.11
N ILE D 224 -36.70 23.28 11.14
CA ILE D 224 -35.41 23.42 10.48
C ILE D 224 -35.36 22.62 9.19
N MET D 225 -35.76 21.35 9.23
CA MET D 225 -35.83 20.55 8.01
C MET D 225 -36.71 21.24 6.98
N PHE D 226 -37.94 21.56 7.34
CA PHE D 226 -38.87 22.10 6.36
C PHE D 226 -38.54 23.53 5.98
N ASP D 227 -37.94 24.31 6.89
CA ASP D 227 -37.48 25.63 6.51
C ASP D 227 -36.37 25.55 5.47
N ALA D 228 -35.44 24.61 5.65
CA ALA D 228 -34.41 24.40 4.64
C ALA D 228 -35.01 23.93 3.32
N VAL D 229 -36.02 23.06 3.38
CA VAL D 229 -36.68 22.62 2.16
C VAL D 229 -37.31 23.79 1.43
N GLU D 230 -37.95 24.69 2.17
CA GLU D 230 -38.55 25.87 1.54
C GLU D 230 -37.49 26.82 1.01
N SER D 231 -36.37 26.96 1.72
CA SER D 231 -35.25 27.73 1.18
C SER D 231 -34.82 27.19 -0.17
N PHE D 232 -34.64 25.87 -0.26
CA PHE D 232 -34.26 25.28 -1.54
C PHE D 232 -35.35 25.45 -2.58
N ARG D 233 -36.62 25.40 -2.16
CA ARG D 233 -37.72 25.67 -3.08
C ARG D 233 -37.56 27.04 -3.73
N LYS D 234 -37.50 28.09 -2.91
CA LYS D 234 -37.44 29.44 -3.44
C LYS D 234 -36.14 29.69 -4.20
N GLN D 235 -35.05 29.04 -3.78
CA GLN D 235 -33.77 29.24 -4.45
C GLN D 235 -33.70 28.51 -5.78
N SER D 236 -34.47 27.43 -5.92
CA SER D 236 -34.46 26.63 -7.14
C SER D 236 -35.66 26.88 -8.04
N GLY D 237 -36.82 27.14 -7.45
CA GLY D 237 -38.06 27.12 -8.20
C GLY D 237 -38.67 25.75 -8.32
N LEU D 238 -38.02 24.73 -7.77
CA LEU D 238 -38.58 23.39 -7.77
C LEU D 238 -39.62 23.26 -6.67
N TYR D 239 -40.65 22.47 -6.95
CA TYR D 239 -41.82 22.43 -6.10
C TYR D 239 -41.77 21.18 -5.23
N PHE D 240 -41.34 21.35 -3.98
CA PHE D 240 -41.27 20.29 -2.98
C PHE D 240 -42.31 20.60 -1.91
N ASP D 241 -43.54 20.13 -2.11
CA ASP D 241 -44.63 20.50 -1.20
C ASP D 241 -44.50 19.72 0.08
N TYR D 242 -44.01 20.38 1.11
CA TYR D 242 -43.82 19.83 2.44
C TYR D 242 -44.98 20.12 3.38
N THR D 243 -46.05 20.73 2.89
CA THR D 243 -47.10 21.22 3.77
C THR D 243 -47.75 20.08 4.55
N LYS D 244 -48.17 19.02 3.85
CA LYS D 244 -48.78 17.89 4.53
C LYS D 244 -47.90 17.37 5.66
N ILE D 245 -46.60 17.25 5.38
CA ILE D 245 -45.69 16.61 6.32
C ILE D 245 -45.43 17.52 7.50
N LYS D 246 -45.29 18.82 7.24
CA LYS D 246 -45.11 19.76 8.36
C LYS D 246 -46.34 19.77 9.25
N GLU D 247 -47.52 19.89 8.65
CA GLU D 247 -48.76 19.85 9.42
C GLU D 247 -48.80 18.60 10.30
N PHE D 248 -48.67 17.42 9.71
CA PHE D 248 -48.73 16.19 10.49
C PHE D 248 -47.66 16.17 11.57
N MET D 249 -46.39 16.27 11.19
CA MET D 249 -45.29 16.13 12.14
C MET D 249 -45.29 17.22 13.19
N SER D 250 -46.10 18.26 13.02
CA SER D 250 -46.19 19.33 14.01
C SER D 250 -47.35 19.14 14.98
N GLU D 251 -48.17 18.10 14.79
CA GLU D 251 -49.33 17.87 15.64
C GLU D 251 -48.87 17.38 17.02
N GLU D 252 -49.85 17.08 17.86
CA GLU D 252 -49.60 16.63 19.23
C GLU D 252 -49.60 15.12 19.35
N LYS D 253 -50.65 14.46 18.85
CA LYS D 253 -50.75 13.02 19.02
C LYS D 253 -49.71 12.27 18.20
N THR D 254 -49.08 12.92 17.22
CA THR D 254 -47.97 12.30 16.52
C THR D 254 -46.72 12.31 17.39
N HIS D 255 -46.36 13.49 17.93
CA HIS D 255 -45.29 13.54 18.93
C HIS D 255 -45.56 12.59 20.09
N GLU D 256 -46.83 12.27 20.34
CA GLU D 256 -47.15 11.32 21.39
C GLU D 256 -46.36 10.02 21.23
N THR D 257 -46.26 9.52 20.00
CA THR D 257 -45.49 8.32 19.69
C THR D 257 -44.19 8.59 18.98
N MET D 258 -44.10 9.68 18.23
CA MET D 258 -42.97 9.92 17.35
C MET D 258 -41.72 10.25 18.15
N MET D 259 -40.60 9.65 17.76
CA MET D 259 -39.27 10.04 18.26
C MET D 259 -38.68 11.00 17.24
N VAL D 260 -39.16 12.24 17.27
CA VAL D 260 -38.77 13.21 16.25
C VAL D 260 -37.27 13.45 16.23
N ASP D 261 -36.54 13.07 17.28
CA ASP D 261 -35.11 13.24 17.32
C ASP D 261 -34.37 12.21 16.48
N ARG D 262 -35.09 11.26 15.88
CA ARG D 262 -34.50 10.25 15.02
C ARG D 262 -34.86 10.47 13.56
N SER D 263 -35.17 11.71 13.21
CA SER D 263 -35.57 12.08 11.87
C SER D 263 -34.38 12.60 11.07
N TYR D 264 -34.53 12.56 9.75
CA TYR D 264 -33.52 13.12 8.86
C TYR D 264 -34.15 13.46 7.53
N LEU D 265 -33.50 14.37 6.82
CA LEU D 265 -33.90 14.77 5.48
C LEU D 265 -32.99 14.06 4.48
N SER D 266 -33.60 13.42 3.49
CA SER D 266 -32.86 12.69 2.48
C SER D 266 -33.07 13.33 1.12
N PHE D 267 -32.05 13.25 0.29
CA PHE D 267 -32.10 13.79 -1.07
C PHE D 267 -31.10 13.06 -1.93
N ASP D 268 -31.45 12.88 -3.20
CA ASP D 268 -30.58 12.23 -4.15
C ASP D 268 -29.57 13.24 -4.68
N CYS D 269 -28.29 12.92 -4.57
CA CYS D 269 -27.21 13.77 -5.08
C CYS D 269 -27.20 13.66 -6.60
N LEU D 270 -28.17 14.32 -7.22
CA LEU D 270 -28.34 14.31 -8.67
C LEU D 270 -28.78 15.70 -9.10
N ASP D 271 -29.23 15.80 -10.34
CA ASP D 271 -29.84 17.02 -10.83
C ASP D 271 -31.08 17.32 -9.99
N PRO D 272 -31.12 18.42 -9.24
CA PRO D 272 -32.26 18.70 -8.38
C PRO D 272 -33.60 18.58 -9.08
N ALA D 273 -33.60 18.79 -10.39
CA ALA D 273 -34.83 18.61 -11.17
C ALA D 273 -35.28 17.16 -11.13
N LYS D 274 -34.35 16.22 -11.28
CA LYS D 274 -34.65 14.80 -11.29
C LYS D 274 -34.43 14.13 -9.95
N SER D 275 -33.93 14.87 -8.96
CA SER D 275 -33.76 14.30 -7.64
C SER D 275 -35.07 14.35 -6.86
N ARG D 276 -35.07 13.67 -5.72
CA ARG D 276 -36.22 13.60 -4.84
C ARG D 276 -35.78 13.90 -3.43
N ILE D 277 -36.71 14.45 -2.64
CA ILE D 277 -36.47 14.74 -1.24
C ILE D 277 -37.41 13.86 -0.44
N LYS D 278 -36.92 13.41 0.72
CA LYS D 278 -37.66 12.49 1.56
C LYS D 278 -37.49 12.90 3.01
N ILE D 279 -38.60 12.89 3.74
CA ILE D 279 -38.60 13.14 5.17
C ILE D 279 -38.75 11.82 5.89
N TYR D 280 -37.96 11.63 6.93
CA TYR D 280 -37.87 10.37 7.66
C TYR D 280 -38.09 10.64 9.14
N THR D 281 -38.81 9.73 9.79
CA THR D 281 -38.96 9.79 11.23
C THR D 281 -39.23 8.39 11.76
N GLU D 282 -38.81 8.17 13.00
CA GLU D 282 -39.06 6.92 13.70
C GLU D 282 -40.33 7.04 14.52
N ALA D 283 -40.77 5.90 15.04
CA ALA D 283 -42.01 5.86 15.81
C ALA D 283 -42.14 4.51 16.49
N LYS D 284 -42.74 4.53 17.67
CA LYS D 284 -43.01 3.33 18.45
C LYS D 284 -44.52 3.27 18.68
N VAL D 285 -45.21 2.60 17.76
CA VAL D 285 -46.66 2.53 17.81
C VAL D 285 -47.06 1.20 18.43
N LYS D 286 -48.35 1.09 18.78
CA LYS D 286 -48.89 -0.11 19.38
C LYS D 286 -50.02 -0.75 18.59
N THR D 287 -50.70 0.00 17.73
CA THR D 287 -51.79 -0.54 16.92
C THR D 287 -51.66 -0.01 15.51
N LEU D 288 -52.41 -0.64 14.60
CA LEU D 288 -52.39 -0.24 13.19
C LEU D 288 -53.00 1.12 12.95
N GLU D 289 -53.71 1.68 13.93
CA GLU D 289 -54.28 3.01 13.74
C GLU D 289 -53.20 4.08 13.77
N GLU D 290 -52.25 3.98 14.71
CA GLU D 290 -51.10 4.88 14.69
C GLU D 290 -50.24 4.65 13.46
N ALA D 291 -50.13 3.40 13.02
CA ALA D 291 -49.38 3.12 11.82
C ALA D 291 -50.01 3.80 10.60
N TYR D 292 -51.34 3.75 10.51
CA TYR D 292 -52.01 4.47 9.44
C TYR D 292 -51.91 5.97 9.63
N SER D 293 -51.82 6.42 10.88
CA SER D 293 -51.58 7.84 11.13
C SER D 293 -50.29 8.29 10.48
N PHE D 294 -49.22 7.51 10.67
CA PHE D 294 -47.93 7.88 10.10
C PHE D 294 -47.92 7.70 8.58
N TRP D 295 -48.44 6.56 8.11
CA TRP D 295 -48.46 6.29 6.68
C TRP D 295 -49.26 7.34 5.92
N SER D 296 -50.34 7.84 6.52
CA SER D 296 -51.30 8.70 5.84
C SER D 296 -51.08 10.17 6.13
N LEU D 297 -50.20 10.51 7.08
CA LEU D 297 -50.02 11.88 7.53
C LEU D 297 -51.32 12.42 8.13
N GLY D 298 -51.90 11.62 9.01
CA GLY D 298 -53.16 12.00 9.63
C GLY D 298 -54.32 12.10 8.66
N GLY D 299 -54.38 11.21 7.68
CA GLY D 299 -55.44 11.22 6.70
C GLY D 299 -55.24 12.18 5.56
N ARG D 300 -54.29 13.11 5.67
CA ARG D 300 -54.06 14.08 4.61
C ARG D 300 -53.64 13.43 3.30
N LEU D 301 -53.13 12.22 3.34
CA LEU D 301 -52.77 11.45 2.16
C LEU D 301 -53.76 10.31 1.98
N SER D 302 -54.36 10.24 0.80
CA SER D 302 -55.35 9.21 0.52
C SER D 302 -55.29 8.87 -0.96
N GLY D 303 -56.24 8.05 -1.39
CA GLY D 303 -56.30 7.58 -2.75
C GLY D 303 -56.19 6.07 -2.80
N PRO D 304 -56.23 5.50 -4.01
CA PRO D 304 -56.12 4.04 -4.13
C PRO D 304 -54.79 3.52 -3.62
N GLU D 305 -53.71 4.29 -3.80
CA GLU D 305 -52.39 3.79 -3.47
C GLU D 305 -52.20 3.67 -1.97
N ILE D 306 -52.65 4.67 -1.21
CA ILE D 306 -52.56 4.58 0.24
C ILE D 306 -53.30 3.34 0.74
N ASP D 307 -54.50 3.10 0.21
CA ASP D 307 -55.28 1.94 0.64
C ASP D 307 -54.54 0.65 0.32
N TYR D 308 -54.15 0.47 -0.95
CA TYR D 308 -53.51 -0.77 -1.35
C TYR D 308 -52.16 -0.96 -0.65
N GLY D 309 -51.53 0.12 -0.21
CA GLY D 309 -50.29 0.00 0.52
C GLY D 309 -50.50 -0.42 1.96
N PHE D 310 -51.49 0.19 2.62
CA PHE D 310 -51.72 -0.18 4.00
C PHE D 310 -52.33 -1.57 4.12
N LYS D 311 -52.98 -2.06 3.07
CA LYS D 311 -53.37 -3.47 3.07
C LYS D 311 -52.15 -4.36 3.32
N ILE D 312 -51.06 -4.08 2.61
CA ILE D 312 -49.87 -4.91 2.70
C ILE D 312 -49.14 -4.64 4.01
N VAL D 313 -49.15 -3.39 4.45
CA VAL D 313 -48.56 -3.08 5.76
C VAL D 313 -49.27 -3.87 6.86
N SER D 314 -50.60 -3.94 6.79
CA SER D 314 -51.35 -4.70 7.80
C SER D 314 -51.06 -6.18 7.71
N GLN D 315 -51.03 -6.71 6.49
CA GLN D 315 -50.67 -8.11 6.29
C GLN D 315 -49.34 -8.43 6.96
N MET D 316 -48.31 -7.66 6.65
CA MET D 316 -46.99 -7.96 7.22
C MET D 316 -46.94 -7.65 8.71
N TRP D 317 -47.71 -6.66 9.17
CA TRP D 317 -47.78 -6.37 10.60
C TRP D 317 -48.26 -7.59 11.37
N ASP D 318 -49.46 -8.06 11.05
CA ASP D 318 -50.00 -9.20 11.76
C ASP D 318 -49.39 -10.53 11.31
N ALA D 319 -48.45 -10.50 10.37
CA ALA D 319 -47.67 -11.68 10.03
C ALA D 319 -46.35 -11.76 10.78
N ILE D 320 -45.76 -10.63 11.14
CA ILE D 320 -44.45 -10.60 11.80
C ILE D 320 -44.58 -10.32 13.29
N TYR D 321 -45.27 -9.24 13.65
CA TYR D 321 -45.42 -8.87 15.05
C TYR D 321 -46.46 -9.71 15.76
N SER D 322 -46.86 -10.83 15.17
CA SER D 322 -47.87 -11.73 15.72
C SER D 322 -47.25 -12.95 16.38
N LYS D 323 -45.95 -12.93 16.67
CA LYS D 323 -45.22 -14.13 17.02
C LYS D 323 -44.31 -13.87 18.22
N GLU D 324 -43.58 -14.93 18.57
CA GLU D 324 -42.73 -14.94 19.75
C GLU D 324 -41.39 -14.27 19.47
N LEU D 325 -40.89 -13.56 20.47
CA LEU D 325 -39.54 -13.06 20.45
C LEU D 325 -38.60 -14.05 21.13
N PRO D 326 -37.29 -13.95 20.87
CA PRO D 326 -36.35 -14.82 21.58
C PRO D 326 -36.38 -14.59 23.07
N GLY D 327 -36.05 -15.64 23.83
CA GLY D 327 -36.11 -15.56 25.28
C GLY D 327 -37.51 -15.45 25.84
N GLY D 328 -38.53 -15.58 25.00
CA GLY D 328 -39.90 -15.49 25.48
C GLY D 328 -40.28 -14.14 26.04
N LYS D 329 -39.78 -13.07 25.43
CA LYS D 329 -40.11 -11.72 25.86
C LYS D 329 -41.37 -11.24 25.14
N GLN D 330 -41.89 -10.11 25.63
CA GLN D 330 -43.14 -9.55 25.12
C GLN D 330 -42.88 -8.23 24.41
N ARG D 331 -43.74 -7.92 23.44
CA ARG D 331 -43.61 -6.71 22.64
C ARG D 331 -44.16 -5.53 23.42
N GLU D 332 -43.27 -4.72 23.99
CA GLU D 332 -43.69 -3.47 24.59
C GLU D 332 -44.46 -2.61 23.60
N ASN D 333 -43.98 -2.58 22.35
CA ASN D 333 -44.55 -1.76 21.30
C ASN D 333 -43.88 -2.16 19.99
N ASN D 334 -44.42 -1.66 18.89
CA ASN D 334 -43.90 -1.97 17.56
C ASN D 334 -43.14 -0.77 17.02
N HIS D 335 -41.84 -0.98 16.80
CA HIS D 335 -40.96 0.07 16.29
C HIS D 335 -41.09 0.14 14.77
N ILE D 336 -41.36 1.34 14.26
CA ILE D 336 -41.50 1.55 12.83
C ILE D 336 -40.74 2.80 12.43
N GLN D 337 -40.51 2.93 11.12
CA GLN D 337 -39.95 4.14 10.52
C GLN D 337 -40.71 4.41 9.23
N ILE D 338 -40.61 5.64 8.75
CA ILE D 338 -41.46 6.08 7.66
C ILE D 338 -40.72 7.14 6.86
N ASN D 339 -40.77 6.99 5.53
CA ASN D 339 -40.21 7.95 4.59
C ASN D 339 -41.33 8.50 3.73
N TRP D 340 -41.44 9.82 3.67
CA TRP D 340 -42.37 10.50 2.78
C TRP D 340 -41.58 11.19 1.68
N GLU D 341 -41.74 10.73 0.45
CA GLU D 341 -40.99 11.27 -0.67
C GLU D 341 -41.80 12.35 -1.37
N MET D 342 -41.16 13.49 -1.62
CA MET D 342 -41.77 14.61 -2.32
C MET D 342 -41.02 14.85 -3.62
N SER D 343 -41.77 14.89 -4.73
CA SER D 343 -41.15 15.02 -6.03
C SER D 343 -40.91 16.49 -6.38
N ALA D 344 -40.08 16.71 -7.40
CA ALA D 344 -39.69 18.06 -7.78
C ALA D 344 -40.74 18.73 -8.66
N LYS D 345 -41.32 17.98 -9.59
CA LYS D 345 -42.26 18.56 -10.54
C LYS D 345 -43.71 18.41 -10.09
N ASP D 346 -43.99 17.50 -9.17
CA ASP D 346 -45.33 17.26 -8.67
C ASP D 346 -45.46 17.75 -7.23
N SER D 347 -46.68 17.72 -6.72
CA SER D 347 -46.97 18.01 -5.31
C SER D 347 -47.29 16.75 -4.54
N SER D 348 -47.11 15.58 -5.15
CA SER D 348 -47.39 14.32 -4.49
C SER D 348 -46.40 14.06 -3.37
N VAL D 349 -46.89 13.40 -2.33
CA VAL D 349 -46.05 12.84 -1.28
C VAL D 349 -46.38 11.35 -1.19
N ALA D 350 -45.35 10.52 -1.21
CA ALA D 350 -45.53 9.09 -1.23
C ALA D 350 -44.82 8.48 -0.02
N PRO D 351 -45.50 7.68 0.79
CA PRO D 351 -44.87 7.14 2.00
C PRO D 351 -44.11 5.85 1.73
N LYS D 352 -43.32 5.46 2.73
CA LYS D 352 -42.59 4.20 2.71
C LYS D 352 -42.37 3.79 4.15
N LEU D 353 -43.06 2.75 4.59
CA LEU D 353 -43.13 2.40 5.99
C LEU D 353 -42.15 1.27 6.30
N TYR D 354 -41.27 1.51 7.25
CA TYR D 354 -40.34 0.51 7.73
C TYR D 354 -40.95 -0.23 8.92
N LEU D 355 -40.90 -1.55 8.90
CA LEU D 355 -41.19 -2.37 10.06
C LEU D 355 -39.88 -2.98 10.56
N THR D 356 -39.47 -2.58 11.75
CA THR D 356 -38.20 -3.02 12.31
C THR D 356 -38.32 -4.43 12.87
N VAL D 357 -37.38 -5.30 12.48
CA VAL D 357 -37.39 -6.69 12.92
C VAL D 357 -36.03 -7.08 13.47
N ILE D 358 -35.31 -6.11 14.07
CA ILE D 358 -34.00 -6.41 14.63
C ILE D 358 -34.10 -7.47 15.70
N GLU D 359 -35.24 -7.56 16.39
CA GLU D 359 -35.40 -8.49 17.50
C GLU D 359 -36.08 -9.79 17.09
N ASP D 360 -36.70 -9.85 15.92
CA ASP D 360 -37.48 -11.01 15.54
C ASP D 360 -36.58 -12.16 15.10
N TYR D 361 -37.20 -13.33 14.90
CA TYR D 361 -36.50 -14.48 14.36
C TYR D 361 -36.28 -14.29 12.87
N ASP D 362 -35.02 -14.33 12.45
CA ASP D 362 -34.74 -14.28 11.02
C ASP D 362 -35.51 -15.36 10.28
N ALA D 363 -35.77 -16.48 10.95
CA ALA D 363 -36.63 -17.50 10.38
C ALA D 363 -38.06 -16.98 10.20
N TYR D 364 -38.61 -16.35 11.23
CA TYR D 364 -39.98 -15.83 11.13
C TYR D 364 -40.05 -14.70 10.10
N VAL D 365 -39.08 -13.81 10.11
CA VAL D 365 -39.08 -12.71 9.15
C VAL D 365 -38.98 -13.23 7.73
N SER D 366 -38.09 -14.18 7.49
CA SER D 366 -37.95 -14.74 6.15
C SER D 366 -39.22 -15.46 5.73
N SER D 367 -39.84 -16.20 6.65
CA SER D 367 -41.07 -16.89 6.32
C SER D 367 -42.18 -15.90 6.00
N ALA D 368 -42.27 -14.82 6.74
CA ALA D 368 -43.28 -13.80 6.47
C ALA D 368 -43.05 -13.16 5.11
N ILE D 369 -41.80 -12.78 4.82
CA ILE D 369 -41.48 -12.21 3.53
C ILE D 369 -41.86 -13.17 2.41
N VAL D 370 -41.54 -14.46 2.59
CA VAL D 370 -41.82 -15.45 1.56
C VAL D 370 -43.32 -15.60 1.36
N ASP D 371 -44.09 -15.65 2.44
CA ASP D 371 -45.54 -15.81 2.30
C ASP D 371 -46.16 -14.57 1.68
N LEU D 372 -45.64 -13.40 2.01
CA LEU D 372 -46.09 -12.17 1.36
C LEU D 372 -45.84 -12.24 -0.14
N PHE D 373 -44.59 -12.49 -0.53
CA PHE D 373 -44.25 -12.61 -1.93
C PHE D 373 -45.15 -13.62 -2.64
N THR D 374 -45.43 -14.75 -2.00
CA THR D 374 -46.30 -15.75 -2.62
C THR D 374 -47.72 -15.22 -2.77
N GLY D 375 -48.24 -14.51 -1.78
CA GLY D 375 -49.53 -13.87 -1.92
C GLY D 375 -49.55 -12.86 -3.04
N LEU D 376 -48.39 -12.27 -3.35
CA LEU D 376 -48.28 -11.35 -4.47
C LEU D 376 -48.01 -12.07 -5.79
N GLY D 377 -47.75 -13.37 -5.75
CA GLY D 377 -47.41 -14.10 -6.96
C GLY D 377 -45.96 -13.96 -7.39
N TRP D 378 -45.06 -13.68 -6.46
CA TRP D 378 -43.66 -13.43 -6.79
C TRP D 378 -42.82 -14.67 -6.51
N ALA D 379 -42.91 -15.63 -7.43
CA ALA D 379 -42.12 -16.85 -7.30
C ALA D 379 -40.63 -16.56 -7.51
N ALA D 380 -40.32 -15.86 -8.59
CA ALA D 380 -38.93 -15.52 -8.87
C ALA D 380 -38.30 -14.81 -7.67
N HIS D 381 -39.06 -13.94 -7.02
CA HIS D 381 -38.50 -13.16 -5.93
C HIS D 381 -38.34 -14.00 -4.66
N VAL D 382 -39.23 -14.95 -4.39
CA VAL D 382 -39.00 -15.83 -3.25
C VAL D 382 -37.75 -16.69 -3.49
N GLN D 383 -37.54 -17.11 -4.73
CA GLN D 383 -36.33 -17.86 -5.04
C GLN D 383 -35.09 -17.00 -4.82
N THR D 384 -35.10 -15.79 -5.36
CA THR D 384 -33.98 -14.87 -5.14
C THR D 384 -33.77 -14.62 -3.66
N HIS D 385 -34.85 -14.46 -2.91
CA HIS D 385 -34.75 -14.15 -1.50
C HIS D 385 -34.10 -15.30 -0.73
N LYS D 386 -34.58 -16.53 -0.96
CA LYS D 386 -34.00 -17.68 -0.28
C LYS D 386 -32.57 -17.92 -0.74
N LYS D 387 -32.26 -17.62 -1.99
CA LYS D 387 -30.89 -17.73 -2.48
C LYS D 387 -29.96 -16.81 -1.71
N ILE D 388 -30.29 -15.53 -1.67
CA ILE D 388 -29.49 -14.57 -0.91
C ILE D 388 -29.42 -15.01 0.55
N GLU D 389 -30.53 -15.51 1.09
CA GLU D 389 -30.56 -15.95 2.47
C GLU D 389 -29.52 -17.03 2.72
N LYS D 390 -29.59 -18.13 1.98
CA LYS D 390 -28.74 -19.27 2.29
C LYS D 390 -27.28 -19.02 1.91
N GLU D 391 -27.03 -18.26 0.85
CA GLU D 391 -25.67 -18.05 0.39
C GLU D 391 -24.97 -16.96 1.18
N ALA D 392 -25.62 -15.81 1.35
CA ALA D 392 -24.98 -14.67 1.99
C ALA D 392 -25.18 -14.67 3.49
N TYR D 393 -26.31 -15.18 3.97
CA TYR D 393 -26.67 -15.19 5.37
C TYR D 393 -26.86 -16.64 5.80
N PRO D 394 -25.77 -17.37 6.03
CA PRO D 394 -25.90 -18.79 6.40
C PRO D 394 -26.39 -19.02 7.81
N MET D 395 -26.42 -17.99 8.65
CA MET D 395 -26.81 -18.15 10.04
C MET D 395 -28.31 -18.29 10.22
N CYS D 396 -29.10 -18.04 9.19
CA CYS D 396 -30.53 -18.29 9.27
C CYS D 396 -30.84 -19.77 9.14
N ASP D 397 -30.06 -20.50 8.34
CA ASP D 397 -30.26 -21.93 8.20
C ASP D 397 -29.47 -22.70 9.25
N ALA D 398 -28.26 -22.22 9.58
CA ALA D 398 -27.44 -22.92 10.57
C ALA D 398 -28.00 -22.76 11.97
N ASN D 399 -28.20 -21.51 12.40
CA ASN D 399 -28.66 -21.23 13.74
C ASN D 399 -30.17 -21.01 13.72
N PRO D 400 -30.97 -21.92 14.27
CA PRO D 400 -32.43 -21.75 14.19
C PRO D 400 -32.98 -20.64 15.06
N GLN D 401 -32.13 -19.94 15.81
CA GLN D 401 -32.54 -18.84 16.68
C GLN D 401 -31.72 -17.59 16.37
N SER D 402 -31.62 -17.27 15.09
CA SER D 402 -30.83 -16.14 14.64
C SER D 402 -31.71 -14.90 14.47
N THR D 403 -31.21 -13.78 14.96
CA THR D 403 -31.94 -12.51 14.98
C THR D 403 -31.05 -11.37 14.54
N HIS D 404 -30.23 -11.62 13.52
CA HIS D 404 -29.18 -10.70 13.13
C HIS D 404 -29.18 -10.34 11.67
N ALA D 405 -29.53 -11.26 10.78
CA ALA D 405 -29.51 -10.97 9.36
C ALA D 405 -30.46 -9.84 9.03
N TYR D 406 -31.75 -10.07 9.23
CA TYR D 406 -32.76 -9.09 8.88
C TYR D 406 -32.82 -7.99 9.92
N VAL D 407 -33.09 -6.78 9.44
CA VAL D 407 -33.08 -5.58 10.26
C VAL D 407 -34.39 -4.81 10.11
N TRP D 408 -34.79 -4.53 8.87
CA TRP D 408 -36.04 -3.86 8.59
C TRP D 408 -36.66 -4.46 7.34
N ILE D 409 -37.97 -4.26 7.19
CA ILE D 409 -38.67 -4.51 5.95
C ILE D 409 -39.51 -3.27 5.65
N SER D 410 -39.47 -2.84 4.40
CA SER D 410 -40.03 -1.55 4.01
C SER D 410 -41.06 -1.75 2.93
N LEU D 411 -42.25 -1.19 3.15
CA LEU D 411 -43.37 -1.30 2.23
C LEU D 411 -43.69 0.06 1.66
N ALA D 412 -43.77 0.13 0.34
CA ALA D 412 -44.22 1.31 -0.37
C ALA D 412 -45.05 0.85 -1.55
N TYR D 413 -46.00 1.68 -1.96
CA TYR D 413 -46.91 1.34 -3.04
C TYR D 413 -46.91 2.47 -4.06
N LYS D 414 -46.60 2.12 -5.29
CA LYS D 414 -46.59 3.05 -6.41
C LYS D 414 -47.55 2.53 -7.48
N LYS D 415 -47.89 3.40 -8.43
CA LYS D 415 -48.81 3.00 -9.49
C LYS D 415 -48.32 1.78 -10.24
N THR D 416 -47.02 1.46 -10.13
CA THR D 416 -46.52 0.20 -10.67
C THR D 416 -47.12 -0.98 -9.92
N GLY D 417 -47.28 -0.83 -8.60
CA GLY D 417 -47.66 -1.92 -7.74
C GLY D 417 -46.96 -1.79 -6.42
N PRO D 418 -46.91 -2.87 -5.65
CA PRO D 418 -46.17 -2.83 -4.38
C PRO D 418 -44.68 -2.64 -4.61
N TYR D 419 -44.02 -2.26 -3.53
CA TYR D 419 -42.57 -2.03 -3.54
C TYR D 419 -42.08 -2.42 -2.15
N ILE D 420 -41.70 -3.67 -2.01
CA ILE D 420 -41.18 -4.20 -0.75
C ILE D 420 -39.67 -4.22 -0.83
N THR D 421 -39.01 -4.07 0.31
CA THR D 421 -37.59 -3.83 0.36
C THR D 421 -37.05 -4.43 1.65
N VAL D 422 -36.28 -5.51 1.52
CA VAL D 422 -35.75 -6.24 2.65
C VAL D 422 -34.37 -5.71 2.98
N TYR D 423 -34.23 -5.15 4.18
CA TYR D 423 -32.98 -4.52 4.61
C TYR D 423 -32.29 -5.48 5.57
N THR D 424 -31.17 -6.04 5.11
CA THR D 424 -30.40 -6.98 5.89
C THR D 424 -29.14 -6.32 6.43
N ASN D 425 -28.60 -6.91 7.48
CA ASN D 425 -27.32 -6.49 8.01
C ASN D 425 -26.23 -7.32 7.35
N PRO D 426 -25.28 -6.69 6.64
CA PRO D 426 -24.22 -7.48 6.01
C PRO D 426 -23.20 -7.97 7.01
N GLY D 427 -22.95 -7.22 8.07
CA GLY D 427 -22.02 -7.62 9.10
C GLY D 427 -22.62 -8.57 10.11
N ALA D 428 -23.70 -9.26 9.72
CA ALA D 428 -24.29 -10.25 10.59
C ALA D 428 -23.34 -11.40 10.87
N SER D 429 -22.34 -11.60 10.01
CA SER D 429 -21.28 -12.55 10.29
C SER D 429 -20.43 -12.13 11.49
N ILE D 430 -20.51 -10.86 11.88
CA ILE D 430 -19.73 -10.38 13.01
C ILE D 430 -20.47 -10.57 14.33
N LEU D 431 -21.79 -10.68 14.28
CA LEU D 431 -22.62 -10.86 15.46
C LEU D 431 -22.87 -12.33 15.76
N GLU D 432 -22.17 -13.23 15.08
CA GLU D 432 -22.34 -14.65 15.29
C GLU D 432 -21.00 -15.32 15.58
#